data_9BVH
#
_entry.id   9BVH
#
_cell.length_a   1.00
_cell.length_b   1.00
_cell.length_c   1.00
_cell.angle_alpha   90.00
_cell.angle_beta   90.00
_cell.angle_gamma   90.00
#
_symmetry.space_group_name_H-M   'P 1'
#
loop_
_entity.id
_entity.type
_entity.pdbx_description
1 polymer 'Glycine receptor subunit alpha-3'
2 branched 2-acetamido-2-deoxy-beta-D-glucopyranose-(1-4)-2-acetamido-2-deoxy-beta-D-glucopyranose
3 non-polymer '[(2R)-2-octanoyloxy-3-[oxidanyl-[(1R,2R,3S,4R,5R,6S)-2,3,6-tris(oxidanyl)-4,5-diphosphonooxy-cyclohexyl]oxy-phosphoryl]oxy-propyl] octanoate'
4 non-polymer 1,2-DIMYRISTOYL-SN-GLYCERO-3-PHOSPHOCHOLINE
5 non-polymer CHOLESTEROL
6 water water
#
_entity_poly.entity_id   1
_entity_poly.type   'polypeptide(L)'
_entity_poly.pdbx_seq_one_letter_code
;MAHVRHFRTLVSGFYFWEAALLLSLVATKETDSARSRSAPMSPSDFLDKLMGRTSGYDARIRPNFKGPPVNVTCNIFINS
FGSIAETTMDYRVNIFLRQKWNDPRLAYSEYPDDSLDLDPSMLDSIWKPDLFFANEKGANFHEVTTDNKLLRIFKNGNVL
YSIRLTLTLSCPMDLKNFPMDVQTCIMQLESFGYTMNDLIFEWQDEAPVQVAEGLTLPQFLLKEEKDLRYCTKHYNTGKF
TCIEVRFHLERQMGYYLIQMYIPSLLIVILSWVSFWINMDAAPARVALGITTVLTMTTQSSGSRASLPKVSYVKAIDIWM
AVCLLFVFSALLEYAAVNFVSRQHKELLRFRRKRKNKTEAFALEKFYRFSDMDDEVRESRFSFTAYGMGPCLQAKDGMTP
KGPNHPVQVMPKSPDEMRKVFIDRAKKIDTISRACFPLAFLIFNIFYWVIYKILRHEDIHQQQDLVPRGSHHHHHHHH
;
_entity_poly.pdbx_strand_id   A,B,C,D,E
#
loop_
_chem_comp.id
_chem_comp.type
_chem_comp.name
_chem_comp.formula
CLR non-polymer CHOLESTEROL 'C27 H46 O'
NAG D-saccharide, beta linking 2-acetamido-2-deoxy-beta-D-glucopyranose 'C8 H15 N O6'
PIO non-polymer '[(2R)-2-octanoyloxy-3-[oxidanyl-[(1R,2R,3S,4R,5R,6S)-2,3,6-tris(oxidanyl)-4,5-diphosphonooxy-cyclohexyl]oxy-phosphoryl]oxy-propyl] octanoate' 'C25 H49 O19 P3'
PX4 non-polymer 1,2-DIMYRISTOYL-SN-GLYCERO-3-PHOSPHOCHOLINE 'C36 H73 N O8 P 1'
#
# COMPACT_ATOMS: atom_id res chain seq x y z
N MET A 41 -1.96 -56.63 7.73
CA MET A 41 -1.27 -56.12 6.55
C MET A 41 -1.16 -54.61 6.59
N SER A 42 -0.08 -54.07 6.03
CA SER A 42 0.12 -52.63 6.03
C SER A 42 -0.88 -51.96 5.11
N PRO A 43 -1.57 -50.90 5.59
CA PRO A 43 -2.48 -50.17 4.69
C PRO A 43 -1.79 -49.57 3.48
N SER A 44 -0.55 -49.10 3.63
CA SER A 44 0.18 -48.58 2.49
C SER A 44 0.48 -49.68 1.47
N ASP A 45 0.86 -50.87 1.95
CA ASP A 45 1.09 -51.99 1.05
C ASP A 45 -0.19 -52.41 0.35
N PHE A 46 -1.33 -52.39 1.06
CA PHE A 46 -2.60 -52.71 0.42
C PHE A 46 -2.96 -51.67 -0.63
N LEU A 47 -2.72 -50.38 -0.35
CA LEU A 47 -2.98 -49.33 -1.33
C LEU A 47 -2.09 -49.50 -2.55
N ASP A 48 -0.84 -49.92 -2.34
CA ASP A 48 0.04 -50.19 -3.47
C ASP A 48 -0.52 -51.30 -4.36
N LYS A 49 -1.01 -52.38 -3.75
CA LYS A 49 -1.63 -53.45 -4.54
C LYS A 49 -2.87 -52.96 -5.25
N LEU A 50 -3.62 -52.05 -4.62
CA LEU A 50 -4.87 -51.58 -5.20
C LEU A 50 -4.62 -50.65 -6.39
N MET A 51 -3.58 -49.82 -6.33
CA MET A 51 -3.38 -48.78 -7.33
C MET A 51 -2.00 -48.84 -7.99
N GLY A 52 -1.39 -50.02 -8.08
CA GLY A 52 -0.13 -50.18 -8.76
C GLY A 52 -0.26 -50.62 -10.21
N ARG A 53 0.91 -50.84 -10.82
CA ARG A 53 0.96 -51.27 -12.22
C ARG A 53 0.38 -52.67 -12.40
N THR A 54 0.53 -53.54 -11.40
CA THR A 54 -0.08 -54.86 -11.47
C THR A 54 -1.60 -54.74 -11.49
N SER A 55 -2.16 -53.83 -10.71
CA SER A 55 -3.60 -53.58 -10.75
C SER A 55 -4.00 -52.96 -12.08
N GLY A 56 -3.16 -52.09 -12.64
CA GLY A 56 -3.46 -51.44 -13.90
C GLY A 56 -4.33 -50.22 -13.81
N TYR A 57 -4.45 -49.63 -12.62
CA TYR A 57 -5.23 -48.40 -12.46
C TYR A 57 -4.58 -47.26 -13.23
N ASP A 58 -5.40 -46.53 -14.01
CA ASP A 58 -4.93 -45.39 -14.78
C ASP A 58 -5.56 -44.13 -14.21
N ALA A 59 -4.71 -43.20 -13.77
CA ALA A 59 -5.19 -41.97 -13.16
C ALA A 59 -5.71 -40.96 -14.19
N ARG A 60 -5.42 -41.17 -15.46
CA ARG A 60 -5.88 -40.26 -16.51
C ARG A 60 -7.20 -40.70 -17.13
N ILE A 61 -7.80 -41.79 -16.66
CA ILE A 61 -9.07 -42.29 -17.15
C ILE A 61 -10.12 -42.11 -16.06
N ARG A 62 -11.21 -41.43 -16.39
CA ARG A 62 -12.25 -41.17 -15.43
C ARG A 62 -13.02 -42.44 -15.10
N PRO A 63 -13.64 -42.52 -13.92
CA PRO A 63 -14.48 -43.68 -13.60
C PRO A 63 -15.66 -43.79 -14.54
N ASN A 64 -16.05 -45.03 -14.83
CA ASN A 64 -17.12 -45.34 -15.79
C ASN A 64 -16.85 -44.68 -17.13
N PHE A 65 -15.69 -45.01 -17.70
CA PHE A 65 -15.21 -44.36 -18.91
C PHE A 65 -16.11 -44.58 -20.11
N LYS A 66 -16.91 -45.64 -20.12
CA LYS A 66 -17.75 -45.98 -21.26
C LYS A 66 -19.18 -45.47 -21.13
N GLY A 67 -19.72 -45.39 -19.92
CA GLY A 67 -21.14 -45.17 -19.74
C GLY A 67 -21.51 -43.84 -19.11
N PRO A 68 -22.26 -43.90 -18.00
CA PRO A 68 -22.87 -42.69 -17.46
C PRO A 68 -21.83 -41.76 -16.88
N PRO A 69 -22.13 -40.47 -16.78
CA PRO A 69 -21.15 -39.51 -16.26
C PRO A 69 -20.94 -39.67 -14.75
N VAL A 70 -19.88 -39.03 -14.28
CA VAL A 70 -19.52 -39.06 -12.86
C VAL A 70 -20.27 -37.94 -12.13
N ASN A 71 -20.88 -38.28 -11.00
CA ASN A 71 -21.62 -37.32 -10.19
C ASN A 71 -20.79 -36.97 -8.96
N VAL A 72 -20.53 -35.67 -8.78
CA VAL A 72 -19.70 -35.17 -7.70
C VAL A 72 -20.55 -34.28 -6.81
N THR A 73 -20.52 -34.55 -5.50
CA THR A 73 -21.26 -33.77 -4.51
C THR A 73 -20.28 -32.89 -3.75
N CYS A 74 -20.63 -31.61 -3.60
CA CYS A 74 -19.71 -30.61 -3.08
C CYS A 74 -20.26 -29.94 -1.83
N ASN A 75 -19.35 -29.68 -0.88
CA ASN A 75 -19.65 -28.89 0.31
C ASN A 75 -18.59 -27.82 0.46
N ILE A 76 -18.99 -26.67 1.02
CA ILE A 76 -18.10 -25.56 1.25
C ILE A 76 -18.31 -25.04 2.66
N PHE A 77 -17.23 -24.94 3.44
CA PHE A 77 -17.26 -24.35 4.76
C PHE A 77 -16.35 -23.13 4.75
N ILE A 78 -16.91 -21.97 5.09
CA ILE A 78 -16.21 -20.70 5.03
C ILE A 78 -15.63 -20.39 6.41
N ASN A 79 -14.30 -20.19 6.47
CA ASN A 79 -13.63 -19.89 7.73
C ASN A 79 -13.47 -18.39 7.96
N SER A 80 -13.13 -17.64 6.92
CA SER A 80 -12.98 -16.21 7.03
C SER A 80 -13.58 -15.54 5.80
N PHE A 81 -13.93 -14.27 5.95
CA PHE A 81 -14.62 -13.51 4.91
C PHE A 81 -14.29 -12.04 5.13
N GLY A 82 -13.74 -11.39 4.12
CA GLY A 82 -13.43 -9.97 4.26
C GLY A 82 -12.57 -9.48 3.12
N SER A 83 -11.87 -8.37 3.39
CA SER A 83 -11.01 -7.70 2.41
C SER A 83 -11.78 -7.29 1.17
N ILE A 84 -12.98 -6.74 1.38
CA ILE A 84 -13.81 -6.28 0.27
C ILE A 84 -13.33 -4.90 -0.15
N ALA A 85 -12.93 -4.76 -1.41
CA ALA A 85 -12.38 -3.52 -1.93
C ALA A 85 -13.10 -3.14 -3.21
N GLU A 86 -13.34 -1.84 -3.38
CA GLU A 86 -13.98 -1.33 -4.58
C GLU A 86 -12.98 -0.87 -5.63
N THR A 87 -11.73 -0.62 -5.25
CA THR A 87 -10.71 -0.24 -6.22
C THR A 87 -10.37 -1.40 -7.15
N THR A 88 -10.34 -2.62 -6.62
CA THR A 88 -10.05 -3.80 -7.41
C THR A 88 -11.29 -4.68 -7.66
N MET A 89 -12.40 -4.38 -7.02
CA MET A 89 -13.64 -5.15 -7.20
C MET A 89 -13.42 -6.62 -6.89
N ASP A 90 -13.07 -6.97 -5.65
CA ASP A 90 -12.83 -8.36 -5.27
C ASP A 90 -12.93 -8.49 -3.76
N TYR A 91 -12.97 -9.75 -3.30
CA TYR A 91 -13.01 -10.06 -1.88
C TYR A 91 -12.23 -11.34 -1.65
N ARG A 92 -11.87 -11.57 -0.39
CA ARG A 92 -10.99 -12.67 -0.01
C ARG A 92 -11.74 -13.62 0.91
N VAL A 93 -11.57 -14.92 0.67
CA VAL A 93 -12.18 -15.96 1.49
C VAL A 93 -11.16 -17.05 1.79
N ASN A 94 -11.40 -17.76 2.89
CA ASN A 94 -10.63 -18.95 3.26
C ASN A 94 -11.62 -20.06 3.56
N ILE A 95 -11.63 -21.10 2.74
CA ILE A 95 -12.71 -22.08 2.74
C ILE A 95 -12.17 -23.50 2.88
N PHE A 96 -13.09 -24.39 3.25
CA PHE A 96 -12.87 -25.83 3.20
C PHE A 96 -13.74 -26.39 2.08
N LEU A 97 -13.12 -27.11 1.14
CA LEU A 97 -13.84 -27.69 0.01
C LEU A 97 -13.81 -29.20 0.11
N ARG A 98 -14.98 -29.83 0.02
CA ARG A 98 -15.11 -31.27 0.10
C ARG A 98 -15.85 -31.80 -1.12
N GLN A 99 -15.30 -32.83 -1.76
CA GLN A 99 -15.89 -33.46 -2.92
C GLN A 99 -16.03 -34.95 -2.67
N LYS A 100 -17.15 -35.52 -3.12
CA LYS A 100 -17.41 -36.94 -2.98
C LYS A 100 -17.89 -37.53 -4.29
N TRP A 101 -17.31 -38.66 -4.67
CA TRP A 101 -17.70 -39.37 -5.88
C TRP A 101 -17.38 -40.85 -5.71
N ASN A 102 -17.92 -41.66 -6.60
CA ASN A 102 -17.77 -43.11 -6.53
C ASN A 102 -16.84 -43.59 -7.63
N ASP A 103 -15.85 -44.40 -7.25
CA ASP A 103 -14.91 -45.01 -8.19
C ASP A 103 -15.00 -46.52 -8.06
N PRO A 104 -15.64 -47.21 -9.00
CA PRO A 104 -15.78 -48.67 -8.87
C PRO A 104 -14.48 -49.44 -8.96
N ARG A 105 -13.42 -48.84 -9.52
CA ARG A 105 -12.14 -49.53 -9.60
C ARG A 105 -11.40 -49.59 -8.28
N LEU A 106 -11.84 -48.83 -7.27
CA LEU A 106 -11.18 -48.78 -5.98
C LEU A 106 -11.88 -49.59 -4.91
N ALA A 107 -12.90 -50.35 -5.28
CA ALA A 107 -13.60 -51.19 -4.30
C ALA A 107 -12.71 -52.32 -3.83
N TYR A 108 -12.78 -52.61 -2.53
CA TYR A 108 -11.98 -53.67 -1.93
C TYR A 108 -12.80 -54.42 -0.91
N SER A 109 -12.46 -55.69 -0.71
CA SER A 109 -13.14 -56.53 0.26
C SER A 109 -12.21 -57.33 1.16
N GLU A 110 -10.93 -57.50 0.79
CA GLU A 110 -10.03 -58.32 1.59
C GLU A 110 -9.66 -57.65 2.91
N TYR A 111 -9.40 -56.35 2.88
CA TYR A 111 -8.90 -55.65 4.06
C TYR A 111 -10.02 -55.47 5.08
N PRO A 112 -9.79 -55.83 6.35
CA PRO A 112 -10.86 -55.70 7.34
C PRO A 112 -11.31 -54.26 7.59
N ASP A 113 -10.41 -53.29 7.44
CA ASP A 113 -10.75 -51.91 7.74
C ASP A 113 -11.77 -51.37 6.75
N ASP A 114 -12.70 -50.55 7.27
CA ASP A 114 -13.76 -50.01 6.44
C ASP A 114 -13.36 -48.74 5.70
N SER A 115 -12.21 -48.16 6.01
CA SER A 115 -11.76 -46.96 5.33
C SER A 115 -10.24 -46.98 5.23
N LEU A 116 -9.72 -46.32 4.20
CA LEU A 116 -8.29 -46.24 3.97
C LEU A 116 -7.92 -44.78 3.68
N ASP A 117 -6.76 -44.37 4.19
CA ASP A 117 -6.28 -43.01 4.06
C ASP A 117 -5.07 -42.98 3.14
N LEU A 118 -5.04 -42.02 2.22
CA LEU A 118 -3.97 -41.91 1.24
C LEU A 118 -3.02 -40.78 1.63
N ASP A 119 -1.73 -41.00 1.37
CA ASP A 119 -0.74 -39.99 1.66
C ASP A 119 -0.90 -38.79 0.71
N PRO A 120 -0.87 -37.53 1.22
CA PRO A 120 -0.95 -36.35 0.35
C PRO A 120 0.18 -36.25 -0.68
N SER A 121 1.31 -36.91 -0.43
CA SER A 121 2.41 -36.83 -1.39
C SER A 121 2.15 -37.68 -2.63
N MET A 122 1.25 -38.65 -2.53
CA MET A 122 0.95 -39.56 -3.63
C MET A 122 -0.42 -39.31 -4.26
N LEU A 123 -0.97 -38.10 -4.07
CA LEU A 123 -2.30 -37.78 -4.58
C LEU A 123 -2.37 -37.78 -6.10
N ASP A 124 -1.22 -37.74 -6.80
CA ASP A 124 -1.22 -37.75 -8.25
C ASP A 124 -1.44 -39.15 -8.84
N SER A 125 -1.50 -40.17 -8.00
CA SER A 125 -1.73 -41.54 -8.45
C SER A 125 -3.20 -41.91 -8.52
N ILE A 126 -4.11 -40.97 -8.25
CA ILE A 126 -5.54 -41.22 -8.24
C ILE A 126 -6.22 -40.18 -9.12
N TRP A 127 -7.39 -40.53 -9.64
CA TRP A 127 -8.16 -39.62 -10.48
C TRP A 127 -8.95 -38.66 -9.61
N LYS A 128 -8.86 -37.37 -9.93
CA LYS A 128 -9.61 -36.33 -9.25
C LYS A 128 -10.28 -35.43 -10.26
N PRO A 129 -11.44 -34.86 -9.90
CA PRO A 129 -12.11 -33.93 -10.82
C PRO A 129 -11.31 -32.67 -11.04
N ASP A 130 -11.45 -32.08 -12.23
CA ASP A 130 -10.72 -30.88 -12.59
C ASP A 130 -11.58 -29.64 -12.32
N LEU A 131 -11.90 -29.46 -11.04
CA LEU A 131 -12.69 -28.31 -10.61
C LEU A 131 -11.84 -27.06 -10.62
N PHE A 132 -12.46 -25.93 -10.95
CA PHE A 132 -11.80 -24.64 -10.84
C PHE A 132 -12.86 -23.57 -10.64
N PHE A 133 -12.43 -22.42 -10.12
CA PHE A 133 -13.32 -21.31 -9.81
C PHE A 133 -13.30 -20.31 -10.96
N ALA A 134 -14.48 -20.03 -11.52
CA ALA A 134 -14.55 -19.24 -12.75
C ALA A 134 -14.20 -17.78 -12.52
N ASN A 135 -14.66 -17.20 -11.41
CA ASN A 135 -14.46 -15.78 -11.14
C ASN A 135 -13.29 -15.55 -10.18
N GLU A 136 -12.27 -16.39 -10.26
CA GLU A 136 -11.14 -16.35 -9.36
C GLU A 136 -9.97 -15.58 -9.97
N LYS A 137 -9.35 -14.72 -9.17
CA LYS A 137 -8.18 -13.96 -9.59
C LYS A 137 -6.89 -14.39 -8.91
N GLY A 138 -6.96 -15.23 -7.88
CA GLY A 138 -5.77 -15.70 -7.19
C GLY A 138 -6.09 -16.76 -6.16
N ALA A 139 -5.29 -17.81 -6.09
CA ALA A 139 -5.55 -18.91 -5.17
C ALA A 139 -4.25 -19.60 -4.81
N ASN A 140 -4.25 -20.26 -3.65
CA ASN A 140 -3.09 -21.01 -3.20
C ASN A 140 -3.55 -22.04 -2.16
N PHE A 141 -2.71 -23.05 -1.95
CA PHE A 141 -3.02 -24.10 -0.96
C PHE A 141 -2.26 -23.77 0.33
N HIS A 142 -2.45 -24.56 1.39
CA HIS A 142 -1.82 -24.29 2.70
C HIS A 142 -0.86 -25.42 3.07
N GLU A 143 0.38 -25.10 3.43
CA GLU A 143 1.39 -26.15 3.70
C GLU A 143 1.98 -26.06 5.12
N VAL A 144 1.44 -25.23 6.02
CA VAL A 144 2.09 -25.06 7.35
C VAL A 144 2.05 -26.39 8.10
N THR A 145 3.18 -26.79 8.67
CA THR A 145 3.31 -28.14 9.25
C THR A 145 3.12 -29.09 8.06
N THR A 146 2.13 -29.99 8.09
CA THR A 146 1.86 -30.90 6.95
C THR A 146 0.97 -30.21 5.92
N ASP A 147 0.87 -30.76 4.70
CA ASP A 147 -0.05 -30.22 3.66
C ASP A 147 -1.50 -30.38 4.14
N ASN A 148 -2.31 -29.34 3.95
CA ASN A 148 -3.71 -29.38 4.45
C ASN A 148 -4.62 -30.05 3.41
N LYS A 149 -4.48 -31.36 3.23
CA LYS A 149 -5.30 -32.12 2.24
C LYS A 149 -5.62 -33.49 2.83
N LEU A 150 -6.73 -34.12 2.42
CA LEU A 150 -7.14 -35.43 2.98
C LEU A 150 -7.94 -36.20 1.93
N LEU A 151 -7.67 -37.50 1.78
CA LEU A 151 -8.38 -38.36 0.83
C LEU A 151 -8.65 -39.70 1.50
N ARG A 152 -9.90 -40.13 1.46
CA ARG A 152 -10.33 -41.35 2.11
C ARG A 152 -11.11 -42.22 1.12
N ILE A 153 -10.85 -43.52 1.16
CA ILE A 153 -11.48 -44.49 0.28
C ILE A 153 -12.22 -45.52 1.11
N PHE A 154 -13.49 -45.75 0.79
CA PHE A 154 -14.32 -46.69 1.53
C PHE A 154 -14.40 -48.02 0.79
N LYS A 155 -15.07 -48.99 1.42
CA LYS A 155 -15.13 -50.34 0.88
C LYS A 155 -15.88 -50.39 -0.44
N ASN A 156 -16.99 -49.66 -0.54
CA ASN A 156 -17.79 -49.68 -1.77
C ASN A 156 -17.14 -48.90 -2.90
N GLY A 157 -16.08 -48.14 -2.64
CA GLY A 157 -15.40 -47.37 -3.65
C GLY A 157 -15.63 -45.87 -3.59
N ASN A 158 -16.39 -45.39 -2.63
CA ASN A 158 -16.62 -43.95 -2.50
C ASN A 158 -15.35 -43.24 -2.07
N VAL A 159 -15.15 -42.03 -2.58
CA VAL A 159 -13.96 -41.23 -2.33
C VAL A 159 -14.40 -39.92 -1.69
N LEU A 160 -13.74 -39.55 -0.59
CA LEU A 160 -13.93 -38.27 0.05
C LEU A 160 -12.62 -37.49 -0.02
N TYR A 161 -12.70 -36.25 -0.52
CA TYR A 161 -11.51 -35.45 -0.81
C TYR A 161 -11.73 -34.04 -0.25
N SER A 162 -11.13 -33.75 0.90
CA SER A 162 -11.28 -32.47 1.57
C SER A 162 -9.95 -31.72 1.55
N ILE A 163 -9.98 -30.46 1.09
CA ILE A 163 -8.80 -29.62 0.96
C ILE A 163 -9.12 -28.22 1.43
N ARG A 164 -8.08 -27.48 1.80
CA ARG A 164 -8.19 -26.12 2.32
C ARG A 164 -7.40 -25.17 1.43
N LEU A 165 -8.00 -24.02 1.11
CA LEU A 165 -7.38 -23.09 0.18
C LEU A 165 -7.93 -21.70 0.40
N THR A 166 -7.19 -20.71 -0.12
CA THR A 166 -7.56 -19.30 -0.03
C THR A 166 -7.82 -18.76 -1.42
N LEU A 167 -8.89 -17.97 -1.56
CA LEU A 167 -9.30 -17.44 -2.85
C LEU A 167 -9.34 -15.92 -2.83
N THR A 168 -9.22 -15.35 -4.03
CA THR A 168 -9.49 -13.93 -4.27
C THR A 168 -10.49 -13.86 -5.43
N LEU A 169 -11.76 -13.73 -5.11
CA LEU A 169 -12.83 -13.76 -6.10
C LEU A 169 -13.29 -12.35 -6.43
N SER A 170 -13.58 -12.13 -7.70
CA SER A 170 -13.98 -10.81 -8.19
C SER A 170 -15.49 -10.64 -8.14
N CYS A 171 -15.93 -9.45 -7.75
CA CYS A 171 -17.35 -9.13 -7.73
C CYS A 171 -17.57 -7.69 -8.18
N PRO A 172 -18.29 -7.48 -9.28
CA PRO A 172 -18.63 -6.10 -9.68
C PRO A 172 -19.56 -5.45 -8.66
N MET A 173 -19.36 -4.15 -8.47
CA MET A 173 -20.17 -3.36 -7.55
C MET A 173 -20.70 -2.13 -8.26
N ASP A 174 -21.87 -1.66 -7.81
CA ASP A 174 -22.55 -0.53 -8.45
C ASP A 174 -22.23 0.78 -7.74
N LEU A 175 -22.49 0.86 -6.44
CA LEU A 175 -22.25 2.04 -5.61
C LEU A 175 -23.03 3.26 -6.10
N LYS A 176 -24.12 3.06 -6.83
CA LYS A 176 -24.91 4.18 -7.30
C LYS A 176 -25.75 4.81 -6.19
N ASN A 177 -26.02 4.06 -5.13
CA ASN A 177 -26.75 4.54 -3.96
C ASN A 177 -25.90 4.36 -2.71
N PHE A 178 -24.63 4.78 -2.79
CA PHE A 178 -23.56 4.25 -1.94
C PHE A 178 -23.87 4.19 -0.45
N PRO A 179 -24.43 5.22 0.21
CA PRO A 179 -24.75 5.04 1.64
C PRO A 179 -25.77 3.95 1.89
N MET A 180 -26.72 3.75 0.98
CA MET A 180 -27.78 2.75 1.13
C MET A 180 -27.72 1.83 -0.07
N ASP A 181 -26.85 0.81 0.00
CA ASP A 181 -26.64 -0.08 -1.13
C ASP A 181 -26.53 -1.52 -0.64
N VAL A 182 -26.94 -2.44 -1.49
CA VAL A 182 -26.84 -3.87 -1.23
C VAL A 182 -26.05 -4.50 -2.37
N GLN A 183 -25.04 -5.29 -2.03
CA GLN A 183 -24.18 -5.93 -3.02
C GLN A 183 -24.32 -7.44 -2.92
N THR A 184 -24.14 -8.11 -4.06
CA THR A 184 -24.22 -9.56 -4.15
C THR A 184 -22.90 -10.11 -4.63
N CYS A 185 -22.36 -11.07 -3.88
CA CYS A 185 -21.09 -11.71 -4.21
C CYS A 185 -21.35 -13.17 -4.54
N ILE A 186 -20.79 -13.64 -5.65
CA ILE A 186 -21.04 -14.98 -6.14
C ILE A 186 -19.76 -15.80 -6.06
N MET A 187 -19.90 -17.11 -6.27
CA MET A 187 -18.78 -18.04 -6.25
C MET A 187 -19.14 -19.20 -7.16
N GLN A 188 -18.45 -19.32 -8.28
CA GLN A 188 -18.78 -20.30 -9.31
C GLN A 188 -17.77 -21.44 -9.31
N LEU A 189 -18.29 -22.67 -9.31
CA LEU A 189 -17.47 -23.87 -9.39
C LEU A 189 -17.72 -24.53 -10.73
N GLU A 190 -16.66 -24.73 -11.51
CA GLU A 190 -16.79 -25.17 -12.89
C GLU A 190 -15.76 -26.24 -13.20
N SER A 191 -16.04 -27.02 -14.24
CA SER A 191 -15.11 -28.01 -14.76
C SER A 191 -14.36 -27.41 -15.95
N PHE A 192 -13.09 -27.79 -16.09
CA PHE A 192 -12.24 -27.16 -17.11
C PHE A 192 -12.39 -27.83 -18.47
N GLY A 193 -12.35 -29.15 -18.51
CA GLY A 193 -12.35 -29.84 -19.79
C GLY A 193 -13.23 -31.06 -19.89
N TYR A 194 -14.34 -31.09 -19.15
CA TYR A 194 -15.27 -32.20 -19.18
C TYR A 194 -16.67 -31.68 -19.44
N THR A 195 -17.36 -32.29 -20.39
CA THR A 195 -18.71 -31.89 -20.75
C THR A 195 -19.73 -32.57 -19.82
N MET A 196 -21.01 -32.22 -20.01
CA MET A 196 -22.06 -32.72 -19.13
C MET A 196 -22.28 -34.22 -19.27
N ASN A 197 -21.84 -34.83 -20.36
CA ASN A 197 -21.97 -36.28 -20.50
C ASN A 197 -20.82 -37.03 -19.85
N ASP A 198 -19.88 -36.33 -19.22
CA ASP A 198 -18.76 -36.95 -18.52
C ASP A 198 -18.70 -36.55 -17.05
N LEU A 199 -19.00 -35.30 -16.71
CA LEU A 199 -18.88 -34.82 -15.34
C LEU A 199 -20.06 -33.94 -15.00
N ILE A 200 -20.63 -34.14 -13.81
CA ILE A 200 -21.76 -33.36 -13.31
C ILE A 200 -21.47 -32.96 -11.87
N PHE A 201 -21.69 -31.68 -11.56
CA PHE A 201 -21.52 -31.16 -10.21
C PHE A 201 -22.88 -30.91 -9.57
N GLU A 202 -23.02 -31.33 -8.31
CA GLU A 202 -24.25 -31.13 -7.56
C GLU A 202 -23.93 -30.63 -6.16
N TRP A 203 -24.85 -29.86 -5.60
CA TRP A 203 -24.75 -29.43 -4.21
C TRP A 203 -25.27 -30.53 -3.30
N GLN A 204 -24.85 -30.48 -2.03
CA GLN A 204 -25.38 -31.38 -1.04
C GLN A 204 -26.83 -31.05 -0.73
N ASP A 205 -27.55 -32.03 -0.18
CA ASP A 205 -28.94 -31.80 0.22
C ASP A 205 -29.02 -31.16 1.60
N GLU A 206 -28.13 -31.54 2.51
CA GLU A 206 -28.27 -31.11 3.90
C GLU A 206 -27.76 -29.70 4.11
N ALA A 207 -26.47 -29.47 3.88
CA ALA A 207 -25.87 -28.14 4.09
C ALA A 207 -24.68 -27.95 3.16
N PRO A 208 -24.93 -27.47 1.93
CA PRO A 208 -23.82 -27.14 1.03
C PRO A 208 -22.83 -26.15 1.62
N VAL A 209 -23.33 -24.99 2.06
CA VAL A 209 -22.51 -23.86 2.46
C VAL A 209 -22.79 -23.54 3.91
N GLN A 210 -21.72 -23.44 4.70
CA GLN A 210 -21.79 -23.06 6.10
C GLN A 210 -20.76 -21.99 6.38
N VAL A 211 -21.05 -21.13 7.34
CA VAL A 211 -20.17 -20.02 7.73
C VAL A 211 -19.88 -20.14 9.21
N ALA A 212 -18.59 -20.01 9.57
CA ALA A 212 -18.19 -20.07 10.96
C ALA A 212 -18.79 -18.89 11.74
N GLU A 213 -19.14 -19.14 12.98
CA GLU A 213 -19.76 -18.10 13.81
C GLU A 213 -18.72 -17.10 14.29
N GLY A 214 -19.17 -15.87 14.55
CA GLY A 214 -18.32 -14.83 15.06
C GLY A 214 -17.63 -13.97 14.04
N LEU A 215 -17.85 -14.21 12.75
CA LEU A 215 -17.21 -13.39 11.72
C LEU A 215 -17.84 -12.00 11.69
N THR A 216 -16.98 -10.98 11.59
CA THR A 216 -17.42 -9.59 11.54
C THR A 216 -16.78 -8.91 10.33
N LEU A 217 -17.44 -7.86 9.87
CA LEU A 217 -16.95 -7.07 8.75
C LEU A 217 -16.93 -5.60 9.13
N PRO A 218 -15.85 -4.88 8.80
CA PRO A 218 -15.78 -3.46 9.20
C PRO A 218 -16.80 -2.57 8.53
N GLN A 219 -17.32 -2.96 7.36
CA GLN A 219 -18.18 -2.10 6.57
C GLN A 219 -19.53 -2.70 6.21
N PHE A 220 -19.64 -4.02 6.13
CA PHE A 220 -20.83 -4.67 5.62
C PHE A 220 -21.42 -5.61 6.66
N LEU A 221 -22.61 -6.12 6.36
CA LEU A 221 -23.27 -7.15 7.14
C LEU A 221 -23.65 -8.30 6.22
N LEU A 222 -23.25 -9.50 6.57
CA LEU A 222 -23.50 -10.69 5.76
C LEU A 222 -24.81 -11.33 6.21
N LYS A 223 -25.78 -11.38 5.30
CA LYS A 223 -27.07 -11.97 5.62
C LYS A 223 -26.95 -13.49 5.69
N GLU A 224 -27.85 -14.10 6.47
CA GLU A 224 -27.79 -15.54 6.72
C GLU A 224 -28.37 -16.36 5.58
N GLU A 225 -29.08 -15.74 4.65
CA GLU A 225 -29.70 -16.47 3.54
C GLU A 225 -28.75 -16.57 2.37
N LYS A 226 -28.67 -17.76 1.78
CA LYS A 226 -27.81 -18.01 0.62
C LYS A 226 -28.61 -18.73 -0.45
N ASP A 227 -28.18 -18.54 -1.70
CA ASP A 227 -28.86 -19.11 -2.85
C ASP A 227 -27.97 -20.13 -3.54
N LEU A 228 -28.57 -21.22 -4.02
CA LEU A 228 -27.88 -22.23 -4.80
C LEU A 228 -28.48 -22.27 -6.20
N ARG A 229 -27.64 -22.12 -7.22
CA ARG A 229 -28.09 -21.95 -8.59
C ARG A 229 -27.45 -23.01 -9.48
N TYR A 230 -27.86 -23.02 -10.75
CA TYR A 230 -27.32 -23.90 -11.78
C TYR A 230 -26.97 -23.03 -12.98
N CYS A 231 -25.76 -22.50 -13.00
CA CYS A 231 -25.32 -21.61 -14.08
C CYS A 231 -24.54 -22.40 -15.13
N THR A 232 -25.26 -23.33 -15.77
CA THR A 232 -24.64 -24.17 -16.79
C THR A 232 -24.19 -23.35 -17.98
N LYS A 233 -22.98 -23.62 -18.46
CA LYS A 233 -22.40 -22.90 -19.58
C LYS A 233 -22.66 -23.65 -20.88
N HIS A 234 -23.00 -22.91 -21.92
CA HIS A 234 -23.22 -23.46 -23.26
C HIS A 234 -22.18 -22.87 -24.20
N TYR A 235 -21.29 -23.71 -24.72
CA TYR A 235 -20.27 -23.31 -25.66
C TYR A 235 -20.43 -24.10 -26.96
N ASN A 236 -19.49 -23.86 -27.89
CA ASN A 236 -19.48 -24.61 -29.13
C ASN A 236 -19.17 -26.09 -28.88
N THR A 237 -18.26 -26.37 -27.96
CA THR A 237 -17.90 -27.74 -27.66
C THR A 237 -19.07 -28.50 -27.05
N GLY A 238 -19.79 -27.88 -26.12
CA GLY A 238 -20.91 -28.52 -25.48
C GLY A 238 -21.23 -27.84 -24.16
N LYS A 239 -22.08 -28.52 -23.38
CA LYS A 239 -22.50 -28.02 -22.09
C LYS A 239 -21.48 -28.40 -21.03
N PHE A 240 -21.16 -27.45 -20.15
CA PHE A 240 -20.22 -27.66 -19.06
C PHE A 240 -20.90 -27.40 -17.73
N THR A 241 -20.68 -28.30 -16.78
CA THR A 241 -21.34 -28.19 -15.48
C THR A 241 -20.80 -27.00 -14.70
N CYS A 242 -21.69 -26.37 -13.94
CA CYS A 242 -21.32 -25.22 -13.12
C CYS A 242 -22.38 -24.96 -12.06
N ILE A 243 -21.96 -24.81 -10.81
CA ILE A 243 -22.85 -24.49 -9.70
C ILE A 243 -22.42 -23.16 -9.10
N GLU A 244 -23.37 -22.49 -8.44
CA GLU A 244 -23.15 -21.13 -8.00
C GLU A 244 -23.76 -20.93 -6.62
N VAL A 245 -23.17 -20.03 -5.84
CA VAL A 245 -23.73 -19.57 -4.58
C VAL A 245 -23.72 -18.05 -4.58
N ARG A 246 -24.65 -17.46 -3.84
CA ARG A 246 -24.80 -16.02 -3.77
C ARG A 246 -24.83 -15.57 -2.32
N PHE A 247 -24.12 -14.49 -2.02
CA PHE A 247 -24.09 -13.90 -0.69
C PHE A 247 -24.60 -12.47 -0.78
N HIS A 248 -25.45 -12.08 0.15
CA HIS A 248 -26.03 -10.75 0.19
C HIS A 248 -25.39 -9.94 1.31
N LEU A 249 -24.91 -8.75 0.97
CA LEU A 249 -24.21 -7.88 1.91
C LEU A 249 -24.94 -6.56 2.01
N GLU A 250 -25.18 -6.10 3.25
CA GLU A 250 -25.83 -4.83 3.51
C GLU A 250 -24.86 -3.92 4.25
N ARG A 251 -24.81 -2.66 3.84
CA ARG A 251 -23.93 -1.68 4.45
C ARG A 251 -24.62 -0.97 5.59
N GLN A 252 -23.90 -0.79 6.70
CA GLN A 252 -24.43 -0.07 7.84
C GLN A 252 -24.36 1.45 7.59
N MET A 253 -25.20 2.18 8.32
CA MET A 253 -25.40 3.60 8.04
C MET A 253 -25.15 4.51 9.25
N GLY A 254 -24.78 3.96 10.40
CA GLY A 254 -24.68 4.78 11.60
C GLY A 254 -23.61 5.84 11.53
N TYR A 255 -22.41 5.47 11.05
CA TYR A 255 -21.31 6.43 10.95
C TYR A 255 -21.63 7.53 9.97
N TYR A 256 -22.18 7.17 8.81
CA TYR A 256 -22.53 8.18 7.81
C TYR A 256 -23.62 9.11 8.32
N LEU A 257 -24.65 8.55 8.98
CA LEU A 257 -25.72 9.37 9.52
C LEU A 257 -25.19 10.34 10.56
N ILE A 258 -24.32 9.88 11.46
CA ILE A 258 -23.88 10.75 12.55
C ILE A 258 -22.76 11.70 12.13
N GLN A 259 -22.08 11.45 11.01
CA GLN A 259 -20.93 12.29 10.66
C GLN A 259 -21.11 13.13 9.40
N MET A 260 -22.05 12.81 8.53
CA MET A 260 -22.21 13.57 7.29
C MET A 260 -23.58 14.21 7.16
N TYR A 261 -24.65 13.46 7.41
CA TYR A 261 -25.99 13.98 7.17
C TYR A 261 -26.39 14.98 8.25
N ILE A 262 -26.12 14.67 9.52
CA ILE A 262 -26.53 15.57 10.61
C ILE A 262 -25.79 16.90 10.59
N PRO A 263 -24.45 16.96 10.47
CA PRO A 263 -23.80 18.28 10.43
C PRO A 263 -24.22 19.14 9.25
N SER A 264 -24.47 18.53 8.08
CA SER A 264 -24.95 19.30 6.94
C SER A 264 -26.31 19.92 7.21
N LEU A 265 -27.21 19.15 7.82
CA LEU A 265 -28.52 19.66 8.19
C LEU A 265 -28.40 20.78 9.21
N LEU A 266 -27.49 20.64 10.18
CA LEU A 266 -27.28 21.69 11.16
C LEU A 266 -26.76 22.98 10.51
N ILE A 267 -25.85 22.85 9.55
CA ILE A 267 -25.33 24.03 8.87
C ILE A 267 -26.43 24.70 8.04
N VAL A 268 -27.26 23.90 7.37
CA VAL A 268 -28.38 24.45 6.61
C VAL A 268 -29.34 25.19 7.53
N ILE A 269 -29.62 24.62 8.70
CA ILE A 269 -30.49 25.30 9.67
C ILE A 269 -29.86 26.60 10.15
N LEU A 270 -28.55 26.57 10.43
CA LEU A 270 -27.86 27.78 10.87
C LEU A 270 -27.90 28.88 9.81
N SER A 271 -27.93 28.49 8.54
CA SER A 271 -28.04 29.48 7.47
C SER A 271 -29.39 30.20 7.47
N TRP A 272 -30.41 29.65 8.14
CA TRP A 272 -31.73 30.25 8.14
C TRP A 272 -31.90 31.34 9.20
N VAL A 273 -31.00 31.46 10.17
CA VAL A 273 -31.16 32.45 11.22
C VAL A 273 -30.86 33.87 10.73
N SER A 274 -30.37 34.01 9.49
CA SER A 274 -30.17 35.34 8.94
C SER A 274 -31.49 36.08 8.74
N PHE A 275 -32.56 35.34 8.43
CA PHE A 275 -33.85 35.96 8.19
C PHE A 275 -34.46 36.57 9.46
N TRP A 276 -33.96 36.20 10.63
CA TRP A 276 -34.45 36.71 11.90
C TRP A 276 -33.58 37.84 12.45
N ILE A 277 -32.57 38.27 11.70
CA ILE A 277 -31.69 39.36 12.12
C ILE A 277 -32.15 40.63 11.42
N ASN A 278 -31.96 41.77 12.09
CA ASN A 278 -32.38 43.06 11.54
C ASN A 278 -31.72 43.32 10.20
N MET A 279 -32.50 43.90 9.27
CA MET A 279 -32.01 44.08 7.89
C MET A 279 -30.91 45.13 7.78
N ASP A 280 -30.74 45.93 8.82
CA ASP A 280 -29.69 46.95 8.82
C ASP A 280 -28.43 46.46 9.52
N ALA A 281 -28.18 45.15 9.47
CA ALA A 281 -27.03 44.55 10.14
C ALA A 281 -26.14 43.85 9.12
N ALA A 282 -25.83 44.54 8.02
CA ALA A 282 -25.06 43.95 6.92
C ALA A 282 -23.74 43.31 7.33
N PRO A 283 -22.87 43.93 8.14
CA PRO A 283 -21.62 43.24 8.52
C PRO A 283 -21.85 41.96 9.29
N ALA A 284 -23.00 41.80 9.95
CA ALA A 284 -23.32 40.54 10.59
C ALA A 284 -23.91 39.53 9.62
N ARG A 285 -24.90 39.95 8.83
CA ARG A 285 -25.62 39.01 7.97
C ARG A 285 -24.74 38.49 6.84
N VAL A 286 -24.00 39.39 6.17
CA VAL A 286 -23.13 38.95 5.08
C VAL A 286 -22.05 38.01 5.60
N ALA A 287 -21.45 38.35 6.75
CA ALA A 287 -20.42 37.50 7.32
C ALA A 287 -20.98 36.14 7.71
N LEU A 288 -22.17 36.11 8.29
CA LEU A 288 -22.77 34.84 8.68
C LEU A 288 -23.05 33.98 7.45
N GLY A 289 -23.58 34.57 6.38
CA GLY A 289 -23.85 33.79 5.18
C GLY A 289 -22.58 33.24 4.55
N ILE A 290 -21.56 34.09 4.39
CA ILE A 290 -20.33 33.62 3.73
C ILE A 290 -19.60 32.60 4.60
N THR A 291 -19.67 32.75 5.93
CA THR A 291 -19.03 31.77 6.80
C THR A 291 -19.78 30.45 6.81
N THR A 292 -21.11 30.47 6.67
CA THR A 292 -21.84 29.22 6.53
C THR A 292 -21.47 28.52 5.22
N VAL A 293 -21.31 29.29 4.14
CA VAL A 293 -20.86 28.70 2.88
C VAL A 293 -19.47 28.07 3.04
N LEU A 294 -18.56 28.79 3.70
CA LEU A 294 -17.21 28.27 3.92
C LEU A 294 -17.23 27.01 4.77
N THR A 295 -18.06 26.99 5.82
CA THR A 295 -18.16 25.80 6.68
C THR A 295 -18.71 24.61 5.89
N MET A 296 -19.70 24.86 5.03
CA MET A 296 -20.23 23.79 4.19
C MET A 296 -19.16 23.23 3.28
N THR A 297 -18.36 24.12 2.67
CA THR A 297 -17.30 23.66 1.77
C THR A 297 -16.22 22.87 2.52
N THR A 298 -15.84 23.32 3.72
CA THR A 298 -14.86 22.57 4.49
C THR A 298 -15.38 21.20 4.91
N GLN A 299 -16.66 21.12 5.29
CA GLN A 299 -17.24 19.83 5.62
C GLN A 299 -17.23 18.89 4.41
N SER A 300 -17.64 19.40 3.25
CA SER A 300 -17.64 18.57 2.04
C SER A 300 -16.24 18.13 1.66
N SER A 301 -15.25 19.03 1.76
CA SER A 301 -13.89 18.67 1.41
C SER A 301 -13.33 17.64 2.36
N GLY A 302 -13.61 17.77 3.66
CA GLY A 302 -13.15 16.79 4.62
C GLY A 302 -13.80 15.43 4.44
N SER A 303 -15.07 15.40 4.04
CA SER A 303 -15.76 14.12 3.86
C SER A 303 -15.28 13.35 2.64
N ARG A 304 -14.60 14.00 1.69
CA ARG A 304 -14.26 13.34 0.45
C ARG A 304 -13.12 12.33 0.61
N ALA A 305 -12.25 12.54 1.60
CA ALA A 305 -11.08 11.68 1.74
C ALA A 305 -11.43 10.26 2.19
N SER A 306 -12.60 10.07 2.80
CA SER A 306 -12.99 8.77 3.33
C SER A 306 -14.15 8.15 2.55
N LEU A 307 -14.20 8.35 1.24
CA LEU A 307 -15.26 7.80 0.41
C LEU A 307 -14.65 7.02 -0.76
N PRO A 308 -15.38 6.05 -1.31
CA PRO A 308 -14.88 5.34 -2.49
C PRO A 308 -14.71 6.28 -3.67
N LYS A 309 -13.68 6.01 -4.48
CA LYS A 309 -13.32 6.85 -5.61
C LYS A 309 -13.94 6.29 -6.88
N VAL A 310 -15.01 6.93 -7.35
CA VAL A 310 -15.66 6.57 -8.60
C VAL A 310 -15.88 7.84 -9.41
N SER A 311 -16.20 7.66 -10.69
CA SER A 311 -16.37 8.79 -11.60
C SER A 311 -17.82 9.18 -11.81
N TYR A 312 -18.78 8.47 -11.21
CA TYR A 312 -20.18 8.79 -11.37
C TYR A 312 -20.79 9.29 -10.06
N VAL A 313 -21.98 9.85 -10.17
CA VAL A 313 -22.62 10.55 -9.06
C VAL A 313 -23.22 9.54 -8.09
N LYS A 314 -23.19 9.87 -6.80
CA LYS A 314 -23.78 9.07 -5.75
C LYS A 314 -24.80 9.88 -4.95
N ALA A 315 -25.56 9.17 -4.12
CA ALA A 315 -26.62 9.81 -3.34
C ALA A 315 -26.06 10.82 -2.35
N ILE A 316 -24.93 10.50 -1.72
CA ILE A 316 -24.29 11.44 -0.81
C ILE A 316 -23.81 12.67 -1.57
N ASP A 317 -23.35 12.50 -2.81
CA ASP A 317 -22.98 13.64 -3.64
C ASP A 317 -24.18 14.53 -3.94
N ILE A 318 -25.33 13.91 -4.27
CA ILE A 318 -26.55 14.68 -4.52
C ILE A 318 -26.93 15.48 -3.28
N TRP A 319 -26.89 14.84 -2.11
CA TRP A 319 -27.22 15.51 -0.86
C TRP A 319 -26.29 16.69 -0.59
N MET A 320 -24.99 16.47 -0.80
CA MET A 320 -24.00 17.52 -0.57
C MET A 320 -24.24 18.71 -1.49
N ALA A 321 -24.52 18.44 -2.77
CA ALA A 321 -24.75 19.51 -3.73
C ALA A 321 -26.01 20.29 -3.39
N VAL A 322 -27.07 19.60 -2.96
CA VAL A 322 -28.30 20.32 -2.61
C VAL A 322 -28.10 21.20 -1.38
N CYS A 323 -27.37 20.69 -0.38
CA CYS A 323 -27.10 21.52 0.80
C CYS A 323 -26.27 22.75 0.45
N LEU A 324 -25.28 22.57 -0.42
CA LEU A 324 -24.51 23.73 -0.90
C LEU A 324 -25.38 24.72 -1.65
N LEU A 325 -26.32 24.23 -2.47
CA LEU A 325 -27.21 25.14 -3.19
C LEU A 325 -28.09 25.93 -2.23
N PHE A 326 -28.58 25.28 -1.17
CA PHE A 326 -29.40 25.99 -0.18
C PHE A 326 -28.61 27.10 0.51
N VAL A 327 -27.41 26.76 1.01
CA VAL A 327 -26.63 27.79 1.70
C VAL A 327 -26.15 28.85 0.72
N PHE A 328 -26.08 28.54 -0.56
CA PHE A 328 -25.74 29.54 -1.57
C PHE A 328 -26.89 30.49 -1.83
N SER A 329 -28.12 29.97 -1.88
CA SER A 329 -29.29 30.82 -2.12
C SER A 329 -29.59 31.72 -0.94
N ALA A 330 -29.26 31.26 0.28
CA ALA A 330 -29.54 32.07 1.47
C ALA A 330 -28.82 33.42 1.43
N LEU A 331 -27.64 33.47 0.80
CA LEU A 331 -26.89 34.72 0.74
C LEU A 331 -27.47 35.66 -0.33
N LEU A 332 -27.91 35.10 -1.47
CA LEU A 332 -28.54 35.93 -2.49
C LEU A 332 -29.84 36.53 -2.02
N GLU A 333 -30.56 35.83 -1.12
CA GLU A 333 -31.75 36.44 -0.53
C GLU A 333 -31.42 37.76 0.14
N TYR A 334 -30.39 37.78 0.98
CA TYR A 334 -30.03 39.04 1.64
C TYR A 334 -29.43 40.04 0.67
N ALA A 335 -28.74 39.57 -0.37
CA ALA A 335 -28.23 40.51 -1.38
C ALA A 335 -29.39 41.26 -2.04
N ALA A 336 -30.43 40.53 -2.43
CA ALA A 336 -31.61 41.17 -3.01
C ALA A 336 -32.29 42.11 -2.02
N VAL A 337 -32.43 41.68 -0.76
CA VAL A 337 -33.07 42.52 0.25
C VAL A 337 -32.29 43.81 0.45
N ASN A 338 -30.97 43.84 0.54
CA ASN A 338 -30.23 45.09 0.84
C ASN A 338 -30.34 46.13 -0.28
N PHE A 339 -30.36 45.70 -1.53
CA PHE A 339 -30.48 46.61 -2.69
C PHE A 339 -31.85 47.28 -2.74
N VAL A 340 -32.91 46.53 -2.53
CA VAL A 340 -34.29 47.09 -2.66
C VAL A 340 -34.47 48.16 -1.60
N SER A 341 -33.96 47.93 -0.40
CA SER A 341 -34.14 48.88 0.71
C SER A 341 -33.41 50.20 0.47
N ARG A 342 -32.17 50.15 0.03
CA ARG A 342 -31.35 51.37 -0.21
C ARG A 342 -31.96 52.17 -1.35
N GLN A 343 -32.68 51.54 -2.26
CA GLN A 343 -33.18 52.26 -3.45
C GLN A 343 -34.03 53.43 -2.97
N HIS A 344 -33.81 54.62 -3.52
CA HIS A 344 -34.53 55.84 -3.08
C HIS A 344 -35.02 56.62 -4.31
N LYS A 419 -41.11 54.60 1.92
CA LYS A 419 -41.84 53.68 2.78
C LYS A 419 -42.26 52.44 2.01
N VAL A 420 -42.63 52.61 0.74
CA VAL A 420 -43.06 51.45 -0.08
C VAL A 420 -41.84 50.54 -0.25
N PHE A 421 -40.67 51.12 -0.46
CA PHE A 421 -39.44 50.33 -0.67
C PHE A 421 -39.09 49.53 0.59
N ILE A 422 -39.30 50.08 1.77
CA ILE A 422 -38.86 49.39 3.01
C ILE A 422 -39.88 48.31 3.38
N ASP A 423 -41.12 48.42 2.90
CA ASP A 423 -42.11 47.37 3.12
C ASP A 423 -41.84 46.16 2.23
N ARG A 424 -41.47 46.40 0.97
CA ARG A 424 -41.19 45.31 0.04
C ARG A 424 -40.00 44.48 0.50
N ALA A 425 -38.98 45.14 1.05
CA ALA A 425 -37.81 44.42 1.55
C ALA A 425 -38.17 43.53 2.74
N LYS A 426 -39.01 44.03 3.64
CA LYS A 426 -39.42 43.24 4.80
C LYS A 426 -40.32 42.08 4.39
N LYS A 427 -41.13 42.27 3.34
CA LYS A 427 -41.99 41.20 2.86
C LYS A 427 -41.19 39.99 2.39
N ILE A 428 -40.05 40.24 1.74
CA ILE A 428 -39.20 39.15 1.27
C ILE A 428 -38.68 38.33 2.45
N ASP A 429 -38.24 39.01 3.51
CA ASP A 429 -37.75 38.29 4.69
C ASP A 429 -38.85 37.47 5.33
N THR A 430 -40.05 38.07 5.48
CA THR A 430 -41.15 37.35 6.11
C THR A 430 -41.57 36.14 5.27
N ILE A 431 -41.53 36.26 3.95
CA ILE A 431 -41.87 35.12 3.09
C ILE A 431 -40.80 34.03 3.21
N SER A 432 -39.52 34.43 3.13
CA SER A 432 -38.42 33.46 3.18
C SER A 432 -38.39 32.68 4.48
N ARG A 433 -38.74 33.33 5.60
CA ARG A 433 -38.73 32.68 6.91
C ARG A 433 -39.53 31.38 6.92
N ALA A 434 -40.64 31.33 6.19
CA ALA A 434 -41.42 30.11 6.07
C ALA A 434 -41.18 29.35 4.79
N CYS A 435 -40.68 30.01 3.73
CA CYS A 435 -40.52 29.35 2.45
C CYS A 435 -39.34 28.40 2.45
N PHE A 436 -38.20 28.81 3.03
CA PHE A 436 -37.01 27.97 2.96
C PHE A 436 -37.15 26.63 3.67
N PRO A 437 -37.61 26.55 4.93
CA PRO A 437 -37.77 25.22 5.55
C PRO A 437 -38.77 24.33 4.85
N LEU A 438 -39.82 24.89 4.24
CA LEU A 438 -40.80 24.08 3.55
C LEU A 438 -40.19 23.37 2.34
N ALA A 439 -39.44 24.12 1.53
CA ALA A 439 -38.77 23.51 0.38
C ALA A 439 -37.72 22.49 0.83
N PHE A 440 -37.01 22.78 1.92
CA PHE A 440 -36.05 21.81 2.44
C PHE A 440 -36.74 20.52 2.88
N LEU A 441 -37.90 20.64 3.55
CA LEU A 441 -38.63 19.46 3.99
C LEU A 441 -39.14 18.64 2.80
N ILE A 442 -39.65 19.33 1.77
CA ILE A 442 -40.11 18.63 0.58
C ILE A 442 -38.97 17.86 -0.07
N PHE A 443 -37.81 18.51 -0.20
CA PHE A 443 -36.64 17.83 -0.75
C PHE A 443 -36.25 16.64 0.11
N ASN A 444 -36.30 16.79 1.43
CA ASN A 444 -35.90 15.70 2.31
C ASN A 444 -36.79 14.48 2.13
N ILE A 445 -38.10 14.69 2.10
CA ILE A 445 -38.99 13.53 1.99
C ILE A 445 -38.87 12.90 0.60
N PHE A 446 -38.71 13.71 -0.45
CA PHE A 446 -38.49 13.16 -1.78
C PHE A 446 -37.20 12.37 -1.86
N TYR A 447 -36.14 12.87 -1.24
CA TYR A 447 -34.85 12.19 -1.26
C TYR A 447 -34.91 10.87 -0.51
N TRP A 448 -35.55 10.86 0.66
CA TRP A 448 -35.53 9.66 1.48
C TRP A 448 -36.47 8.57 0.97
N VAL A 449 -37.64 8.91 0.42
CA VAL A 449 -38.52 7.85 -0.03
C VAL A 449 -37.97 7.09 -1.23
N ILE A 450 -37.32 7.77 -2.18
CA ILE A 450 -36.82 7.10 -3.38
C ILE A 450 -35.57 6.28 -3.13
N TYR A 451 -34.89 6.49 -2.00
CA TYR A 451 -33.73 5.68 -1.66
C TYR A 451 -34.00 4.64 -0.59
N LYS A 452 -35.09 4.76 0.16
CA LYS A 452 -35.46 3.73 1.12
C LYS A 452 -36.63 2.87 0.68
N ILE A 453 -37.30 3.20 -0.42
CA ILE A 453 -38.40 2.40 -0.94
C ILE A 453 -38.11 1.88 -2.34
N LEU A 454 -37.69 2.77 -3.25
CA LEU A 454 -37.34 2.35 -4.60
C LEU A 454 -35.92 1.79 -4.64
N ARG A 455 -35.67 0.74 -3.85
CA ARG A 455 -34.35 0.18 -3.71
C ARG A 455 -34.25 -1.29 -4.09
N HIS A 456 -35.36 -1.98 -4.29
CA HIS A 456 -35.34 -3.39 -4.64
C HIS A 456 -34.85 -3.57 -6.08
N MET B 41 -8.05 -50.03 -26.55
CA MET B 41 -6.69 -49.67 -26.15
C MET B 41 -6.69 -48.40 -25.31
N SER B 42 -5.74 -48.32 -24.39
CA SER B 42 -5.65 -47.15 -23.51
C SER B 42 -5.20 -45.92 -24.31
N PRO B 43 -5.91 -44.80 -24.18
CA PRO B 43 -5.46 -43.58 -24.86
C PRO B 43 -4.07 -43.13 -24.44
N SER B 44 -3.71 -43.30 -23.16
CA SER B 44 -2.36 -42.96 -22.72
C SER B 44 -1.32 -43.86 -23.38
N ASP B 45 -1.61 -45.15 -23.48
CA ASP B 45 -0.70 -46.06 -24.16
C ASP B 45 -0.56 -45.73 -25.65
N PHE B 46 -1.66 -45.34 -26.29
CA PHE B 46 -1.59 -44.91 -27.69
C PHE B 46 -0.76 -43.64 -27.84
N LEU B 47 -0.92 -42.68 -26.91
CA LEU B 47 -0.12 -41.47 -26.96
C LEU B 47 1.36 -41.77 -26.74
N ASP B 48 1.65 -42.75 -25.88
CA ASP B 48 3.04 -43.16 -25.70
C ASP B 48 3.63 -43.71 -26.99
N LYS B 49 2.87 -44.55 -27.71
CA LYS B 49 3.35 -45.05 -28.98
C LYS B 49 3.51 -43.93 -30.00
N LEU B 50 2.63 -42.92 -29.94
CA LEU B 50 2.67 -41.84 -30.91
C LEU B 50 3.86 -40.91 -30.67
N MET B 51 4.22 -40.67 -29.40
CA MET B 51 5.23 -39.65 -29.08
C MET B 51 6.39 -40.19 -28.24
N GLY B 52 6.70 -41.49 -28.36
CA GLY B 52 7.83 -42.06 -27.67
C GLY B 52 9.10 -42.11 -28.50
N ARG B 53 10.14 -42.71 -27.88
CA ARG B 53 11.43 -42.84 -28.53
C ARG B 53 11.36 -43.77 -29.75
N THR B 54 10.51 -44.78 -29.69
CA THR B 54 10.31 -45.64 -30.86
C THR B 54 9.73 -44.86 -32.02
N SER B 55 8.79 -43.95 -31.76
CA SER B 55 8.27 -43.09 -32.80
C SER B 55 9.34 -42.11 -33.28
N GLY B 56 10.18 -41.63 -32.37
CA GLY B 56 11.22 -40.68 -32.75
C GLY B 56 10.78 -39.23 -32.81
N TYR B 57 9.66 -38.89 -32.20
CA TYR B 57 9.20 -37.51 -32.18
C TYR B 57 10.17 -36.66 -31.37
N ASP B 58 10.56 -35.51 -31.93
CA ASP B 58 11.47 -34.58 -31.27
C ASP B 58 10.71 -33.30 -30.95
N ALA B 59 10.62 -32.95 -29.66
CA ALA B 59 9.88 -31.78 -29.24
C ALA B 59 10.62 -30.48 -29.52
N ARG B 60 11.91 -30.54 -29.83
CA ARG B 60 12.69 -29.34 -30.13
C ARG B 60 12.74 -29.01 -31.61
N ILE B 61 12.05 -29.78 -32.46
CA ILE B 61 12.01 -29.55 -33.90
C ILE B 61 10.59 -29.14 -34.26
N ARG B 62 10.46 -27.99 -34.91
CA ARG B 62 9.16 -27.47 -35.28
C ARG B 62 8.55 -28.31 -36.41
N PRO B 63 7.22 -28.32 -36.53
CA PRO B 63 6.59 -29.02 -37.66
C PRO B 63 6.99 -28.40 -38.99
N ASN B 64 7.10 -29.25 -40.00
CA ASN B 64 7.53 -28.86 -41.34
C ASN B 64 8.88 -28.14 -41.28
N PHE B 65 9.87 -28.86 -40.71
CA PHE B 65 11.18 -28.27 -40.42
C PHE B 65 11.91 -27.82 -41.68
N LYS B 66 11.60 -28.39 -42.84
CA LYS B 66 12.31 -28.08 -44.06
C LYS B 66 11.63 -27.02 -44.91
N GLY B 67 10.30 -26.94 -44.89
CA GLY B 67 9.57 -26.15 -45.85
C GLY B 67 8.85 -24.94 -45.28
N PRO B 68 7.54 -24.88 -45.53
CA PRO B 68 6.80 -23.64 -45.23
C PRO B 68 6.68 -23.41 -43.74
N PRO B 69 6.48 -22.17 -43.32
CA PRO B 69 6.38 -21.87 -41.89
C PRO B 69 5.09 -22.39 -41.27
N VAL B 70 5.08 -22.39 -39.94
CA VAL B 70 3.92 -22.85 -39.18
C VAL B 70 2.96 -21.69 -38.99
N ASN B 71 1.67 -21.92 -39.24
CA ASN B 71 0.64 -20.91 -39.08
C ASN B 71 -0.15 -21.21 -37.81
N VAL B 72 -0.21 -20.23 -36.91
CA VAL B 72 -0.88 -20.38 -35.62
C VAL B 72 -2.03 -19.38 -35.56
N THR B 73 -3.21 -19.89 -35.22
CA THR B 73 -4.40 -19.07 -35.08
C THR B 73 -4.72 -18.87 -33.59
N CYS B 74 -5.00 -17.64 -33.20
CA CYS B 74 -5.10 -17.27 -31.80
C CYS B 74 -6.47 -16.68 -31.47
N ASN B 75 -6.98 -17.05 -30.30
CA ASN B 75 -8.19 -16.46 -29.73
C ASN B 75 -7.89 -16.02 -28.31
N ILE B 76 -8.57 -14.95 -27.88
CA ILE B 76 -8.42 -14.42 -26.54
C ILE B 76 -9.79 -14.14 -25.96
N PHE B 77 -10.08 -14.69 -24.78
CA PHE B 77 -11.30 -14.42 -24.05
C PHE B 77 -10.93 -13.75 -22.73
N ILE B 78 -11.46 -12.55 -22.50
CA ILE B 78 -11.12 -11.76 -21.33
C ILE B 78 -12.16 -12.02 -20.24
N ASN B 79 -11.69 -12.44 -19.06
CA ASN B 79 -12.56 -12.73 -17.94
C ASN B 79 -12.72 -11.54 -17.00
N SER B 80 -11.62 -10.83 -16.72
CA SER B 80 -11.66 -9.66 -15.85
C SER B 80 -10.77 -8.58 -16.44
N PHE B 81 -11.05 -7.34 -16.05
CA PHE B 81 -10.36 -6.18 -16.58
C PHE B 81 -10.42 -5.07 -15.54
N GLY B 82 -9.27 -4.56 -15.13
CA GLY B 82 -9.28 -3.50 -14.14
C GLY B 82 -7.89 -3.23 -13.61
N SER B 83 -7.85 -2.64 -12.41
CA SER B 83 -6.62 -2.25 -11.73
C SER B 83 -5.78 -1.30 -12.58
N ILE B 84 -6.44 -0.33 -13.20
CA ILE B 84 -5.75 0.66 -14.03
C ILE B 84 -5.17 1.74 -13.12
N ALA B 85 -3.86 1.91 -13.17
CA ALA B 85 -3.16 2.85 -12.31
C ALA B 85 -2.26 3.75 -13.14
N GLU B 86 -2.21 5.02 -12.76
CA GLU B 86 -1.35 5.99 -13.43
C GLU B 86 0.01 6.14 -12.78
N THR B 87 0.16 5.72 -11.52
CA THR B 87 1.45 5.79 -10.86
C THR B 87 2.44 4.80 -11.48
N THR B 88 1.96 3.62 -11.87
CA THR B 88 2.79 2.61 -12.50
C THR B 88 2.53 2.44 -13.99
N MET B 89 1.50 3.09 -14.50
CA MET B 89 1.17 3.01 -15.94
C MET B 89 0.97 1.56 -16.37
N ASP B 90 -0.03 0.86 -15.84
CA ASP B 90 -0.28 -0.53 -16.19
C ASP B 90 -1.72 -0.88 -15.80
N TYR B 91 -2.15 -2.05 -16.29
CA TYR B 91 -3.47 -2.58 -15.99
C TYR B 91 -3.38 -4.10 -15.91
N ARG B 92 -4.39 -4.70 -15.29
CA ARG B 92 -4.40 -6.12 -15.00
C ARG B 92 -5.54 -6.81 -15.74
N VAL B 93 -5.25 -7.97 -16.33
CA VAL B 93 -6.26 -8.75 -17.04
C VAL B 93 -6.14 -10.22 -16.64
N ASN B 94 -7.23 -10.94 -16.80
CA ASN B 94 -7.28 -12.40 -16.64
C ASN B 94 -7.95 -12.97 -17.87
N ILE B 95 -7.20 -13.73 -18.66
CA ILE B 95 -7.64 -14.09 -20.01
C ILE B 95 -7.56 -15.59 -20.22
N PHE B 96 -8.25 -16.05 -21.26
CA PHE B 96 -8.13 -17.38 -21.81
C PHE B 96 -7.45 -17.26 -23.17
N LEU B 97 -6.35 -17.99 -23.35
CA LEU B 97 -5.59 -17.96 -24.59
C LEU B 97 -5.69 -19.31 -25.28
N ARG B 98 -6.06 -19.31 -26.55
CA ARG B 98 -6.20 -20.53 -27.33
C ARG B 98 -5.37 -20.42 -28.61
N GLN B 99 -4.57 -21.45 -28.89
CA GLN B 99 -3.74 -21.51 -30.08
C GLN B 99 -4.03 -22.79 -30.83
N LYS B 100 -4.06 -22.70 -32.16
CA LYS B 100 -4.32 -23.85 -33.02
C LYS B 100 -3.29 -23.90 -34.14
N TRP B 101 -2.72 -25.08 -34.36
CA TRP B 101 -1.76 -25.29 -35.45
C TRP B 101 -1.79 -26.75 -35.84
N ASN B 102 -1.20 -27.05 -36.99
CA ASN B 102 -1.21 -28.39 -37.55
C ASN B 102 0.17 -29.02 -37.44
N ASP B 103 0.21 -30.24 -36.90
CA ASP B 103 1.45 -31.01 -36.77
C ASP B 103 1.29 -32.32 -37.52
N PRO B 104 1.89 -32.46 -38.72
CA PRO B 104 1.71 -33.70 -39.50
C PRO B 104 2.31 -34.93 -38.85
N ARG B 105 3.24 -34.78 -37.91
CA ARG B 105 3.84 -35.94 -37.25
C ARG B 105 2.91 -36.58 -36.23
N LEU B 106 1.82 -35.91 -35.87
CA LEU B 106 0.89 -36.41 -34.86
C LEU B 106 -0.37 -37.01 -35.44
N ALA B 107 -0.45 -37.14 -36.76
CA ALA B 107 -1.63 -37.73 -37.39
C ALA B 107 -1.70 -39.22 -37.06
N TYR B 108 -2.92 -39.69 -36.81
CA TYR B 108 -3.16 -41.09 -36.47
C TYR B 108 -4.42 -41.57 -37.15
N SER B 109 -4.48 -42.87 -37.42
CA SER B 109 -5.64 -43.49 -38.04
C SER B 109 -6.10 -44.77 -37.37
N GLU B 110 -5.26 -45.42 -36.56
CA GLU B 110 -5.63 -46.70 -35.97
C GLU B 110 -6.69 -46.53 -34.88
N TYR B 111 -6.55 -45.51 -34.06
CA TYR B 111 -7.43 -45.35 -32.90
C TYR B 111 -8.82 -44.88 -33.35
N PRO B 112 -9.89 -45.55 -32.90
CA PRO B 112 -11.23 -45.14 -33.35
C PRO B 112 -11.63 -43.74 -32.91
N ASP B 113 -11.14 -43.26 -31.77
CA ASP B 113 -11.54 -41.96 -31.26
C ASP B 113 -11.04 -40.83 -32.16
N ASP B 114 -11.87 -39.81 -32.33
CA ASP B 114 -11.55 -38.69 -33.21
C ASP B 114 -10.70 -37.63 -32.52
N SER B 115 -10.53 -37.70 -31.21
CA SER B 115 -9.71 -36.72 -30.49
C SER B 115 -9.02 -37.41 -29.32
N LEU B 116 -7.87 -36.87 -28.95
CA LEU B 116 -7.08 -37.39 -27.84
C LEU B 116 -6.68 -36.24 -26.94
N ASP B 117 -6.67 -36.50 -25.63
CA ASP B 117 -6.36 -35.49 -24.63
C ASP B 117 -5.03 -35.84 -23.95
N LEU B 118 -4.18 -34.84 -23.79
CA LEU B 118 -2.85 -35.03 -23.22
C LEU B 118 -2.82 -34.56 -21.78
N ASP B 119 -2.08 -35.27 -20.94
CA ASP B 119 -1.94 -34.89 -19.54
C ASP B 119 -1.14 -33.59 -19.43
N PRO B 120 -1.58 -32.60 -18.61
CA PRO B 120 -0.82 -31.37 -18.40
C PRO B 120 0.58 -31.59 -17.80
N SER B 121 0.80 -32.73 -17.14
CA SER B 121 2.12 -32.96 -16.55
C SER B 121 3.15 -33.35 -17.60
N MET B 122 2.70 -33.81 -18.77
CA MET B 122 3.59 -34.26 -19.84
C MET B 122 3.62 -33.29 -21.02
N LEU B 123 3.23 -32.04 -20.80
CA LEU B 123 3.17 -31.06 -21.89
C LEU B 123 4.54 -30.74 -22.48
N ASP B 124 5.62 -31.09 -21.79
CA ASP B 124 6.96 -30.83 -22.29
C ASP B 124 7.41 -31.83 -23.35
N SER B 125 6.61 -32.85 -23.62
CA SER B 125 6.94 -33.87 -24.63
C SER B 125 6.42 -33.51 -26.01
N ILE B 126 5.80 -32.34 -26.17
CA ILE B 126 5.23 -31.92 -27.44
C ILE B 126 5.77 -30.53 -27.78
N TRP B 127 5.78 -30.22 -29.08
CA TRP B 127 6.25 -28.91 -29.54
C TRP B 127 5.14 -27.89 -29.39
N LYS B 128 5.48 -26.73 -28.81
CA LYS B 128 4.55 -25.63 -28.65
C LYS B 128 5.21 -24.34 -29.11
N PRO B 129 4.43 -23.39 -29.64
CA PRO B 129 5.01 -22.11 -30.04
C PRO B 129 5.54 -21.33 -28.84
N ASP B 130 6.56 -20.52 -29.10
CA ASP B 130 7.20 -19.72 -28.05
C ASP B 130 6.61 -18.32 -28.03
N LEU B 131 5.31 -18.25 -27.76
CA LEU B 131 4.61 -16.99 -27.68
C LEU B 131 4.95 -16.26 -26.38
N PHE B 132 5.02 -14.94 -26.45
CA PHE B 132 5.18 -14.13 -25.26
C PHE B 132 4.58 -12.76 -25.51
N PHE B 133 4.27 -12.06 -24.42
CA PHE B 133 3.65 -10.75 -24.49
C PHE B 133 4.71 -9.66 -24.38
N ALA B 134 4.75 -8.78 -25.38
CA ALA B 134 5.86 -7.83 -25.49
C ALA B 134 5.79 -6.74 -24.41
N ASN B 135 4.59 -6.24 -24.12
CA ASN B 135 4.42 -5.14 -23.16
C ASN B 135 4.01 -5.66 -21.79
N GLU B 136 4.49 -6.83 -21.40
CA GLU B 136 4.11 -7.49 -20.16
C GLU B 136 5.14 -7.21 -19.07
N LYS B 137 4.65 -6.90 -17.87
CA LYS B 137 5.51 -6.68 -16.71
C LYS B 137 5.40 -7.77 -15.65
N GLY B 138 4.42 -8.67 -15.76
CA GLY B 138 4.25 -9.73 -14.79
C GLY B 138 3.18 -10.71 -15.21
N ALA B 139 3.44 -12.01 -15.06
CA ALA B 139 2.48 -13.02 -15.48
C ALA B 139 2.67 -14.28 -14.66
N ASN B 140 1.60 -15.08 -14.58
CA ASN B 140 1.64 -16.35 -13.86
C ASN B 140 0.50 -17.24 -14.36
N PHE B 141 0.64 -18.53 -14.12
CA PHE B 141 -0.40 -19.50 -14.53
C PHE B 141 -1.28 -19.80 -13.31
N HIS B 142 -2.33 -20.60 -13.49
CA HIS B 142 -3.27 -20.90 -12.38
C HIS B 142 -3.24 -22.40 -12.04
N GLU B 143 -3.07 -22.74 -10.77
CA GLU B 143 -2.93 -24.16 -10.37
C GLU B 143 -4.00 -24.62 -9.37
N VAL B 144 -5.03 -23.82 -9.08
CA VAL B 144 -6.00 -24.22 -8.00
C VAL B 144 -6.70 -25.50 -8.44
N THR B 145 -6.78 -26.47 -7.52
CA THR B 145 -7.26 -27.83 -7.88
C THR B 145 -6.25 -28.34 -8.93
N THR B 146 -6.68 -28.68 -10.13
CA THR B 146 -5.74 -29.13 -11.19
C THR B 146 -5.14 -27.94 -11.93
N ASP B 147 -4.06 -28.14 -12.70
CA ASP B 147 -3.48 -27.06 -13.53
C ASP B 147 -4.50 -26.64 -14.60
N ASN B 148 -4.64 -25.33 -14.82
CA ASN B 148 -5.65 -24.82 -15.78
C ASN B 148 -5.06 -24.80 -17.19
N LYS B 149 -4.85 -25.98 -17.79
CA LYS B 149 -4.27 -26.09 -19.16
C LYS B 149 -4.95 -27.25 -19.88
N LEU B 150 -5.00 -27.22 -21.21
CA LEU B 150 -5.68 -28.28 -21.99
C LEU B 150 -5.04 -28.40 -23.37
N LEU B 151 -4.80 -29.62 -23.85
CA LEU B 151 -4.22 -29.88 -25.15
C LEU B 151 -4.94 -31.05 -25.80
N ARG B 152 -5.41 -30.85 -27.02
CA ARG B 152 -6.18 -31.86 -27.74
C ARG B 152 -5.58 -32.07 -29.12
N ILE B 153 -5.52 -33.33 -29.55
CA ILE B 153 -4.95 -33.72 -30.83
C ILE B 153 -6.02 -34.45 -31.63
N PHE B 154 -6.23 -34.02 -32.87
CA PHE B 154 -7.25 -34.62 -33.73
C PHE B 154 -6.60 -35.60 -34.70
N LYS B 155 -7.45 -36.26 -35.50
CA LYS B 155 -6.98 -37.31 -36.39
C LYS B 155 -6.06 -36.76 -37.47
N ASN B 156 -6.41 -35.60 -38.05
CA ASN B 156 -5.61 -35.03 -39.12
C ASN B 156 -4.29 -34.42 -38.62
N GLY B 157 -4.13 -34.29 -37.30
CA GLY B 157 -2.91 -33.73 -36.74
C GLY B 157 -3.06 -32.33 -36.17
N ASN B 158 -4.25 -31.75 -36.21
CA ASN B 158 -4.44 -30.41 -35.65
C ASN B 158 -4.34 -30.45 -34.13
N VAL B 159 -3.78 -29.38 -33.56
CA VAL B 159 -3.55 -29.27 -32.13
C VAL B 159 -4.30 -28.05 -31.61
N LEU B 160 -5.04 -28.24 -30.52
CA LEU B 160 -5.71 -27.16 -29.82
C LEU B 160 -5.11 -27.05 -28.42
N TYR B 161 -4.68 -25.83 -28.06
CA TYR B 161 -3.95 -25.61 -26.82
C TYR B 161 -4.54 -24.40 -26.11
N SER B 162 -5.35 -24.63 -25.08
CA SER B 162 -6.02 -23.57 -24.34
C SER B 162 -5.48 -23.51 -22.92
N ILE B 163 -5.06 -22.32 -22.50
CA ILE B 163 -4.47 -22.09 -21.18
C ILE B 163 -5.03 -20.81 -20.58
N ARG B 164 -4.95 -20.71 -19.26
CA ARG B 164 -5.47 -19.57 -18.50
C ARG B 164 -4.34 -18.93 -17.73
N LEU B 165 -4.28 -17.59 -17.76
CA LEU B 165 -3.17 -16.88 -17.13
C LEU B 165 -3.59 -15.46 -16.81
N THR B 166 -2.81 -14.83 -15.93
CA THR B 166 -3.04 -13.45 -15.48
C THR B 166 -1.86 -12.58 -15.91
N LEU B 167 -2.16 -11.40 -16.43
CA LEU B 167 -1.13 -10.50 -16.96
C LEU B 167 -1.16 -9.16 -16.24
N THR B 168 -0.02 -8.48 -16.29
CA THR B 168 0.11 -7.08 -15.88
C THR B 168 0.78 -6.36 -17.06
N LEU B 169 -0.03 -5.72 -17.90
CA LEU B 169 0.46 -5.09 -19.12
C LEU B 169 0.58 -3.58 -18.90
N SER B 170 1.64 -3.01 -19.47
CA SER B 170 1.93 -1.59 -19.32
C SER B 170 1.28 -0.78 -20.43
N CYS B 171 0.75 0.38 -20.07
CA CYS B 171 0.16 1.30 -21.03
C CYS B 171 0.50 2.74 -20.67
N PRO B 172 1.23 3.47 -21.52
CA PRO B 172 1.45 4.89 -21.27
C PRO B 172 0.15 5.68 -21.32
N MET B 173 0.06 6.69 -20.47
CA MET B 173 -1.10 7.57 -20.41
C MET B 173 -0.66 9.02 -20.49
N ASP B 174 -1.52 9.86 -21.04
CA ASP B 174 -1.21 11.27 -21.25
C ASP B 174 -1.72 12.14 -20.11
N LEU B 175 -3.02 12.08 -19.82
CA LEU B 175 -3.68 12.85 -18.76
C LEU B 175 -3.54 14.35 -18.96
N LYS B 176 -3.30 14.80 -20.19
CA LYS B 176 -3.18 16.23 -20.44
C LYS B 176 -4.54 16.94 -20.41
N ASN B 177 -5.62 16.21 -20.62
CA ASN B 177 -6.99 16.73 -20.56
C ASN B 177 -7.78 15.95 -19.54
N PHE B 178 -7.21 15.77 -18.34
CA PHE B 178 -7.57 14.66 -17.45
C PHE B 178 -9.06 14.45 -17.21
N PRO B 179 -9.88 15.48 -16.93
CA PRO B 179 -11.31 15.20 -16.78
C PRO B 179 -11.96 14.65 -18.04
N MET B 180 -11.51 15.09 -19.21
CA MET B 180 -12.07 14.65 -20.50
C MET B 180 -10.94 14.05 -21.32
N ASP B 181 -10.67 12.77 -21.10
CA ASP B 181 -9.55 12.11 -21.76
C ASP B 181 -9.96 10.71 -22.20
N VAL B 182 -9.34 10.25 -23.27
CA VAL B 182 -9.55 8.91 -23.80
C VAL B 182 -8.19 8.23 -23.88
N GLN B 183 -8.10 7.01 -23.34
CA GLN B 183 -6.86 6.26 -23.29
C GLN B 183 -7.00 4.99 -24.12
N THR B 184 -5.89 4.55 -24.69
CA THR B 184 -5.85 3.34 -25.51
C THR B 184 -4.88 2.34 -24.88
N CYS B 185 -5.36 1.13 -24.65
CA CYS B 185 -4.56 0.06 -24.06
C CYS B 185 -4.36 -1.04 -25.10
N ILE B 186 -3.12 -1.48 -25.28
CA ILE B 186 -2.78 -2.46 -26.31
C ILE B 186 -2.35 -3.77 -25.65
N MET B 187 -2.21 -4.79 -26.47
CA MET B 187 -1.78 -6.11 -26.01
C MET B 187 -1.10 -6.80 -27.19
N GLN B 188 0.22 -7.00 -27.09
CA GLN B 188 1.03 -7.50 -28.19
C GLN B 188 1.41 -8.95 -27.95
N LEU B 189 1.21 -9.79 -28.96
CA LEU B 189 1.59 -11.19 -28.92
C LEU B 189 2.73 -11.40 -29.91
N GLU B 190 3.87 -11.89 -29.42
CA GLU B 190 5.07 -11.96 -30.22
C GLU B 190 5.77 -13.30 -30.02
N SER B 191 6.61 -13.66 -31.00
CA SER B 191 7.46 -14.83 -30.91
C SER B 191 8.85 -14.42 -30.43
N PHE B 192 9.48 -15.29 -29.66
CA PHE B 192 10.74 -14.93 -29.02
C PHE B 192 11.93 -15.19 -29.94
N GLY B 193 11.98 -16.35 -30.57
CA GLY B 193 13.16 -16.70 -31.35
C GLY B 193 12.90 -17.36 -32.69
N TYR B 194 11.77 -17.03 -33.33
CA TYR B 194 11.44 -17.58 -34.63
C TYR B 194 11.12 -16.44 -35.59
N THR B 195 11.72 -16.47 -36.77
CA THR B 195 11.50 -15.45 -37.78
C THR B 195 10.25 -15.77 -38.60
N MET B 196 9.92 -14.85 -39.51
CA MET B 196 8.69 -14.98 -40.29
C MET B 196 8.72 -16.17 -41.25
N ASN B 197 9.89 -16.69 -41.59
CA ASN B 197 9.96 -17.87 -42.44
C ASN B 197 9.83 -19.17 -41.66
N ASP B 198 9.62 -19.09 -40.35
CA ASP B 198 9.42 -20.27 -39.51
C ASP B 198 8.10 -20.24 -38.76
N LEU B 199 7.67 -19.08 -38.27
CA LEU B 199 6.47 -18.97 -37.45
C LEU B 199 5.68 -17.74 -37.85
N ILE B 200 4.37 -17.89 -37.99
CA ILE B 200 3.47 -16.80 -38.35
C ILE B 200 2.26 -16.85 -37.42
N PHE B 201 1.89 -15.70 -36.85
CA PHE B 201 0.71 -15.58 -36.00
C PHE B 201 -0.40 -14.88 -36.74
N GLU B 202 -1.62 -15.41 -36.62
CA GLU B 202 -2.80 -14.82 -37.25
C GLU B 202 -3.95 -14.80 -36.26
N TRP B 203 -4.83 -13.82 -36.43
CA TRP B 203 -6.06 -13.77 -35.65
C TRP B 203 -7.12 -14.66 -36.28
N GLN B 204 -8.11 -15.05 -35.48
CA GLN B 204 -9.23 -15.79 -36.01
C GLN B 204 -10.09 -14.91 -36.90
N ASP B 205 -10.89 -15.55 -37.76
CA ASP B 205 -11.79 -14.80 -38.61
C ASP B 205 -13.09 -14.46 -37.90
N GLU B 206 -13.58 -15.38 -37.05
CA GLU B 206 -14.91 -15.20 -36.47
C GLU B 206 -14.90 -14.24 -35.29
N ALA B 207 -14.17 -14.57 -34.22
CA ALA B 207 -14.12 -13.73 -33.02
C ALA B 207 -12.80 -13.92 -32.30
N PRO B 208 -11.77 -13.15 -32.69
CA PRO B 208 -10.49 -13.19 -31.95
C PRO B 208 -10.64 -12.88 -30.48
N VAL B 209 -11.24 -11.73 -30.17
CA VAL B 209 -11.27 -11.19 -28.82
C VAL B 209 -12.72 -11.07 -28.38
N GLN B 210 -13.02 -11.61 -27.20
CA GLN B 210 -14.33 -11.51 -26.59
C GLN B 210 -14.16 -11.10 -25.13
N VAL B 211 -15.16 -10.39 -24.61
CA VAL B 211 -15.17 -9.89 -23.24
C VAL B 211 -16.42 -10.42 -22.55
N ALA B 212 -16.23 -10.96 -21.34
CA ALA B 212 -17.36 -11.44 -20.55
C ALA B 212 -18.29 -10.29 -20.18
N GLU B 213 -19.59 -10.59 -20.15
CA GLU B 213 -20.59 -9.57 -19.85
C GLU B 213 -20.61 -9.25 -18.36
N GLY B 214 -21.01 -8.03 -18.04
CA GLY B 214 -21.15 -7.60 -16.66
C GLY B 214 -19.92 -6.97 -16.05
N LEU B 215 -18.83 -6.83 -16.79
CA LEU B 215 -17.64 -6.20 -16.24
C LEU B 215 -17.85 -4.70 -16.07
N THR B 216 -17.43 -4.18 -14.92
CA THR B 216 -17.54 -2.77 -14.61
C THR B 216 -16.18 -2.22 -14.19
N LEU B 217 -16.01 -0.92 -14.36
CA LEU B 217 -14.79 -0.24 -13.97
C LEU B 217 -15.12 0.97 -13.11
N PRO B 218 -14.40 1.17 -12.01
CA PRO B 218 -14.73 2.30 -11.11
C PRO B 218 -14.51 3.67 -11.74
N GLN B 219 -13.64 3.78 -12.75
CA GLN B 219 -13.27 5.08 -13.29
C GLN B 219 -13.46 5.22 -14.79
N PHE B 220 -13.44 4.13 -15.55
CA PHE B 220 -13.45 4.20 -17.00
C PHE B 220 -14.64 3.44 -17.57
N LEU B 221 -14.83 3.59 -18.87
CA LEU B 221 -15.82 2.84 -19.63
C LEU B 221 -15.12 2.19 -20.82
N LEU B 222 -15.30 0.88 -20.96
CA LEU B 222 -14.66 0.12 -22.03
C LEU B 222 -15.59 0.06 -23.24
N LYS B 223 -15.15 0.64 -24.35
CA LYS B 223 -15.95 0.63 -25.56
C LYS B 223 -15.98 -0.76 -26.18
N GLU B 224 -17.05 -1.04 -26.93
CA GLU B 224 -17.25 -2.36 -27.49
C GLU B 224 -16.45 -2.61 -28.76
N GLU B 225 -15.87 -1.57 -29.35
CA GLU B 225 -15.11 -1.71 -30.58
C GLU B 225 -13.65 -2.01 -30.28
N LYS B 226 -13.08 -2.97 -30.99
CA LYS B 226 -11.68 -3.34 -30.84
C LYS B 226 -11.02 -3.42 -32.20
N ASP B 227 -9.70 -3.19 -32.21
CA ASP B 227 -8.91 -3.17 -33.43
C ASP B 227 -7.93 -4.33 -33.45
N LEU B 228 -7.73 -4.91 -34.63
CA LEU B 228 -6.74 -5.96 -34.84
C LEU B 228 -5.70 -5.45 -35.83
N ARG B 229 -4.43 -5.51 -35.43
CA ARG B 229 -3.34 -4.90 -36.19
C ARG B 229 -2.27 -5.94 -36.50
N TYR B 230 -1.28 -5.51 -37.29
CA TYR B 230 -0.12 -6.34 -37.64
C TYR B 230 1.12 -5.50 -37.36
N CYS B 231 1.62 -5.58 -36.12
CA CYS B 231 2.78 -4.79 -35.72
C CYS B 231 4.06 -5.63 -35.85
N THR B 232 4.36 -6.00 -37.10
CA THR B 232 5.53 -6.82 -37.37
C THR B 232 6.82 -6.07 -37.03
N LYS B 233 7.73 -6.76 -36.36
CA LYS B 233 9.00 -6.18 -35.93
C LYS B 233 10.08 -6.47 -36.96
N HIS B 234 10.91 -5.47 -37.23
CA HIS B 234 12.05 -5.60 -38.14
C HIS B 234 13.33 -5.37 -37.36
N TYR B 235 14.15 -6.40 -37.24
CA TYR B 235 15.42 -6.34 -36.54
C TYR B 235 16.55 -6.69 -37.50
N ASN B 236 17.77 -6.72 -36.97
CA ASN B 236 18.92 -7.15 -37.76
C ASN B 236 18.81 -8.63 -38.15
N THR B 237 18.32 -9.46 -37.23
CA THR B 237 18.17 -10.88 -37.50
C THR B 237 17.15 -11.13 -38.61
N GLY B 238 16.02 -10.44 -38.55
CA GLY B 238 14.98 -10.63 -39.54
C GLY B 238 13.64 -10.14 -39.01
N LYS B 239 12.60 -10.49 -39.75
CA LYS B 239 11.24 -10.12 -39.38
C LYS B 239 10.67 -11.12 -38.38
N PHE B 240 9.99 -10.59 -37.36
CA PHE B 240 9.37 -11.41 -36.33
C PHE B 240 7.88 -11.14 -36.29
N THR B 241 7.08 -12.20 -36.23
CA THR B 241 5.64 -12.07 -36.24
C THR B 241 5.14 -11.41 -34.95
N CYS B 242 4.09 -10.60 -35.09
CA CYS B 242 3.49 -9.92 -33.96
C CYS B 242 2.09 -9.42 -34.30
N ILE B 243 1.11 -9.72 -33.45
CA ILE B 243 -0.25 -9.25 -33.64
C ILE B 243 -0.64 -8.40 -32.43
N GLU B 244 -1.60 -7.52 -32.63
CA GLU B 244 -1.93 -6.51 -31.63
C GLU B 244 -3.44 -6.33 -31.54
N VAL B 245 -3.92 -5.96 -30.36
CA VAL B 245 -5.29 -5.54 -30.15
C VAL B 245 -5.28 -4.23 -29.39
N ARG B 246 -6.33 -3.44 -29.59
CA ARG B 246 -6.44 -2.12 -28.99
C ARG B 246 -7.79 -2.00 -28.29
N PHE B 247 -7.78 -1.43 -27.08
CA PHE B 247 -8.98 -1.18 -26.31
C PHE B 247 -9.09 0.31 -26.04
N HIS B 248 -10.29 0.85 -26.22
CA HIS B 248 -10.55 2.28 -26.02
C HIS B 248 -11.32 2.47 -24.72
N LEU B 249 -10.82 3.36 -23.87
CA LEU B 249 -11.39 3.63 -22.56
C LEU B 249 -11.78 5.09 -22.46
N GLU B 250 -13.00 5.36 -22.01
CA GLU B 250 -13.49 6.70 -21.81
C GLU B 250 -13.79 6.93 -20.34
N ARG B 251 -13.38 8.08 -19.82
CA ARG B 251 -13.60 8.42 -18.42
C ARG B 251 -14.91 9.14 -18.23
N GLN B 252 -15.64 8.75 -17.19
CA GLN B 252 -16.90 9.41 -16.87
C GLN B 252 -16.64 10.73 -16.16
N MET B 253 -17.63 11.63 -16.21
CA MET B 253 -17.46 13.01 -15.76
C MET B 253 -18.47 13.45 -14.71
N GLY B 254 -19.38 12.59 -14.27
CA GLY B 254 -20.44 13.03 -13.38
C GLY B 254 -19.93 13.48 -12.03
N TYR B 255 -19.04 12.71 -11.42
CA TYR B 255 -18.51 13.07 -10.10
C TYR B 255 -17.72 14.38 -10.17
N TYR B 256 -16.87 14.53 -11.19
CA TYR B 256 -16.09 15.75 -11.32
C TYR B 256 -16.99 16.96 -11.56
N LEU B 257 -17.99 16.81 -12.42
CA LEU B 257 -18.93 17.91 -12.69
C LEU B 257 -19.68 18.32 -11.43
N ILE B 258 -20.14 17.34 -10.65
CA ILE B 258 -20.96 17.69 -9.50
C ILE B 258 -20.13 18.11 -8.29
N GLN B 259 -18.83 17.79 -8.24
CA GLN B 259 -18.07 18.08 -7.04
C GLN B 259 -16.97 19.13 -7.20
N MET B 260 -16.54 19.44 -8.43
CA MET B 260 -15.48 20.41 -8.61
C MET B 260 -15.90 21.61 -9.44
N TYR B 261 -16.56 21.39 -10.58
CA TYR B 261 -16.87 22.49 -11.48
C TYR B 261 -18.01 23.34 -10.94
N ILE B 262 -19.06 22.70 -10.42
CA ILE B 262 -20.22 23.47 -9.94
C ILE B 262 -19.92 24.29 -8.70
N PRO B 263 -19.28 23.77 -7.65
CA PRO B 263 -18.97 24.64 -6.49
C PRO B 263 -18.06 25.80 -6.82
N SER B 264 -17.09 25.61 -7.72
CA SER B 264 -16.22 26.71 -8.12
C SER B 264 -17.01 27.81 -8.82
N LEU B 265 -17.92 27.43 -9.71
CA LEU B 265 -18.78 28.39 -10.37
C LEU B 265 -19.68 29.12 -9.37
N LEU B 266 -20.19 28.40 -8.37
CA LEU B 266 -21.01 29.04 -7.35
C LEU B 266 -20.21 30.05 -6.54
N ILE B 267 -18.96 29.71 -6.20
CA ILE B 267 -18.12 30.64 -5.45
C ILE B 267 -17.80 31.88 -6.29
N VAL B 268 -17.52 31.68 -7.58
CA VAL B 268 -17.26 32.81 -8.47
C VAL B 268 -18.49 33.71 -8.56
N ILE B 269 -19.68 33.12 -8.65
CA ILE B 269 -20.91 33.91 -8.68
C ILE B 269 -21.09 34.67 -7.37
N LEU B 270 -20.84 34.01 -6.24
CA LEU B 270 -20.96 34.67 -4.95
C LEU B 270 -20.00 35.85 -4.82
N SER B 271 -18.84 35.77 -5.46
CA SER B 271 -17.91 36.88 -5.44
C SER B 271 -18.44 38.12 -6.18
N TRP B 272 -19.46 37.97 -7.02
CA TRP B 272 -19.99 39.09 -7.78
C TRP B 272 -21.02 39.91 -7.03
N VAL B 273 -21.54 39.42 -5.91
CA VAL B 273 -22.58 40.16 -5.18
C VAL B 273 -22.01 41.35 -4.42
N SER B 274 -20.68 41.50 -4.39
CA SER B 274 -20.08 42.67 -3.78
C SER B 274 -20.42 43.94 -4.54
N PHE B 275 -20.56 43.85 -5.86
CA PHE B 275 -20.86 45.02 -6.68
C PHE B 275 -22.25 45.58 -6.43
N TRP B 276 -23.13 44.80 -5.80
CA TRP B 276 -24.49 45.23 -5.49
C TRP B 276 -24.65 45.71 -4.06
N ILE B 277 -23.56 45.77 -3.30
CA ILE B 277 -23.59 46.25 -1.92
C ILE B 277 -23.12 47.71 -1.91
N ASN B 278 -23.66 48.48 -0.97
CA ASN B 278 -23.33 49.90 -0.86
C ASN B 278 -21.83 50.10 -0.68
N MET B 279 -21.28 51.12 -1.34
CA MET B 279 -19.81 51.32 -1.34
C MET B 279 -19.28 51.76 0.01
N ASP B 280 -20.16 52.20 0.90
CA ASP B 280 -19.74 52.61 2.24
C ASP B 280 -19.89 51.48 3.25
N ALA B 281 -19.74 50.24 2.80
CA ALA B 281 -19.90 49.06 3.65
C ALA B 281 -18.62 48.25 3.66
N ALA B 282 -17.48 48.92 3.87
CA ALA B 282 -16.17 48.28 3.81
C ALA B 282 -16.03 47.04 4.70
N PRO B 283 -16.42 47.04 5.99
CA PRO B 283 -16.27 45.81 6.78
C PRO B 283 -17.08 44.64 6.24
N ALA B 284 -18.13 44.89 5.47
CA ALA B 284 -18.87 43.81 4.82
C ALA B 284 -18.20 43.38 3.51
N ARG B 285 -17.87 44.35 2.65
CA ARG B 285 -17.38 44.02 1.32
C ARG B 285 -15.99 43.38 1.38
N VAL B 286 -15.08 43.96 2.17
CA VAL B 286 -13.72 43.40 2.28
C VAL B 286 -13.78 41.99 2.86
N ALA B 287 -14.59 41.80 3.91
CA ALA B 287 -14.71 40.49 4.52
C ALA B 287 -15.30 39.48 3.55
N LEU B 288 -16.31 39.87 2.79
CA LEU B 288 -16.90 38.96 1.80
C LEU B 288 -15.89 38.56 0.74
N GLY B 289 -15.12 39.52 0.23
CA GLY B 289 -14.12 39.20 -0.77
C GLY B 289 -13.03 38.27 -0.25
N ILE B 290 -12.48 38.58 0.92
CA ILE B 290 -11.40 37.75 1.43
C ILE B 290 -11.91 36.37 1.84
N THR B 291 -13.16 36.27 2.31
CA THR B 291 -13.70 34.96 2.65
C THR B 291 -14.01 34.15 1.41
N THR B 292 -14.41 34.79 0.31
CA THR B 292 -14.58 34.05 -0.94
C THR B 292 -13.23 33.52 -1.43
N VAL B 293 -12.18 34.33 -1.31
CA VAL B 293 -10.84 33.85 -1.67
C VAL B 293 -10.44 32.66 -0.81
N LEU B 294 -10.68 32.74 0.49
CA LEU B 294 -10.34 31.64 1.39
C LEU B 294 -11.14 30.38 1.06
N THR B 295 -12.44 30.54 0.76
CA THR B 295 -13.26 29.39 0.38
C THR B 295 -12.77 28.75 -0.90
N MET B 296 -12.37 29.56 -1.88
CA MET B 296 -11.81 29.04 -3.12
C MET B 296 -10.55 28.24 -2.84
N THR B 297 -9.66 28.77 -1.99
CA THR B 297 -8.43 28.07 -1.67
C THR B 297 -8.68 26.75 -0.94
N THR B 298 -9.64 26.75 -0.01
CA THR B 298 -9.96 25.51 0.69
C THR B 298 -10.54 24.47 -0.26
N GLN B 299 -11.41 24.89 -1.18
CA GLN B 299 -11.95 23.96 -2.16
C GLN B 299 -10.84 23.37 -3.04
N SER B 300 -9.93 24.21 -3.51
CA SER B 300 -8.83 23.74 -4.34
C SER B 300 -7.92 22.79 -3.57
N SER B 301 -7.61 23.11 -2.31
CA SER B 301 -6.75 22.26 -1.51
C SER B 301 -7.41 20.91 -1.23
N GLY B 302 -8.71 20.91 -0.94
CA GLY B 302 -9.42 19.67 -0.73
C GLY B 302 -9.51 18.81 -1.97
N SER B 303 -9.64 19.42 -3.14
CA SER B 303 -9.76 18.65 -4.37
C SER B 303 -8.45 18.00 -4.79
N ARG B 304 -7.31 18.44 -4.26
CA ARG B 304 -6.03 17.95 -4.75
C ARG B 304 -5.74 16.53 -4.27
N ALA B 305 -6.29 16.13 -3.13
CA ALA B 305 -5.97 14.83 -2.56
C ALA B 305 -6.52 13.66 -3.38
N SER B 306 -7.54 13.90 -4.20
CA SER B 306 -8.19 12.85 -4.96
C SER B 306 -7.94 12.97 -6.46
N LEU B 307 -6.75 13.42 -6.86
CA LEU B 307 -6.41 13.58 -8.26
C LEU B 307 -5.11 12.85 -8.56
N PRO B 308 -4.89 12.43 -9.81
CA PRO B 308 -3.61 11.81 -10.17
C PRO B 308 -2.46 12.78 -9.99
N LYS B 309 -1.31 12.24 -9.58
CA LYS B 309 -0.13 13.03 -9.27
C LYS B 309 0.78 13.05 -10.49
N VAL B 310 0.81 14.19 -11.19
CA VAL B 310 1.69 14.40 -12.33
C VAL B 310 2.35 15.77 -12.15
N SER B 311 3.40 15.99 -12.94
CA SER B 311 4.16 17.23 -12.84
C SER B 311 3.79 18.27 -13.89
N TYR B 312 2.86 17.96 -14.79
CA TYR B 312 2.44 18.90 -15.82
C TYR B 312 1.01 19.36 -15.60
N VAL B 313 0.63 20.41 -16.32
CA VAL B 313 -0.64 21.09 -16.12
C VAL B 313 -1.78 20.30 -16.75
N LYS B 314 -2.95 20.32 -16.11
CA LYS B 314 -4.15 19.68 -16.61
C LYS B 314 -5.27 20.70 -16.76
N ALA B 315 -6.35 20.26 -17.41
CA ALA B 315 -7.48 21.15 -17.68
C ALA B 315 -8.16 21.59 -16.39
N ILE B 316 -8.29 20.67 -15.42
CA ILE B 316 -8.87 21.03 -14.13
C ILE B 316 -7.98 22.05 -13.41
N ASP B 317 -6.65 21.93 -13.57
CA ASP B 317 -5.75 22.92 -13.00
C ASP B 317 -5.94 24.29 -13.64
N ILE B 318 -6.11 24.33 -14.96
CA ILE B 318 -6.35 25.60 -15.65
C ILE B 318 -7.65 26.22 -15.15
N TRP B 319 -8.71 25.43 -15.01
CA TRP B 319 -9.98 25.92 -14.51
C TRP B 319 -9.85 26.47 -13.10
N MET B 320 -9.14 25.74 -12.24
CA MET B 320 -8.96 26.17 -10.85
C MET B 320 -8.20 27.50 -10.78
N ALA B 321 -7.15 27.63 -11.57
CA ALA B 321 -6.35 28.85 -11.58
C ALA B 321 -7.17 30.04 -12.08
N VAL B 322 -7.99 29.83 -13.12
CA VAL B 322 -8.79 30.93 -13.64
C VAL B 322 -9.83 31.38 -12.61
N CYS B 323 -10.46 30.42 -11.93
CA CYS B 323 -11.44 30.78 -10.90
C CYS B 323 -10.78 31.56 -9.76
N LEU B 324 -9.58 31.13 -9.35
CA LEU B 324 -8.84 31.88 -8.34
C LEU B 324 -8.49 33.28 -8.81
N LEU B 325 -8.11 33.43 -10.08
CA LEU B 325 -7.81 34.76 -10.61
C LEU B 325 -9.04 35.66 -10.60
N PHE B 326 -10.21 35.12 -10.93
CA PHE B 326 -11.43 35.91 -10.91
C PHE B 326 -11.75 36.38 -9.49
N VAL B 327 -11.72 35.46 -8.51
CA VAL B 327 -12.06 35.88 -7.15
C VAL B 327 -10.97 36.78 -6.58
N PHE B 328 -9.76 36.72 -7.14
CA PHE B 328 -8.70 37.64 -6.72
C PHE B 328 -8.91 39.04 -7.27
N SER B 329 -9.35 39.14 -8.53
CA SER B 329 -9.60 40.45 -9.13
C SER B 329 -10.81 41.14 -8.52
N ALA B 330 -11.79 40.37 -8.05
CA ALA B 330 -12.98 40.96 -7.47
C ALA B 330 -12.65 41.82 -6.25
N LEU B 331 -11.61 41.45 -5.49
CA LEU B 331 -11.25 42.24 -4.31
C LEU B 331 -10.50 43.52 -4.69
N LEU B 332 -9.63 43.44 -5.69
CA LEU B 332 -8.94 44.65 -6.16
C LEU B 332 -9.89 45.66 -6.75
N GLU B 333 -11.00 45.21 -7.35
CA GLU B 333 -12.01 46.15 -7.80
C GLU B 333 -12.50 47.04 -6.66
N TYR B 334 -12.85 46.43 -5.52
CA TYR B 334 -13.32 47.22 -4.40
C TYR B 334 -12.18 48.03 -3.77
N ALA B 335 -10.95 47.51 -3.80
CA ALA B 335 -9.82 48.29 -3.29
C ALA B 335 -9.68 49.59 -4.08
N ALA B 336 -9.74 49.50 -5.41
CA ALA B 336 -9.67 50.70 -6.24
C ALA B 336 -10.85 51.63 -5.98
N VAL B 337 -12.06 51.07 -5.86
CA VAL B 337 -13.24 51.91 -5.62
C VAL B 337 -13.11 52.65 -4.28
N ASN B 338 -12.67 52.06 -3.19
CA ASN B 338 -12.64 52.76 -1.87
C ASN B 338 -11.66 53.92 -1.86
N PHE B 339 -10.52 53.80 -2.51
CA PHE B 339 -9.49 54.87 -2.56
C PHE B 339 -9.99 56.07 -3.35
N VAL B 340 -10.61 55.87 -4.49
CA VAL B 340 -11.03 57.00 -5.37
C VAL B 340 -12.08 57.80 -4.62
N SER B 341 -12.98 57.15 -3.91
CA SER B 341 -14.07 57.85 -3.19
C SER B 341 -13.55 58.72 -2.05
N ARG B 342 -12.64 58.20 -1.24
CA ARG B 342 -12.10 58.94 -0.07
C ARG B 342 -11.29 60.13 -0.56
N GLN B 343 -10.75 60.08 -1.78
CA GLN B 343 -9.85 61.16 -2.22
C GLN B 343 -10.63 62.47 -2.18
N HIS B 344 -10.02 63.51 -1.60
CA HIS B 344 -10.72 64.82 -1.44
C HIS B 344 -9.78 65.96 -1.87
N LYS B 419 -17.93 65.73 -5.57
CA LYS B 419 -19.01 65.10 -6.30
C LYS B 419 -18.47 64.34 -7.52
N VAL B 420 -17.46 64.91 -8.16
CA VAL B 420 -16.87 64.25 -9.36
C VAL B 420 -16.23 62.94 -8.90
N PHE B 421 -15.58 62.96 -7.73
CA PHE B 421 -14.90 61.75 -7.21
C PHE B 421 -15.91 60.66 -6.89
N ILE B 422 -17.08 61.01 -6.37
CA ILE B 422 -18.05 59.96 -5.93
C ILE B 422 -18.79 59.42 -7.15
N ASP B 423 -18.85 60.16 -8.24
CA ASP B 423 -19.44 59.65 -9.48
C ASP B 423 -18.52 58.64 -10.16
N ARG B 424 -17.22 58.93 -10.19
CA ARG B 424 -16.26 58.03 -10.82
C ARG B 424 -16.22 56.68 -10.11
N ALA B 425 -16.31 56.69 -8.78
CA ALA B 425 -16.30 55.44 -8.03
C ALA B 425 -17.54 54.61 -8.33
N LYS B 426 -18.71 55.25 -8.45
CA LYS B 426 -19.94 54.51 -8.75
C LYS B 426 -19.91 53.98 -10.18
N LYS B 427 -19.28 54.71 -11.10
CA LYS B 427 -19.19 54.26 -12.48
C LYS B 427 -18.44 52.94 -12.59
N ILE B 428 -17.39 52.77 -11.79
CA ILE B 428 -16.62 51.53 -11.81
C ILE B 428 -17.49 50.35 -11.38
N ASP B 429 -18.29 50.53 -10.33
CA ASP B 429 -19.18 49.47 -9.88
C ASP B 429 -20.22 49.13 -10.94
N THR B 430 -20.82 50.15 -11.55
CA THR B 430 -21.84 49.89 -12.57
C THR B 430 -21.25 49.20 -13.78
N ILE B 431 -20.01 49.54 -14.16
CA ILE B 431 -19.36 48.85 -15.27
C ILE B 431 -19.04 47.41 -14.91
N SER B 432 -18.46 47.19 -13.72
CA SER B 432 -18.07 45.85 -13.30
C SER B 432 -19.26 44.89 -13.21
N ARG B 433 -20.43 45.40 -12.78
CA ARG B 433 -21.63 44.58 -12.64
C ARG B 433 -21.95 43.81 -13.90
N ALA B 434 -21.73 44.40 -15.07
CA ALA B 434 -21.93 43.72 -16.33
C ALA B 434 -20.66 43.18 -16.96
N CYS B 435 -19.50 43.74 -16.60
CA CYS B 435 -18.26 43.34 -17.24
C CYS B 435 -17.78 41.97 -16.76
N PHE B 436 -17.87 41.72 -15.45
CA PHE B 436 -17.33 40.46 -14.92
C PHE B 436 -18.05 39.21 -15.45
N PRO B 437 -19.39 39.11 -15.41
CA PRO B 437 -20.03 37.91 -15.97
C PRO B 437 -19.78 37.71 -17.46
N LEU B 438 -19.63 38.79 -18.22
CA LEU B 438 -19.39 38.66 -19.66
C LEU B 438 -18.04 38.00 -19.93
N ALA B 439 -16.99 38.46 -19.25
CA ALA B 439 -15.68 37.85 -19.41
C ALA B 439 -15.68 36.41 -18.92
N PHE B 440 -16.40 36.13 -17.82
CA PHE B 440 -16.49 34.76 -17.35
C PHE B 440 -17.18 33.86 -18.37
N LEU B 441 -18.25 34.34 -19.01
CA LEU B 441 -18.95 33.56 -20.02
C LEU B 441 -18.07 33.31 -21.24
N ILE B 442 -17.32 34.33 -21.67
CA ILE B 442 -16.41 34.16 -22.81
C ILE B 442 -15.37 33.10 -22.49
N PHE B 443 -14.78 33.17 -21.28
CA PHE B 443 -13.81 32.16 -20.88
C PHE B 443 -14.44 30.77 -20.84
N ASN B 444 -15.69 30.67 -20.35
CA ASN B 444 -16.34 29.38 -20.25
C ASN B 444 -16.54 28.75 -21.63
N ILE B 445 -17.03 29.53 -22.59
CA ILE B 445 -17.27 28.94 -23.91
C ILE B 445 -15.96 28.59 -24.60
N PHE B 446 -14.93 29.44 -24.44
CA PHE B 446 -13.61 29.12 -25.00
C PHE B 446 -13.04 27.85 -24.38
N TYR B 447 -13.18 27.69 -23.06
CA TYR B 447 -12.65 26.53 -22.38
C TYR B 447 -13.37 25.26 -22.81
N TRP B 448 -14.69 25.31 -22.92
CA TRP B 448 -15.44 24.10 -23.21
C TRP B 448 -15.35 23.66 -24.66
N VAL B 449 -15.31 24.60 -25.62
CA VAL B 449 -15.26 24.16 -27.01
C VAL B 449 -13.94 23.48 -27.35
N ILE B 450 -12.81 23.96 -26.83
CA ILE B 450 -11.51 23.38 -27.18
C ILE B 450 -11.24 22.06 -26.48
N TYR B 451 -12.01 21.71 -25.46
CA TYR B 451 -11.86 20.42 -24.79
C TYR B 451 -12.96 19.43 -25.15
N LYS B 452 -14.07 19.89 -25.70
CA LYS B 452 -15.10 18.96 -26.17
C LYS B 452 -15.17 18.82 -27.68
N ILE B 453 -14.43 19.63 -28.44
CA ILE B 453 -14.39 19.53 -29.89
C ILE B 453 -12.98 19.21 -30.39
N LEU B 454 -11.98 19.96 -29.94
CA LEU B 454 -10.60 19.70 -30.34
C LEU B 454 -10.01 18.59 -29.49
N ARG B 455 -10.63 17.41 -29.53
CA ARG B 455 -10.24 16.29 -28.69
C ARG B 455 -9.85 15.03 -29.47
N HIS B 456 -10.13 14.98 -30.77
CA HIS B 456 -9.79 13.80 -31.56
C HIS B 456 -8.29 13.70 -31.76
N MET C 41 20.99 -34.95 -40.10
CA MET C 41 21.17 -35.32 -38.71
C MET C 41 20.40 -34.38 -37.79
N SER C 42 19.93 -34.91 -36.67
CA SER C 42 19.17 -34.10 -35.73
C SER C 42 20.08 -33.09 -35.05
N PRO C 43 19.68 -31.80 -35.00
CA PRO C 43 20.49 -30.81 -34.28
C PRO C 43 20.67 -31.13 -32.81
N SER C 44 19.63 -31.69 -32.17
CA SER C 44 19.75 -32.07 -30.76
C SER C 44 20.77 -33.20 -30.60
N ASP C 45 20.75 -34.18 -31.51
CA ASP C 45 21.73 -35.25 -31.45
C ASP C 45 23.15 -34.74 -31.70
N PHE C 46 23.31 -33.78 -32.61
CA PHE C 46 24.61 -33.18 -32.83
C PHE C 46 25.08 -32.41 -31.59
N LEU C 47 24.18 -31.68 -30.94
CA LEU C 47 24.54 -30.97 -29.71
C LEU C 47 24.93 -31.94 -28.61
N ASP C 48 24.25 -33.10 -28.55
CA ASP C 48 24.63 -34.12 -27.58
C ASP C 48 26.06 -34.61 -27.82
N LYS C 49 26.41 -34.87 -29.09
CA LYS C 49 27.77 -35.28 -29.40
C LYS C 49 28.76 -34.16 -29.08
N LEU C 50 28.36 -32.91 -29.26
CA LEU C 50 29.28 -31.80 -29.03
C LEU C 50 29.53 -31.57 -27.55
N MET C 51 28.52 -31.75 -26.70
CA MET C 51 28.61 -31.39 -25.29
C MET C 51 28.31 -32.54 -24.34
N GLY C 52 28.53 -33.78 -24.76
CA GLY C 52 28.34 -34.93 -23.88
C GLY C 52 29.61 -35.38 -23.18
N ARG C 53 29.45 -36.49 -22.44
CA ARG C 53 30.56 -37.06 -21.69
C ARG C 53 31.65 -37.60 -22.62
N THR C 54 31.25 -38.12 -23.79
CA THR C 54 32.25 -38.56 -24.77
C THR C 54 33.10 -37.40 -25.25
N SER C 55 32.47 -36.23 -25.48
CA SER C 55 33.23 -35.05 -25.82
C SER C 55 34.09 -34.58 -24.66
N GLY C 56 33.60 -34.71 -23.43
CA GLY C 56 34.35 -34.29 -22.27
C GLY C 56 34.25 -32.81 -21.93
N TYR C 57 33.24 -32.12 -22.46
CA TYR C 57 33.04 -30.71 -22.14
C TYR C 57 32.69 -30.55 -20.66
N ASP C 58 33.36 -29.63 -19.99
CA ASP C 58 33.11 -29.34 -18.58
C ASP C 58 32.53 -27.94 -18.45
N ALA C 59 31.32 -27.86 -17.91
CA ALA C 59 30.63 -26.58 -17.78
C ALA C 59 31.20 -25.72 -16.65
N ARG C 60 31.99 -26.29 -15.75
CA ARG C 60 32.57 -25.54 -14.65
C ARG C 60 33.96 -25.00 -14.97
N ILE C 61 34.45 -25.20 -16.18
CA ILE C 61 35.76 -24.70 -16.60
C ILE C 61 35.54 -23.63 -17.66
N ARG C 62 36.09 -22.44 -17.43
CA ARG C 62 35.91 -21.34 -18.35
C ARG C 62 36.71 -21.57 -19.64
N PRO C 63 36.29 -20.97 -20.75
CA PRO C 63 37.07 -21.09 -21.98
C PRO C 63 38.45 -20.46 -21.82
N ASN C 64 39.42 -21.07 -22.51
CA ASN C 64 40.83 -20.67 -22.43
C ASN C 64 41.30 -20.66 -20.97
N PHE C 65 41.17 -21.83 -20.35
CA PHE C 65 41.43 -21.96 -18.91
C PHE C 65 42.87 -21.66 -18.54
N LYS C 66 43.81 -21.80 -19.47
CA LYS C 66 45.22 -21.62 -19.17
C LYS C 66 45.74 -20.22 -19.50
N GLY C 67 45.18 -19.55 -20.51
CA GLY C 67 45.78 -18.36 -21.04
C GLY C 67 44.98 -17.09 -20.84
N PRO C 68 44.69 -16.38 -21.94
CA PRO C 68 44.12 -15.04 -21.83
C PRO C 68 42.71 -15.07 -21.28
N PRO C 69 42.24 -13.97 -20.70
CA PRO C 69 40.89 -13.95 -20.13
C PRO C 69 39.82 -13.94 -21.20
N VAL C 70 38.59 -14.18 -20.75
CA VAL C 70 37.44 -14.21 -21.64
C VAL C 70 36.87 -12.80 -21.77
N ASN C 71 36.60 -12.38 -23.00
CA ASN C 71 36.03 -11.07 -23.28
C ASN C 71 34.56 -11.21 -23.62
N VAL C 72 33.71 -10.50 -22.88
CA VAL C 72 32.27 -10.58 -23.03
C VAL C 72 31.76 -9.21 -23.45
N THR C 73 30.98 -9.17 -24.52
CA THR C 73 30.38 -7.94 -25.03
C THR C 73 28.89 -7.92 -24.67
N CYS C 74 28.42 -6.79 -24.15
CA CYS C 74 27.09 -6.70 -23.57
C CYS C 74 26.26 -5.63 -24.26
N ASN C 75 24.97 -5.94 -24.44
CA ASN C 75 23.97 -5.00 -24.92
C ASN C 75 22.78 -5.01 -23.98
N ILE C 76 22.13 -3.86 -23.84
CA ILE C 76 20.95 -3.72 -22.99
C ILE C 76 19.89 -2.96 -23.77
N PHE C 77 18.68 -3.54 -23.84
CA PHE C 77 17.53 -2.89 -24.44
C PHE C 77 16.47 -2.73 -23.37
N ILE C 78 16.05 -1.50 -23.12
CA ILE C 78 15.11 -1.18 -22.05
C ILE C 78 13.70 -1.14 -22.63
N ASN C 79 12.81 -1.94 -22.05
CA ASN C 79 11.42 -2.02 -22.50
C ASN C 79 10.50 -1.09 -21.72
N SER C 80 10.68 -1.03 -20.40
CA SER C 80 9.88 -0.15 -19.55
C SER C 80 10.78 0.50 -18.52
N PHE C 81 10.31 1.64 -18.00
CA PHE C 81 11.08 2.45 -17.06
C PHE C 81 10.10 3.23 -16.22
N GLY C 82 10.17 3.09 -14.90
CA GLY C 82 9.27 3.83 -14.04
C GLY C 82 9.34 3.34 -12.61
N SER C 83 8.25 3.61 -11.88
CA SER C 83 8.12 3.26 -10.46
C SER C 83 9.24 3.87 -9.63
N ILE C 84 9.55 5.14 -9.90
CA ILE C 84 10.58 5.86 -9.15
C ILE C 84 9.98 6.36 -7.85
N ALA C 85 10.56 5.93 -6.73
CA ALA C 85 10.04 6.26 -5.41
C ALA C 85 11.16 6.81 -4.54
N GLU C 86 10.83 7.83 -3.74
CA GLU C 86 11.80 8.41 -2.82
C GLU C 86 11.74 7.80 -1.43
N THR C 87 10.64 7.13 -1.08
CA THR C 87 10.56 6.48 0.22
C THR C 87 11.50 5.29 0.31
N THR C 88 11.66 4.56 -0.79
CA THR C 88 12.57 3.41 -0.83
C THR C 88 13.83 3.68 -1.63
N MET C 89 13.91 4.80 -2.32
CA MET C 89 15.09 5.16 -3.13
C MET C 89 15.40 4.05 -4.15
N ASP C 90 14.51 3.81 -5.10
CA ASP C 90 14.73 2.78 -6.11
C ASP C 90 13.81 3.02 -7.30
N TYR C 91 14.08 2.30 -8.38
CA TYR C 91 13.27 2.37 -9.59
C TYR C 91 13.23 0.99 -10.23
N ARG C 92 12.26 0.80 -11.11
CA ARG C 92 11.98 -0.50 -11.72
C ARG C 92 12.21 -0.43 -13.22
N VAL C 93 12.86 -1.46 -13.77
CA VAL C 93 13.10 -1.56 -15.20
C VAL C 93 12.79 -2.96 -15.68
N ASN C 94 12.49 -3.08 -16.97
CA ASN C 94 12.32 -4.36 -17.65
C ASN C 94 13.19 -4.33 -18.90
N ILE C 95 14.22 -5.17 -18.96
CA ILE C 95 15.27 -5.02 -19.94
C ILE C 95 15.50 -6.33 -20.69
N PHE C 96 16.17 -6.22 -21.82
CA PHE C 96 16.72 -7.34 -22.57
C PHE C 96 18.24 -7.29 -22.45
N LEU C 97 18.83 -8.37 -21.98
CA LEU C 97 20.28 -8.45 -21.79
C LEU C 97 20.87 -9.46 -22.77
N ARG C 98 21.90 -9.05 -23.51
CA ARG C 98 22.55 -9.91 -24.48
C ARG C 98 24.05 -9.93 -24.22
N GLN C 99 24.61 -11.13 -24.17
CA GLN C 99 26.04 -11.33 -23.94
C GLN C 99 26.61 -12.18 -25.07
N LYS C 100 27.82 -11.82 -25.51
CA LYS C 100 28.50 -12.56 -26.57
C LYS C 100 29.94 -12.84 -26.16
N TRP C 101 30.37 -14.09 -26.36
CA TRP C 101 31.74 -14.49 -26.07
C TRP C 101 32.09 -15.68 -26.96
N ASN C 102 33.38 -15.99 -27.02
CA ASN C 102 33.89 -17.05 -27.89
C ASN C 102 34.31 -18.24 -27.04
N ASP C 103 33.83 -19.43 -27.42
CA ASP C 103 34.21 -20.68 -26.77
C ASP C 103 34.84 -21.61 -27.79
N PRO C 104 36.16 -21.76 -27.80
CA PRO C 104 36.81 -22.61 -28.81
C PRO C 104 36.44 -24.09 -28.71
N ARG C 105 35.96 -24.56 -27.57
CA ARG C 105 35.58 -25.96 -27.43
C ARG C 105 34.27 -26.29 -28.13
N LEU C 106 33.51 -25.29 -28.56
CA LEU C 106 32.21 -25.51 -29.18
C LEU C 106 32.25 -25.34 -30.69
N ALA C 107 33.43 -25.18 -31.28
CA ALA C 107 33.54 -25.05 -32.72
C ALA C 107 33.20 -26.37 -33.40
N TYR C 108 32.48 -26.29 -34.52
CA TYR C 108 32.08 -27.46 -35.26
C TYR C 108 32.20 -27.18 -36.75
N SER C 109 32.42 -28.24 -37.52
CA SER C 109 32.52 -28.13 -38.98
C SER C 109 31.72 -29.18 -39.73
N GLU C 110 31.30 -30.27 -39.10
CA GLU C 110 30.61 -31.33 -39.82
C GLU C 110 29.19 -30.92 -40.21
N TYR C 111 28.49 -30.25 -39.30
CA TYR C 111 27.08 -29.94 -39.53
C TYR C 111 26.95 -28.83 -40.57
N PRO C 112 26.11 -29.00 -41.60
CA PRO C 112 25.98 -27.96 -42.63
C PRO C 112 25.44 -26.64 -42.11
N ASP C 113 24.58 -26.67 -41.09
CA ASP C 113 23.96 -25.44 -40.59
C ASP C 113 25.00 -24.52 -39.96
N ASP C 114 24.82 -23.22 -40.18
CA ASP C 114 25.76 -22.23 -39.68
C ASP C 114 25.47 -21.80 -38.24
N SER C 115 24.33 -22.20 -37.68
CA SER C 115 24.01 -21.85 -36.31
C SER C 115 23.21 -22.97 -35.68
N LEU C 116 23.31 -23.10 -34.36
CA LEU C 116 22.60 -24.11 -33.60
C LEU C 116 21.95 -23.47 -32.40
N ASP C 117 20.74 -23.95 -32.07
CA ASP C 117 19.95 -23.40 -30.98
C ASP C 117 19.86 -24.43 -29.86
N LEU C 118 20.04 -23.98 -28.63
CA LEU C 118 20.06 -24.84 -27.46
C LEU C 118 18.74 -24.71 -26.70
N ASP C 119 18.27 -25.84 -26.16
CA ASP C 119 17.04 -25.83 -25.38
C ASP C 119 17.25 -25.07 -24.07
N PRO C 120 16.32 -24.18 -23.65
CA PRO C 120 16.44 -23.49 -22.37
C PRO C 120 16.44 -24.41 -21.15
N SER C 121 15.93 -25.63 -21.30
CA SER C 121 15.91 -26.55 -20.16
C SER C 121 17.27 -27.15 -19.89
N MET C 122 18.17 -27.12 -20.88
CA MET C 122 19.50 -27.72 -20.75
C MET C 122 20.61 -26.66 -20.68
N LEU C 123 20.26 -25.42 -20.29
CA LEU C 123 21.23 -24.35 -20.24
C LEU C 123 22.31 -24.57 -19.19
N ASP C 124 22.11 -25.49 -18.25
CA ASP C 124 23.11 -25.76 -17.22
C ASP C 124 24.25 -26.64 -17.73
N SER C 125 24.18 -27.13 -18.96
CA SER C 125 25.23 -27.95 -19.54
C SER C 125 26.29 -27.15 -20.27
N ILE C 126 26.20 -25.82 -20.24
CA ILE C 126 27.14 -24.95 -20.93
C ILE C 126 27.67 -23.92 -19.95
N TRP C 127 28.87 -23.41 -20.23
CA TRP C 127 29.48 -22.39 -19.39
C TRP C 127 28.90 -21.02 -19.72
N LYS C 128 28.51 -20.28 -18.68
CA LYS C 128 28.00 -18.93 -18.83
C LYS C 128 28.70 -18.02 -17.84
N PRO C 129 28.86 -16.73 -18.18
CA PRO C 129 29.48 -15.80 -17.22
C PRO C 129 28.59 -15.57 -16.01
N ASP C 130 29.23 -15.29 -14.88
CA ASP C 130 28.52 -15.08 -13.62
C ASP C 130 28.28 -13.59 -13.39
N LEU C 131 27.52 -13.00 -14.30
CA LEU C 131 27.17 -11.60 -14.23
C LEU C 131 26.12 -11.37 -13.15
N PHE C 132 26.20 -10.23 -12.48
CA PHE C 132 25.17 -9.82 -11.53
C PHE C 132 25.17 -8.31 -11.43
N PHE C 133 24.06 -7.77 -10.95
CA PHE C 133 23.87 -6.33 -10.84
C PHE C 133 24.20 -5.88 -9.42
N ALA C 134 25.14 -4.95 -9.30
CA ALA C 134 25.68 -4.59 -7.99
C ALA C 134 24.67 -3.82 -7.14
N ASN C 135 23.92 -2.90 -7.75
CA ASN C 135 22.98 -2.05 -7.02
C ASN C 135 21.56 -2.56 -7.12
N GLU C 136 21.39 -3.89 -7.18
CA GLU C 136 20.10 -4.52 -7.37
C GLU C 136 19.50 -4.96 -6.03
N LYS C 137 18.21 -4.68 -5.85
CA LYS C 137 17.49 -5.11 -4.66
C LYS C 137 16.47 -6.20 -4.91
N GLY C 138 16.17 -6.53 -6.17
CA GLY C 138 15.21 -7.57 -6.49
C GLY C 138 15.17 -7.86 -7.98
N ALA C 139 15.14 -9.14 -8.34
CA ALA C 139 15.13 -9.51 -9.75
C ALA C 139 14.45 -10.86 -9.93
N ASN C 140 13.95 -11.09 -11.14
CA ASN C 140 13.30 -12.35 -11.49
C ASN C 140 13.31 -12.51 -12.99
N PHE C 141 13.13 -13.76 -13.44
CA PHE C 141 13.09 -14.05 -14.89
C PHE C 141 11.63 -14.16 -15.32
N HIS C 142 11.37 -14.35 -16.61
CA HIS C 142 9.98 -14.40 -17.14
C HIS C 142 9.68 -15.77 -17.71
N GLU C 143 8.57 -16.40 -17.30
CA GLU C 143 8.26 -17.79 -17.75
C GLU C 143 6.92 -17.89 -18.48
N VAL C 144 6.24 -16.79 -18.81
CA VAL C 144 4.87 -16.90 -19.41
C VAL C 144 4.98 -17.63 -20.75
N THR C 145 4.11 -18.61 -20.97
CA THR C 145 4.25 -19.50 -22.14
C THR C 145 5.60 -20.20 -21.93
N THR C 146 6.54 -20.08 -22.87
CA THR C 146 7.88 -20.70 -22.71
C THR C 146 8.80 -19.79 -21.91
N ASP C 147 9.93 -20.30 -21.41
CA ASP C 147 10.94 -19.46 -20.70
C ASP C 147 11.51 -18.43 -21.68
N ASN C 148 11.67 -17.18 -21.24
CA ASN C 148 12.14 -16.10 -22.12
C ASN C 148 13.67 -16.08 -22.14
N LYS C 149 14.31 -17.09 -22.75
CA LYS C 149 15.79 -17.18 -22.82
C LYS C 149 16.17 -17.76 -24.17
N LEU C 150 17.38 -17.45 -24.66
CA LEU C 150 17.82 -17.91 -26.00
C LEU C 150 19.34 -18.04 -26.03
N LEU C 151 19.87 -19.12 -26.59
CA LEU C 151 21.30 -19.36 -26.71
C LEU C 151 21.60 -19.93 -28.08
N ARG C 152 22.54 -19.32 -28.79
CA ARG C 152 22.90 -19.71 -30.14
C ARG C 152 24.40 -19.91 -30.24
N ILE C 153 24.80 -20.96 -30.97
CA ILE C 153 26.20 -21.31 -31.15
C ILE C 153 26.51 -21.30 -32.63
N PHE C 154 27.56 -20.60 -33.03
CA PHE C 154 27.96 -20.50 -34.43
C PHE C 154 29.11 -21.46 -34.73
N LYS C 155 29.49 -21.50 -36.01
CA LYS C 155 30.50 -22.46 -36.46
C LYS C 155 31.86 -22.18 -35.83
N ASN C 156 32.25 -20.91 -35.75
CA ASN C 156 33.56 -20.57 -35.19
C ASN C 156 33.61 -20.71 -33.68
N GLY C 157 32.48 -20.94 -33.01
CA GLY C 157 32.44 -21.09 -31.57
C GLY C 157 31.87 -19.92 -30.81
N ASN C 158 31.43 -18.86 -31.49
CA ASN C 158 30.84 -17.73 -30.80
C ASN C 158 29.49 -18.09 -30.21
N VAL C 159 29.19 -17.51 -29.04
CA VAL C 159 27.97 -17.80 -28.30
C VAL C 159 27.20 -16.51 -28.13
N LEU C 160 25.91 -16.54 -28.44
CA LEU C 160 25.00 -15.42 -28.19
C LEU C 160 23.96 -15.86 -27.18
N TYR C 161 23.79 -15.07 -26.12
CA TYR C 161 22.95 -15.45 -24.98
C TYR C 161 22.07 -14.25 -24.63
N SER C 162 20.80 -14.30 -25.03
CA SER C 162 19.86 -13.21 -24.79
C SER C 162 18.78 -13.67 -23.83
N ILE C 163 18.55 -12.89 -22.76
CA ILE C 163 17.58 -13.22 -21.73
C ILE C 163 16.81 -11.96 -21.34
N ARG C 164 15.63 -12.16 -20.77
CA ARG C 164 14.74 -11.08 -20.37
C ARG C 164 14.47 -11.17 -18.87
N LEU C 165 14.53 -10.03 -18.18
CA LEU C 165 14.39 -10.03 -16.73
C LEU C 165 13.94 -8.66 -16.26
N THR C 166 13.43 -8.62 -15.03
CA THR C 166 12.94 -7.41 -14.37
C THR C 166 13.81 -7.10 -13.16
N LEU C 167 14.18 -5.84 -13.00
CA LEU C 167 15.07 -5.41 -11.93
C LEU C 167 14.41 -4.36 -11.04
N THR C 168 14.90 -4.28 -9.81
CA THR C 168 14.59 -3.18 -8.89
C THR C 168 15.93 -2.63 -8.41
N LEU C 169 16.39 -1.56 -9.03
CA LEU C 169 17.70 -0.98 -8.76
C LEU C 169 17.56 0.24 -7.85
N SER C 170 18.50 0.36 -6.92
CA SER C 170 18.48 1.45 -5.94
C SER C 170 19.25 2.65 -6.45
N CYS C 171 18.71 3.84 -6.19
CA CYS C 171 19.37 5.09 -6.54
C CYS C 171 19.16 6.12 -5.44
N PRO C 172 20.24 6.59 -4.80
CA PRO C 172 20.09 7.68 -3.84
C PRO C 172 19.64 8.97 -4.51
N MET C 173 18.82 9.73 -3.79
CA MET C 173 18.31 11.00 -4.27
C MET C 173 18.56 12.08 -3.23
N ASP C 174 18.73 13.31 -3.72
CA ASP C 174 19.05 14.44 -2.84
C ASP C 174 17.79 15.22 -2.42
N LEU C 175 17.03 15.69 -3.40
CA LEU C 175 15.79 16.45 -3.19
C LEU C 175 16.03 17.75 -2.41
N LYS C 176 17.26 18.27 -2.43
CA LYS C 176 17.54 19.50 -1.72
C LYS C 176 16.97 20.72 -2.44
N ASN C 177 16.74 20.62 -3.75
CA ASN C 177 16.14 21.67 -4.56
C ASN C 177 14.89 21.16 -5.23
N PHE C 178 14.02 20.51 -4.44
CA PHE C 178 13.05 19.53 -4.95
C PHE C 178 12.24 19.99 -6.17
N PRO C 179 11.67 21.19 -6.22
CA PRO C 179 10.95 21.56 -7.45
C PRO C 179 11.85 21.61 -8.68
N MET C 180 13.11 22.01 -8.52
CA MET C 180 14.06 22.13 -9.62
C MET C 180 15.27 21.25 -9.30
N ASP C 181 15.16 19.97 -9.63
CA ASP C 181 16.21 19.02 -9.29
C ASP C 181 16.44 18.07 -10.45
N VAL C 182 17.68 17.59 -10.56
CA VAL C 182 18.08 16.62 -11.56
C VAL C 182 18.68 15.42 -10.83
N GLN C 183 18.21 14.23 -11.16
CA GLN C 183 18.67 13.00 -10.52
C GLN C 183 19.36 12.12 -11.55
N THR C 184 20.33 11.33 -11.08
CA THR C 184 21.09 10.42 -11.91
C THR C 184 20.90 9.00 -11.40
N CYS C 185 20.49 8.10 -12.30
CA CYS C 185 20.27 6.70 -11.98
C CYS C 185 21.30 5.85 -12.72
N ILE C 186 21.94 4.94 -11.99
CA ILE C 186 23.02 4.14 -12.55
C ILE C 186 22.58 2.68 -12.62
N MET C 187 23.39 1.87 -13.31
CA MET C 187 23.14 0.44 -13.45
C MET C 187 24.50 -0.24 -13.64
N GLN C 188 24.91 -1.03 -12.66
CA GLN C 188 26.25 -1.61 -12.64
C GLN C 188 26.17 -3.10 -12.95
N LEU C 189 27.02 -3.55 -13.87
CA LEU C 189 27.13 -4.95 -14.23
C LEU C 189 28.48 -5.45 -13.78
N GLU C 190 28.49 -6.49 -12.94
CA GLU C 190 29.70 -6.94 -12.27
C GLU C 190 29.79 -8.46 -12.31
N SER C 191 31.01 -8.96 -12.15
CA SER C 191 31.27 -10.39 -12.01
C SER C 191 31.38 -10.74 -10.54
N PHE C 192 30.91 -11.94 -10.19
CA PHE C 192 30.84 -12.31 -8.78
C PHE C 192 32.15 -12.90 -8.26
N GLY C 193 32.75 -13.81 -9.02
CA GLY C 193 33.93 -14.50 -8.52
C GLY C 193 35.05 -14.70 -9.52
N TYR C 194 35.20 -13.78 -10.47
CA TYR C 194 36.25 -13.85 -11.47
C TYR C 194 37.01 -12.54 -11.50
N THR C 195 38.34 -12.61 -11.45
CA THR C 195 39.17 -11.43 -11.47
C THR C 195 39.43 -10.99 -12.91
N MET C 196 40.14 -9.86 -13.05
CA MET C 196 40.37 -9.28 -14.37
C MET C 196 41.25 -10.13 -15.25
N ASN C 197 42.02 -11.07 -14.68
CA ASN C 197 42.84 -11.96 -15.50
C ASN C 197 42.06 -13.18 -15.98
N ASP C 198 40.78 -13.27 -15.65
CA ASP C 198 39.92 -14.36 -16.09
C ASP C 198 38.70 -13.90 -16.87
N LEU C 199 38.09 -12.78 -16.47
CA LEU C 199 36.86 -12.30 -17.10
C LEU C 199 36.93 -10.80 -17.26
N ILE C 200 36.53 -10.31 -18.45
CA ILE C 200 36.50 -8.88 -18.75
C ILE C 200 35.17 -8.56 -19.42
N PHE C 201 34.51 -7.50 -18.95
CA PHE C 201 33.27 -7.04 -19.55
C PHE C 201 33.51 -5.77 -20.36
N GLU C 202 32.91 -5.72 -21.55
CA GLU C 202 33.02 -4.56 -22.42
C GLU C 202 31.65 -4.21 -22.99
N TRP C 203 31.46 -2.93 -23.27
CA TRP C 203 30.26 -2.47 -23.97
C TRP C 203 30.42 -2.66 -25.46
N GLN C 204 29.29 -2.70 -26.17
CA GLN C 204 29.32 -2.75 -27.62
C GLN C 204 29.80 -1.42 -28.18
N ASP C 205 30.28 -1.45 -29.43
CA ASP C 205 30.70 -0.22 -30.09
C ASP C 205 29.53 0.52 -30.71
N GLU C 206 28.55 -0.23 -31.25
CA GLU C 206 27.49 0.40 -32.03
C GLU C 206 26.42 1.03 -31.13
N ALA C 207 25.73 0.20 -30.34
CA ALA C 207 24.65 0.68 -29.48
C ALA C 207 24.51 -0.22 -28.26
N PRO C 208 25.28 0.06 -27.20
CA PRO C 208 25.11 -0.67 -25.94
C PRO C 208 23.70 -0.62 -25.40
N VAL C 209 23.18 0.59 -25.21
CA VAL C 209 21.93 0.82 -24.50
C VAL C 209 20.95 1.49 -25.44
N GLN C 210 19.75 0.92 -25.54
CA GLN C 210 18.67 1.49 -26.32
C GLN C 210 17.40 1.50 -25.48
N VAL C 211 16.52 2.46 -25.76
CA VAL C 211 15.27 2.63 -25.04
C VAL C 211 14.13 2.60 -26.06
N ALA C 212 13.10 1.83 -25.76
CA ALA C 212 11.93 1.76 -26.62
C ALA C 212 11.22 3.10 -26.68
N GLU C 213 10.68 3.43 -27.85
CA GLU C 213 10.02 4.71 -28.04
C GLU C 213 8.64 4.70 -27.39
N GLY C 214 8.18 5.89 -27.00
CA GLY C 214 6.86 6.06 -26.43
C GLY C 214 6.79 5.96 -24.93
N LEU C 215 7.90 5.73 -24.23
CA LEU C 215 7.88 5.63 -22.79
C LEU C 215 7.64 7.00 -22.16
N THR C 216 6.76 7.03 -21.16
CA THR C 216 6.43 8.27 -20.46
C THR C 216 6.58 8.05 -18.97
N LEU C 217 6.82 9.15 -18.25
CA LEU C 217 6.94 9.11 -16.80
C LEU C 217 6.01 10.15 -16.18
N PRO C 218 5.30 9.80 -15.11
CA PRO C 218 4.36 10.75 -14.51
C PRO C 218 5.02 11.97 -13.89
N GLN C 219 6.29 11.87 -13.50
CA GLN C 219 6.94 12.94 -12.75
C GLN C 219 8.24 13.43 -13.36
N PHE C 220 8.95 12.62 -14.14
CA PHE C 220 10.28 12.97 -14.62
C PHE C 220 10.31 12.95 -16.14
N LEU C 221 11.44 13.41 -16.67
CA LEU C 221 11.74 13.34 -18.10
C LEU C 221 13.10 12.70 -18.27
N LEU C 222 13.16 11.66 -19.10
CA LEU C 222 14.39 10.92 -19.32
C LEU C 222 15.13 11.50 -20.52
N LYS C 223 16.32 12.02 -20.27
CA LYS C 223 17.13 12.61 -21.33
C LYS C 223 17.68 11.53 -22.26
N GLU C 224 17.93 11.91 -23.50
CA GLU C 224 18.37 10.96 -24.52
C GLU C 224 19.85 10.62 -24.43
N GLU C 225 20.62 11.38 -23.66
CA GLU C 225 22.07 11.15 -23.56
C GLU C 225 22.36 10.18 -22.42
N LYS C 226 23.24 9.21 -22.69
CA LYS C 226 23.65 8.23 -21.70
C LYS C 226 25.17 8.12 -21.67
N ASP C 227 25.69 7.73 -20.51
CA ASP C 227 27.13 7.64 -20.29
C ASP C 227 27.53 6.18 -20.09
N LEU C 228 28.70 5.81 -20.62
CA LEU C 228 29.28 4.49 -20.41
C LEU C 228 30.60 4.65 -19.68
N ARG C 229 30.74 3.96 -18.55
CA ARG C 229 31.87 4.15 -17.64
C ARG C 229 32.57 2.82 -17.40
N TYR C 230 33.69 2.89 -16.68
CA TYR C 230 34.48 1.72 -16.27
C TYR C 230 34.70 1.84 -14.77
N CYS C 231 33.78 1.31 -13.98
CA CYS C 231 33.87 1.39 -12.52
C CYS C 231 34.48 0.11 -11.96
N THR C 232 35.75 -0.11 -12.34
CA THR C 232 36.47 -1.29 -11.89
C THR C 232 36.66 -1.28 -10.38
N LYS C 233 36.40 -2.42 -9.74
CA LYS C 233 36.51 -2.56 -8.30
C LYS C 233 37.89 -3.11 -7.93
N HIS C 234 38.48 -2.56 -6.87
CA HIS C 234 39.75 -3.01 -6.35
C HIS C 234 39.54 -3.53 -4.94
N TYR C 235 39.76 -4.83 -4.74
CA TYR C 235 39.63 -5.47 -3.45
C TYR C 235 40.95 -6.11 -3.05
N ASN C 236 40.95 -6.79 -1.91
CA ASN C 236 42.13 -7.53 -1.47
C ASN C 236 42.43 -8.69 -2.41
N THR C 237 41.39 -9.38 -2.89
CA THR C 237 41.59 -10.49 -3.80
C THR C 237 42.18 -10.04 -5.13
N GLY C 238 41.70 -8.94 -5.68
CA GLY C 238 42.19 -8.45 -6.93
C GLY C 238 41.17 -7.53 -7.59
N LYS C 239 41.43 -7.22 -8.85
CA LYS C 239 40.56 -6.36 -9.63
C LYS C 239 39.41 -7.15 -10.23
N PHE C 240 38.21 -6.59 -10.16
CA PHE C 240 37.01 -7.22 -10.70
C PHE C 240 36.39 -6.32 -11.74
N THR C 241 36.01 -6.90 -12.87
CA THR C 241 35.45 -6.13 -13.97
C THR C 241 34.07 -5.58 -13.60
N CYS C 242 33.79 -4.38 -14.10
CA CYS C 242 32.50 -3.74 -13.85
C CYS C 242 32.27 -2.60 -14.85
N ILE C 243 31.10 -2.59 -15.48
CA ILE C 243 30.73 -1.53 -16.41
C ILE C 243 29.46 -0.85 -15.88
N GLU C 244 29.28 0.40 -16.29
CA GLU C 244 28.23 1.23 -15.71
C GLU C 244 27.56 2.05 -16.80
N VAL C 245 26.28 2.36 -16.58
CA VAL C 245 25.55 3.31 -17.41
C VAL C 245 24.86 4.31 -16.50
N ARG C 246 24.63 5.50 -17.02
CA ARG C 246 24.02 6.59 -16.27
C ARG C 246 22.85 7.17 -17.03
N PHE C 247 21.76 7.43 -16.32
CA PHE C 247 20.57 8.04 -16.90
C PHE C 247 20.29 9.34 -16.17
N HIS C 248 19.97 10.39 -16.93
CA HIS C 248 19.69 11.70 -16.37
C HIS C 248 18.20 11.97 -16.43
N LEU C 249 17.62 12.36 -15.30
CA LEU C 249 16.19 12.60 -15.19
C LEU C 249 15.95 14.04 -14.74
N GLU C 250 15.05 14.73 -15.43
CA GLU C 250 14.68 16.10 -15.10
C GLU C 250 13.20 16.13 -14.72
N ARG C 251 12.89 16.87 -13.65
CA ARG C 251 11.54 16.98 -13.16
C ARG C 251 10.84 18.18 -13.81
N GLN C 252 9.59 17.97 -14.21
CA GLN C 252 8.79 19.03 -14.78
C GLN C 252 8.25 19.95 -13.68
N MET C 253 7.91 21.17 -14.07
CA MET C 253 7.58 22.22 -13.10
C MET C 253 6.21 22.85 -13.32
N GLY C 254 5.44 22.43 -14.32
CA GLY C 254 4.21 23.12 -14.64
C GLY C 254 3.17 23.04 -13.55
N TYR C 255 2.96 21.84 -13.00
CA TYR C 255 1.97 21.66 -11.93
C TYR C 255 2.34 22.46 -10.69
N TYR C 256 3.61 22.41 -10.29
CA TYR C 256 4.05 23.15 -9.11
C TYR C 256 3.92 24.65 -9.33
N LEU C 257 4.31 25.14 -10.51
CA LEU C 257 4.19 26.56 -10.81
C LEU C 257 2.74 27.02 -10.77
N ILE C 258 1.83 26.23 -11.35
CA ILE C 258 0.45 26.69 -11.43
C ILE C 258 -0.34 26.43 -10.15
N GLN C 259 0.14 25.58 -9.25
CA GLN C 259 -0.66 25.24 -8.07
C GLN C 259 -0.07 25.70 -6.74
N MET C 260 1.22 26.02 -6.67
CA MET C 260 1.83 26.42 -5.40
C MET C 260 2.42 27.81 -5.44
N TYR C 261 3.20 28.13 -6.47
CA TYR C 261 3.90 29.41 -6.50
C TYR C 261 2.96 30.56 -6.81
N ILE C 262 2.08 30.39 -7.79
CA ILE C 262 1.17 31.47 -8.18
C ILE C 262 0.16 31.83 -7.08
N PRO C 263 -0.56 30.87 -6.47
CA PRO C 263 -1.50 31.27 -5.40
C PRO C 263 -0.82 31.94 -4.21
N SER C 264 0.38 31.51 -3.84
CA SER C 264 1.10 32.16 -2.75
C SER C 264 1.43 33.60 -3.09
N LEU C 265 1.88 33.85 -4.32
CA LEU C 265 2.15 35.21 -4.76
C LEU C 265 0.89 36.06 -4.77
N LEU C 266 -0.24 35.47 -5.19
CA LEU C 266 -1.50 36.19 -5.18
C LEU C 266 -1.93 36.56 -3.76
N ILE C 267 -1.74 35.65 -2.81
CA ILE C 267 -2.10 35.94 -1.42
C ILE C 267 -1.20 37.03 -0.85
N VAL C 268 0.10 36.98 -1.18
CA VAL C 268 1.03 38.01 -0.73
C VAL C 268 0.62 39.37 -1.30
N ILE C 269 0.24 39.40 -2.58
CA ILE C 269 -0.22 40.65 -3.18
C ILE C 269 -1.50 41.16 -2.50
N LEU C 270 -2.44 40.25 -2.23
CA LEU C 270 -3.66 40.62 -1.55
C LEU C 270 -3.41 41.19 -0.17
N SER C 271 -2.35 40.73 0.49
CA SER C 271 -1.99 41.29 1.80
C SER C 271 -1.53 42.73 1.73
N TRP C 272 -1.16 43.22 0.54
CA TRP C 272 -0.66 44.58 0.40
C TRP C 272 -1.76 45.62 0.23
N VAL C 273 -3.00 45.21 -0.03
CA VAL C 273 -4.07 46.19 -0.24
C VAL C 273 -4.55 46.82 1.06
N SER C 274 -4.04 46.35 2.21
CA SER C 274 -4.37 46.98 3.48
C SER C 274 -3.80 48.39 3.55
N PHE C 275 -2.64 48.63 2.93
CA PHE C 275 -2.00 49.94 2.99
C PHE C 275 -2.78 51.00 2.23
N TRP C 276 -3.71 50.60 1.36
CA TRP C 276 -4.53 51.53 0.60
C TRP C 276 -5.91 51.75 1.20
N ILE C 277 -6.18 51.18 2.36
CA ILE C 277 -7.45 51.34 3.06
C ILE C 277 -7.27 52.39 4.14
N ASN C 278 -8.34 53.14 4.42
CA ASN C 278 -8.31 54.20 5.42
C ASN C 278 -7.87 53.66 6.77
N MET C 279 -7.05 54.43 7.48
CA MET C 279 -6.47 53.95 8.75
C MET C 279 -7.51 53.83 9.86
N ASP C 280 -8.66 54.44 9.68
CA ASP C 280 -9.72 54.36 10.68
C ASP C 280 -10.71 53.24 10.37
N ALA C 281 -10.24 52.18 9.71
CA ALA C 281 -11.10 51.08 9.31
C ALA C 281 -10.60 49.78 9.95
N ALA C 282 -10.34 49.81 11.25
CA ALA C 282 -9.77 48.67 11.97
C ALA C 282 -10.53 47.36 11.80
N PRO C 283 -11.86 47.30 11.92
CA PRO C 283 -12.54 46.00 11.72
C PRO C 283 -12.37 45.44 10.31
N ALA C 284 -12.08 46.28 9.32
CA ALA C 284 -11.77 45.80 7.99
C ALA C 284 -10.31 45.38 7.85
N ARG C 285 -9.39 46.23 8.29
CA ARG C 285 -7.97 45.98 8.07
C ARG C 285 -7.47 44.78 8.89
N VAL C 286 -7.84 44.72 10.17
CA VAL C 286 -7.41 43.62 11.01
C VAL C 286 -7.97 42.29 10.49
N ALA C 287 -9.25 42.30 10.11
CA ALA C 287 -9.87 41.08 9.58
C ALA C 287 -9.21 40.65 8.28
N LEU C 288 -8.90 41.60 7.39
CA LEU C 288 -8.25 41.26 6.14
C LEU C 288 -6.86 40.66 6.38
N GLY C 289 -6.09 41.26 7.29
CA GLY C 289 -4.78 40.71 7.59
C GLY C 289 -4.82 39.31 8.18
N ILE C 290 -5.68 39.10 9.18
CA ILE C 290 -5.73 37.80 9.83
C ILE C 290 -6.30 36.75 8.88
N THR C 291 -7.24 37.13 8.00
CA THR C 291 -7.77 36.17 7.04
C THR C 291 -6.75 35.83 5.96
N THR C 292 -5.90 36.78 5.57
CA THR C 292 -4.82 36.44 4.65
C THR C 292 -3.83 35.48 5.29
N VAL C 293 -3.53 35.68 6.57
CA VAL C 293 -2.66 34.74 7.28
C VAL C 293 -3.29 33.35 7.32
N LEU C 294 -4.59 33.28 7.63
CA LEU C 294 -5.28 32.00 7.66
C LEU C 294 -5.30 31.32 6.30
N THR C 295 -5.54 32.09 5.23
CA THR C 295 -5.53 31.55 3.88
C THR C 295 -4.15 31.00 3.52
N MET C 296 -3.10 31.73 3.90
CA MET C 296 -1.75 31.25 3.65
C MET C 296 -1.49 29.93 4.37
N THR C 297 -1.92 29.83 5.63
CA THR C 297 -1.73 28.60 6.39
C THR C 297 -2.50 27.43 5.80
N THR C 298 -3.74 27.68 5.36
CA THR C 298 -4.52 26.61 4.74
C THR C 298 -3.88 26.14 3.43
N GLN C 299 -3.38 27.08 2.62
CA GLN C 299 -2.69 26.70 1.39
C GLN C 299 -1.45 25.85 1.69
N SER C 300 -0.65 26.28 2.67
CA SER C 300 0.55 25.52 3.03
C SER C 300 0.20 24.13 3.56
N SER C 301 -0.84 24.04 4.40
CA SER C 301 -1.23 22.75 4.95
C SER C 301 -1.75 21.82 3.86
N GLY C 302 -2.53 22.36 2.92
CA GLY C 302 -3.02 21.54 1.82
C GLY C 302 -1.91 21.06 0.90
N SER C 303 -0.89 21.89 0.68
CA SER C 303 0.19 21.51 -0.21
C SER C 303 1.10 20.42 0.36
N ARG C 304 1.06 20.21 1.68
CA ARG C 304 2.02 19.28 2.30
C ARG C 304 1.69 17.82 2.01
N ALA C 305 0.42 17.51 1.76
CA ALA C 305 0.02 16.11 1.58
C ALA C 305 0.54 15.51 0.29
N SER C 306 0.90 16.33 -0.70
CA SER C 306 1.33 15.85 -2.00
C SER C 306 2.81 16.12 -2.26
N LEU C 307 3.65 16.06 -1.23
CA LEU C 307 5.07 16.31 -1.37
C LEU C 307 5.86 15.15 -0.77
N PRO C 308 7.10 14.93 -1.25
CA PRO C 308 7.94 13.89 -0.65
C PRO C 308 8.23 14.18 0.82
N LYS C 309 8.30 13.10 1.61
CA LYS C 309 8.49 13.21 3.05
C LYS C 309 9.97 13.05 3.37
N VAL C 310 10.63 14.16 3.69
CA VAL C 310 12.02 14.18 4.11
C VAL C 310 12.13 15.03 5.36
N SER C 311 13.27 14.91 6.04
CA SER C 311 13.48 15.62 7.29
C SER C 311 14.30 16.90 7.13
N TYR C 312 14.75 17.22 5.92
CA TYR C 312 15.54 18.43 5.70
C TYR C 312 14.77 19.42 4.84
N VAL C 313 15.29 20.65 4.81
CA VAL C 313 14.60 21.77 4.20
C VAL C 313 14.72 21.71 2.68
N LYS C 314 13.67 22.14 1.98
CA LYS C 314 13.65 22.22 0.53
C LYS C 314 13.34 23.64 0.08
N ALA C 315 13.52 23.87 -1.23
CA ALA C 315 13.32 25.20 -1.79
C ALA C 315 11.87 25.65 -1.68
N ILE C 316 10.93 24.73 -1.89
CA ILE C 316 9.52 25.06 -1.73
C ILE C 316 9.21 25.39 -0.27
N ASP C 317 9.87 24.73 0.67
CA ASP C 317 9.72 25.07 2.08
C ASP C 317 10.24 26.47 2.37
N ILE C 318 11.38 26.84 1.80
CA ILE C 318 11.92 28.19 1.98
C ILE C 318 10.94 29.22 1.44
N TRP C 319 10.40 28.97 0.25
CA TRP C 319 9.44 29.89 -0.36
C TRP C 319 8.19 30.03 0.50
N MET C 320 7.67 28.92 1.02
CA MET C 320 6.48 28.94 1.84
C MET C 320 6.71 29.75 3.12
N ALA C 321 7.87 29.54 3.76
CA ALA C 321 8.19 30.25 4.99
C ALA C 321 8.34 31.74 4.74
N VAL C 322 8.97 32.13 3.63
CA VAL C 322 9.12 33.56 3.35
C VAL C 322 7.77 34.21 3.09
N CYS C 323 6.89 33.53 2.35
CA CYS C 323 5.56 34.09 2.10
C CYS C 323 4.78 34.26 3.40
N LEU C 324 4.88 33.26 4.29
CA LEU C 324 4.24 33.38 5.61
C LEU C 324 4.82 34.54 6.40
N LEU C 325 6.14 34.75 6.34
CA LEU C 325 6.75 35.88 7.05
C LEU C 325 6.26 37.21 6.51
N PHE C 326 6.09 37.32 5.19
CA PHE C 326 5.59 38.56 4.61
C PHE C 326 4.16 38.85 5.08
N VAL C 327 3.27 37.85 4.98
CA VAL C 327 1.89 38.10 5.40
C VAL C 327 1.80 38.29 6.90
N PHE C 328 2.79 37.80 7.66
CA PHE C 328 2.83 38.04 9.10
C PHE C 328 3.26 39.46 9.41
N SER C 329 4.24 39.99 8.68
CA SER C 329 4.70 41.36 8.92
C SER C 329 3.66 42.39 8.50
N ALA C 330 2.84 42.07 7.49
CA ALA C 330 1.82 43.01 7.03
C ALA C 330 0.84 43.37 8.13
N LEU C 331 0.56 42.44 9.06
CA LEU C 331 -0.37 42.74 10.14
C LEU C 331 0.27 43.60 11.23
N LEU C 332 1.55 43.33 11.54
CA LEU C 332 2.24 44.16 12.52
C LEU C 332 2.41 45.59 12.05
N GLU C 333 2.51 45.80 10.73
CA GLU C 333 2.54 47.17 10.23
C GLU C 333 1.30 47.94 10.67
N TYR C 334 0.12 47.35 10.48
CA TYR C 334 -1.10 48.05 10.89
C TYR C 334 -1.23 48.11 12.41
N ALA C 335 -0.71 47.10 13.12
CA ALA C 335 -0.72 47.19 14.58
C ALA C 335 0.06 48.40 15.07
N ALA C 336 1.26 48.61 14.51
CA ALA C 336 2.05 49.78 14.87
C ALA C 336 1.35 51.07 14.47
N VAL C 337 0.75 51.11 13.27
CA VAL C 337 0.07 52.32 12.82
C VAL C 337 -1.09 52.66 13.74
N ASN C 338 -1.93 51.73 14.19
CA ASN C 338 -3.13 52.08 15.01
C ASN C 338 -2.74 52.65 16.38
N PHE C 339 -1.69 52.16 16.99
CA PHE C 339 -1.24 52.65 18.32
C PHE C 339 -0.71 54.07 18.24
N VAL C 340 0.09 54.39 17.24
CA VAL C 340 0.73 55.72 17.15
C VAL C 340 -0.37 56.75 16.97
N SER C 341 -1.38 56.45 16.18
CA SER C 341 -2.46 57.42 15.90
C SER C 341 -3.31 57.72 17.13
N ARG C 342 -3.69 56.71 17.88
CA ARG C 342 -4.54 56.89 19.09
C ARG C 342 -3.77 57.66 20.15
N GLN C 343 -2.44 57.60 20.14
CA GLN C 343 -1.67 58.23 21.22
C GLN C 343 -2.01 59.71 21.26
N HIS C 344 -2.31 60.23 22.45
CA HIS C 344 -2.72 61.66 22.59
C HIS C 344 -1.96 62.31 23.75
N LYS C 419 -1.79 66.49 15.84
CA LYS C 419 -1.54 66.56 14.41
C LYS C 419 -0.22 65.89 14.04
N VAL C 420 0.77 66.05 14.91
CA VAL C 420 2.10 65.44 14.64
C VAL C 420 1.93 63.92 14.67
N PHE C 421 1.12 63.43 15.60
CA PHE C 421 0.91 61.96 15.74
C PHE C 421 0.20 61.41 14.51
N ILE C 422 -0.74 62.14 13.92
CA ILE C 422 -1.52 61.59 12.79
C ILE C 422 -0.70 61.67 11.51
N ASP C 423 0.29 62.56 11.44
CA ASP C 423 1.18 62.60 10.29
C ASP C 423 2.16 61.44 10.29
N ARG C 424 2.71 61.11 11.47
CA ARG C 424 3.67 60.01 11.57
C ARG C 424 3.03 58.69 11.19
N ALA C 425 1.77 58.48 11.59
CA ALA C 425 1.08 57.24 11.25
C ALA C 425 0.86 57.13 9.74
N LYS C 426 0.51 58.23 9.09
CA LYS C 426 0.31 58.21 7.64
C LYS C 426 1.61 58.01 6.90
N LYS C 427 2.72 58.54 7.45
CA LYS C 427 4.02 58.37 6.81
C LYS C 427 4.41 56.89 6.73
N ILE C 428 4.10 56.12 7.77
CA ILE C 428 4.42 54.69 7.77
C ILE C 428 3.67 53.98 6.64
N ASP C 429 2.38 54.30 6.47
CA ASP C 429 1.61 53.68 5.39
C ASP C 429 2.18 54.05 4.02
N THR C 430 2.50 55.34 3.83
CA THR C 430 3.03 55.77 2.53
C THR C 430 4.38 55.12 2.24
N ILE C 431 5.21 54.93 3.27
CA ILE C 431 6.49 54.26 3.06
C ILE C 431 6.28 52.78 2.74
N SER C 432 5.42 52.10 3.50
CA SER C 432 5.18 50.68 3.31
C SER C 432 4.63 50.37 1.93
N ARG C 433 3.77 51.24 1.40
CA ARG C 433 3.16 51.05 0.09
C ARG C 433 4.18 50.75 -1.00
N ALA C 434 5.35 51.40 -0.93
CA ALA C 434 6.43 51.13 -1.88
C ALA C 434 7.50 50.21 -1.33
N CYS C 435 7.64 50.11 0.00
CA CYS C 435 8.72 49.33 0.57
C CYS C 435 8.46 47.82 0.45
N PHE C 436 7.23 47.39 0.71
CA PHE C 436 6.95 45.95 0.71
C PHE C 436 7.15 45.29 -0.65
N PRO C 437 6.58 45.79 -1.77
CA PRO C 437 6.83 45.14 -3.06
C PRO C 437 8.29 45.14 -3.48
N LEU C 438 9.06 46.16 -3.10
CA LEU C 438 10.47 46.21 -3.47
C LEU C 438 11.26 45.08 -2.80
N ALA C 439 11.05 44.89 -1.49
CA ALA C 439 11.71 43.78 -0.80
C ALA C 439 11.26 42.44 -1.34
N PHE C 440 9.97 42.31 -1.67
CA PHE C 440 9.50 41.06 -2.25
C PHE C 440 10.16 40.78 -3.59
N LEU C 441 10.31 41.81 -4.43
CA LEU C 441 10.97 41.63 -5.73
C LEU C 441 12.43 41.25 -5.56
N ILE C 442 13.12 41.89 -4.62
CA ILE C 442 14.53 41.54 -4.38
C ILE C 442 14.65 40.09 -3.93
N PHE C 443 13.78 39.66 -3.02
CA PHE C 443 13.78 38.27 -2.60
C PHE C 443 13.50 37.34 -3.77
N ASN C 444 12.55 37.72 -4.64
CA ASN C 444 12.20 36.86 -5.76
C ASN C 444 13.38 36.65 -6.70
N ILE C 445 14.07 37.74 -7.06
CA ILE C 445 15.18 37.59 -7.99
C ILE C 445 16.33 36.83 -7.35
N PHE C 446 16.60 37.07 -6.05
CA PHE C 446 17.63 36.31 -5.36
C PHE C 446 17.29 34.83 -5.30
N TYR C 447 16.03 34.50 -5.03
CA TYR C 447 15.60 33.11 -4.94
C TYR C 447 15.70 32.41 -6.28
N TRP C 448 15.28 33.08 -7.35
CA TRP C 448 15.24 32.40 -8.65
C TRP C 448 16.62 32.27 -9.29
N VAL C 449 17.52 33.25 -9.14
CA VAL C 449 18.81 33.11 -9.80
C VAL C 449 19.65 31.98 -9.19
N ILE C 450 19.62 31.80 -7.86
CA ILE C 450 20.45 30.77 -7.23
C ILE C 450 19.91 29.36 -7.42
N TYR C 451 18.66 29.21 -7.85
CA TYR C 451 18.11 27.89 -8.13
C TYR C 451 18.00 27.59 -9.60
N LYS C 452 18.06 28.60 -10.49
CA LYS C 452 18.08 28.34 -11.91
C LYS C 452 19.44 28.54 -12.56
N ILE C 453 20.43 29.05 -11.84
CA ILE C 453 21.78 29.22 -12.36
C ILE C 453 22.80 28.41 -11.57
N LEU C 454 22.79 28.53 -10.25
CA LEU C 454 23.69 27.76 -9.40
C LEU C 454 23.15 26.36 -9.18
N ARG C 455 22.93 25.61 -10.26
CA ARG C 455 22.32 24.30 -10.20
C ARG C 455 23.18 23.19 -10.78
N HIS C 456 24.27 23.50 -11.48
CA HIS C 456 25.11 22.48 -12.06
C HIS C 456 25.90 21.75 -10.97
N MET D 41 45.03 -32.26 -14.23
CA MET D 41 43.82 -32.93 -13.79
C MET D 41 42.68 -31.94 -13.62
N SER D 42 41.46 -32.41 -13.86
CA SER D 42 40.29 -31.54 -13.75
C SER D 42 40.04 -31.19 -12.29
N PRO D 43 39.85 -29.90 -11.97
CA PRO D 43 39.51 -29.54 -10.58
C PRO D 43 38.22 -30.17 -10.10
N SER D 44 37.23 -30.32 -10.97
CA SER D 44 35.98 -30.98 -10.58
C SER D 44 36.22 -32.45 -10.26
N ASP D 45 37.05 -33.12 -11.06
CA ASP D 45 37.38 -34.51 -10.78
C ASP D 45 38.16 -34.65 -9.49
N PHE D 46 39.08 -33.71 -9.21
CA PHE D 46 39.79 -33.73 -7.94
C PHE D 46 38.85 -33.51 -6.75
N LEU D 47 37.90 -32.60 -6.90
CA LEU D 47 36.92 -32.37 -5.84
C LEU D 47 36.05 -33.61 -5.62
N ASP D 48 35.72 -34.32 -6.70
CA ASP D 48 34.98 -35.57 -6.56
C ASP D 48 35.77 -36.59 -5.75
N LYS D 49 37.07 -36.73 -6.03
CA LYS D 49 37.90 -37.64 -5.24
C LYS D 49 37.99 -37.18 -3.80
N LEU D 50 38.01 -35.87 -3.57
CA LEU D 50 38.16 -35.36 -2.21
C LEU D 50 36.91 -35.55 -1.38
N MET D 51 35.72 -35.43 -1.99
CA MET D 51 34.47 -35.41 -1.24
C MET D 51 33.47 -36.46 -1.72
N GLY D 52 33.94 -37.57 -2.29
CA GLY D 52 33.06 -38.65 -2.70
C GLY D 52 32.92 -39.75 -1.66
N ARG D 53 32.17 -40.79 -2.06
CA ARG D 53 31.93 -41.93 -1.20
C ARG D 53 33.19 -42.71 -0.93
N THR D 54 34.12 -42.76 -1.89
CA THR D 54 35.40 -43.40 -1.66
C THR D 54 36.19 -42.67 -0.58
N SER D 55 36.15 -41.34 -0.59
CA SER D 55 36.77 -40.58 0.48
C SER D 55 36.05 -40.78 1.81
N GLY D 56 34.74 -40.90 1.78
CA GLY D 56 33.97 -41.09 2.99
C GLY D 56 33.62 -39.83 3.73
N TYR D 57 33.70 -38.67 3.09
CA TYR D 57 33.33 -37.41 3.73
C TYR D 57 31.84 -37.41 4.03
N ASP D 58 31.49 -37.03 5.26
CA ASP D 58 30.10 -36.94 5.69
C ASP D 58 29.76 -35.47 5.95
N ALA D 59 28.78 -34.95 5.21
CA ALA D 59 28.38 -33.56 5.34
C ALA D 59 27.57 -33.28 6.59
N ARG D 60 27.07 -34.31 7.26
CA ARG D 60 26.29 -34.13 8.48
C ARG D 60 27.13 -34.21 9.74
N ILE D 61 28.45 -34.38 9.62
CA ILE D 61 29.35 -34.45 10.76
C ILE D 61 30.24 -33.22 10.74
N ARG D 62 30.25 -32.48 11.84
CA ARG D 62 31.03 -31.25 11.92
C ARG D 62 32.52 -31.57 11.99
N PRO D 63 33.38 -30.64 11.57
CA PRO D 63 34.82 -30.85 11.70
C PRO D 63 35.23 -30.97 13.17
N ASN D 64 36.24 -31.80 13.42
CA ASN D 64 36.72 -32.11 14.76
C ASN D 64 35.58 -32.58 15.65
N PHE D 65 34.94 -33.67 15.20
CA PHE D 65 33.73 -34.17 15.83
C PHE D 65 33.96 -34.63 17.27
N LYS D 66 35.19 -34.98 17.63
CA LYS D 66 35.48 -35.53 18.95
C LYS D 66 35.98 -34.47 19.93
N GLY D 67 36.70 -33.45 19.46
CA GLY D 67 37.42 -32.57 20.34
C GLY D 67 36.92 -31.14 20.39
N PRO D 68 37.82 -30.19 20.11
CA PRO D 68 37.50 -28.79 20.36
C PRO D 68 36.44 -28.28 19.41
N PRO D 69 35.72 -27.22 19.77
CA PRO D 69 34.66 -26.70 18.91
C PRO D 69 35.22 -26.01 17.67
N VAL D 70 34.32 -25.75 16.72
CA VAL D 70 34.68 -25.08 15.48
C VAL D 70 34.57 -23.58 15.66
N ASN D 71 35.60 -22.85 15.23
CA ASN D 71 35.64 -21.40 15.33
C ASN D 71 35.37 -20.79 13.96
N VAL D 72 34.35 -19.94 13.88
CA VAL D 72 33.91 -19.33 12.64
C VAL D 72 34.10 -17.82 12.75
N THR D 73 34.77 -17.24 11.76
CA THR D 73 35.01 -15.80 11.71
C THR D 73 34.09 -15.18 10.66
N CYS D 74 33.43 -14.08 11.02
CA CYS D 74 32.37 -13.51 10.20
C CYS D 74 32.67 -12.07 9.81
N ASN D 75 32.34 -11.74 8.57
CA ASN D 75 32.38 -10.37 8.07
C ASN D 75 31.04 -10.02 7.44
N ILE D 76 30.66 -8.75 7.52
CA ILE D 76 29.42 -8.26 6.94
C ILE D 76 29.71 -6.99 6.18
N PHE D 77 29.31 -6.93 4.92
CA PHE D 77 29.40 -5.73 4.10
C PHE D 77 27.99 -5.32 3.70
N ILE D 78 27.60 -4.09 4.06
CA ILE D 78 26.24 -3.60 3.84
C ILE D 78 26.21 -2.82 2.53
N ASN D 79 25.33 -3.24 1.62
CA ASN D 79 25.20 -2.59 0.32
C ASN D 79 24.11 -1.52 0.31
N SER D 80 22.97 -1.79 0.94
CA SER D 80 21.88 -0.83 1.02
C SER D 80 21.29 -0.86 2.42
N PHE D 81 20.63 0.24 2.78
CA PHE D 81 20.08 0.41 4.12
C PHE D 81 18.92 1.39 4.00
N GLY D 82 17.74 0.98 4.46
CA GLY D 82 16.59 1.86 4.40
C GLY D 82 15.31 1.14 4.71
N SER D 83 14.21 1.72 4.22
CA SER D 83 12.85 1.20 4.44
C SER D 83 12.53 1.07 5.93
N ILE D 84 12.90 2.09 6.70
CA ILE D 84 12.63 2.11 8.13
C ILE D 84 11.20 2.57 8.35
N ALA D 85 10.40 1.72 8.99
CA ALA D 85 8.98 1.99 9.20
C ALA D 85 8.63 1.80 10.66
N GLU D 86 7.76 2.68 11.18
CA GLU D 86 7.31 2.59 12.55
C GLU D 86 6.00 1.81 12.70
N THR D 87 5.25 1.66 11.60
CA THR D 87 4.02 0.87 11.67
C THR D 87 4.31 -0.60 11.88
N THR D 88 5.38 -1.12 11.27
CA THR D 88 5.77 -2.51 11.42
C THR D 88 7.02 -2.69 12.27
N MET D 89 7.67 -1.61 12.65
CA MET D 89 8.89 -1.68 13.49
C MET D 89 9.95 -2.59 12.86
N ASP D 90 10.46 -2.23 11.68
CA ASP D 90 11.47 -3.02 11.01
C ASP D 90 12.20 -2.16 9.97
N TYR D 91 13.29 -2.72 9.46
CA TYR D 91 14.09 -2.05 8.43
C TYR D 91 14.66 -3.12 7.50
N ARG D 92 15.08 -2.68 6.33
CA ARG D 92 15.52 -3.57 5.26
C ARG D 92 16.99 -3.33 4.94
N VAL D 93 17.74 -4.41 4.78
CA VAL D 93 19.16 -4.34 4.43
C VAL D 93 19.46 -5.33 3.32
N ASN D 94 20.54 -5.06 2.58
CA ASN D 94 21.09 -5.96 1.58
C ASN D 94 22.58 -6.08 1.85
N ILE D 95 23.03 -7.27 2.25
CA ILE D 95 24.36 -7.44 2.81
C ILE D 95 25.13 -8.54 2.10
N PHE D 96 26.45 -8.51 2.30
CA PHE D 96 27.34 -9.61 1.93
C PHE D 96 27.83 -10.26 3.21
N LEU D 97 27.63 -11.57 3.33
CA LEU D 97 28.03 -12.31 4.51
C LEU D 97 29.16 -13.28 4.15
N ARG D 98 30.25 -13.24 4.91
CA ARG D 98 31.40 -14.09 4.67
C ARG D 98 31.74 -14.85 5.96
N GLN D 99 31.92 -16.15 5.84
CA GLN D 99 32.28 -17.01 6.96
C GLN D 99 33.54 -17.79 6.63
N LYS D 100 34.43 -17.95 7.61
CA LYS D 100 35.67 -18.68 7.42
C LYS D 100 35.87 -19.66 8.57
N TRP D 101 36.21 -20.90 8.24
CA TRP D 101 36.49 -21.93 9.24
C TRP D 101 37.43 -22.95 8.63
N ASN D 102 38.00 -23.79 9.49
CA ASN D 102 38.99 -24.77 9.08
C ASN D 102 38.39 -26.17 9.13
N ASP D 103 38.54 -26.91 8.04
CA ASP D 103 38.07 -28.30 7.96
C ASP D 103 39.28 -29.20 7.65
N PRO D 104 39.80 -29.94 8.63
CA PRO D 104 40.98 -30.77 8.37
C PRO D 104 40.74 -31.91 7.41
N ARG D 105 39.50 -32.32 7.18
CA ARG D 105 39.22 -33.40 6.24
C ARG D 105 39.34 -32.97 4.78
N LEU D 106 39.42 -31.67 4.51
CA LEU D 106 39.49 -31.15 3.16
C LEU D 106 40.89 -30.74 2.75
N ALA D 107 41.89 -31.02 3.57
CA ALA D 107 43.26 -30.67 3.21
C ALA D 107 43.75 -31.55 2.06
N TYR D 108 44.49 -30.93 1.14
CA TYR D 108 45.01 -31.64 -0.02
C TYR D 108 46.43 -31.16 -0.31
N SER D 109 47.22 -32.04 -0.91
CA SER D 109 48.60 -31.72 -1.28
C SER D 109 48.97 -32.13 -2.70
N GLU D 110 48.22 -33.01 -3.34
CA GLU D 110 48.60 -33.49 -4.67
C GLU D 110 48.40 -32.41 -5.73
N TYR D 111 47.29 -31.69 -5.66
CA TYR D 111 46.94 -30.73 -6.71
C TYR D 111 47.84 -29.51 -6.63
N PRO D 112 48.45 -29.09 -7.75
CA PRO D 112 49.36 -27.92 -7.69
C PRO D 112 48.67 -26.62 -7.31
N ASP D 113 47.39 -26.46 -7.65
CA ASP D 113 46.70 -25.22 -7.38
C ASP D 113 46.52 -24.99 -5.88
N ASP D 114 46.66 -23.73 -5.46
CA ASP D 114 46.58 -23.38 -4.05
C ASP D 114 45.15 -23.16 -3.58
N SER D 115 44.18 -23.10 -4.48
CA SER D 115 42.79 -22.91 -4.09
C SER D 115 41.89 -23.65 -5.07
N LEU D 116 40.72 -24.06 -4.59
CA LEU D 116 39.74 -24.78 -5.39
C LEU D 116 38.38 -24.15 -5.18
N ASP D 117 37.60 -24.08 -6.26
CA ASP D 117 36.28 -23.46 -6.25
C ASP D 117 35.22 -24.53 -6.44
N LEU D 118 34.16 -24.45 -5.63
CA LEU D 118 33.09 -25.44 -5.64
C LEU D 118 31.87 -24.88 -6.37
N ASP D 119 31.19 -25.75 -7.11
CA ASP D 119 29.99 -25.34 -7.81
C ASP D 119 28.87 -25.02 -6.83
N PRO D 120 28.12 -23.91 -6.98
CA PRO D 120 26.99 -23.60 -6.11
C PRO D 120 25.87 -24.65 -6.13
N SER D 121 25.80 -25.44 -7.20
CA SER D 121 24.74 -26.46 -7.26
C SER D 121 25.03 -27.65 -6.37
N MET D 122 26.29 -27.84 -5.98
CA MET D 122 26.71 -28.97 -5.17
C MET D 122 27.08 -28.56 -3.74
N LEU D 123 26.59 -27.40 -3.28
CA LEU D 123 26.92 -26.91 -1.95
C LEU D 123 26.40 -27.79 -0.84
N ASP D 124 25.45 -28.69 -1.13
CA ASP D 124 24.90 -29.56 -0.10
C ASP D 124 25.81 -30.75 0.21
N SER D 125 26.92 -30.91 -0.50
CA SER D 125 27.85 -31.99 -0.28
C SER D 125 28.96 -31.63 0.71
N ILE D 126 28.89 -30.44 1.30
CA ILE D 126 29.91 -29.96 2.24
C ILE D 126 29.22 -29.49 3.51
N TRP D 127 29.95 -29.53 4.62
CA TRP D 127 29.42 -29.08 5.90
C TRP D 127 29.50 -27.56 6.00
N LYS D 128 28.40 -26.93 6.40
CA LYS D 128 28.34 -25.51 6.60
C LYS D 128 27.71 -25.20 7.95
N PRO D 129 28.09 -24.10 8.59
CA PRO D 129 27.46 -23.73 9.86
C PRO D 129 26.00 -23.38 9.69
N ASP D 130 25.21 -23.64 10.73
CA ASP D 130 23.77 -23.37 10.71
C ASP D 130 23.48 -22.01 11.32
N LEU D 131 24.02 -20.98 10.67
CA LEU D 131 23.81 -19.61 11.12
C LEU D 131 22.41 -19.14 10.75
N PHE D 132 21.82 -18.31 11.62
CA PHE D 132 20.55 -17.69 11.32
C PHE D 132 20.46 -16.38 12.10
N PHE D 133 19.58 -15.49 11.63
CA PHE D 133 19.40 -14.18 12.23
C PHE D 133 18.24 -14.20 13.21
N ALA D 134 18.50 -13.83 14.45
CA ALA D 134 17.52 -14.01 15.51
C ALA D 134 16.34 -13.04 15.37
N ASN D 135 16.60 -11.80 15.02
CA ASN D 135 15.57 -10.78 14.93
C ASN D 135 15.09 -10.56 13.50
N GLU D 136 15.07 -11.63 12.71
CA GLU D 136 14.73 -11.56 11.29
C GLU D 136 13.26 -11.93 11.07
N LYS D 137 12.59 -11.16 10.23
CA LYS D 137 11.21 -11.42 9.86
C LYS D 137 11.03 -11.86 8.42
N GLY D 138 12.06 -11.78 7.59
CA GLY D 138 11.97 -12.20 6.21
C GLY D 138 13.32 -12.15 5.52
N ALA D 139 13.65 -13.18 4.73
CA ALA D 139 14.94 -13.23 4.06
C ALA D 139 14.82 -14.06 2.79
N ASN D 140 15.73 -13.81 1.86
CA ASN D 140 15.79 -14.55 0.60
C ASN D 140 17.18 -14.41 0.00
N PHE D 141 17.51 -15.33 -0.90
CA PHE D 141 18.83 -15.29 -1.58
C PHE D 141 18.64 -14.65 -2.95
N HIS D 142 19.73 -14.45 -3.70
CA HIS D 142 19.65 -13.76 -5.02
C HIS D 142 20.05 -14.72 -6.14
N GLU D 143 19.23 -14.85 -7.18
CA GLU D 143 19.52 -15.82 -8.26
C GLU D 143 19.66 -15.18 -9.65
N VAL D 144 19.70 -13.85 -9.75
CA VAL D 144 19.71 -13.22 -11.12
C VAL D 144 20.98 -13.65 -11.85
N THR D 145 20.83 -14.07 -13.10
CA THR D 145 21.96 -14.68 -13.83
C THR D 145 22.31 -15.94 -13.03
N THR D 146 23.53 -16.08 -12.54
CA THR D 146 23.93 -17.25 -11.72
C THR D 146 23.55 -17.02 -10.25
N ASP D 147 23.54 -18.08 -9.43
CA ASP D 147 23.29 -17.93 -7.97
C ASP D 147 24.41 -17.10 -7.34
N ASN D 148 24.07 -16.17 -6.46
CA ASN D 148 25.08 -15.26 -5.85
C ASN D 148 25.71 -15.94 -4.63
N LYS D 149 26.50 -16.99 -4.82
CA LYS D 149 27.16 -17.72 -3.70
C LYS D 149 28.55 -18.14 -4.15
N LEU D 150 29.49 -18.32 -3.21
CA LEU D 150 30.89 -18.67 -3.55
C LEU D 150 31.51 -19.45 -2.40
N LEU D 151 32.24 -20.54 -2.70
CA LEU D 151 32.91 -21.35 -1.71
C LEU D 151 34.29 -21.73 -2.22
N ARG D 152 35.32 -21.48 -1.41
CA ARG D 152 36.70 -21.73 -1.80
C ARG D 152 37.38 -22.56 -0.74
N ILE D 153 38.20 -23.51 -1.17
CA ILE D 153 38.93 -24.41 -0.28
C ILE D 153 40.42 -24.27 -0.55
N PHE D 154 41.20 -24.05 0.50
CA PHE D 154 42.63 -23.87 0.38
C PHE D 154 43.36 -25.17 0.72
N LYS D 155 44.69 -25.14 0.57
CA LYS D 155 45.49 -26.34 0.75
C LYS D 155 45.46 -26.83 2.18
N ASN D 156 45.54 -25.91 3.16
CA ASN D 156 45.55 -26.30 4.56
C ASN D 156 44.19 -26.75 5.06
N GLY D 157 43.12 -26.56 4.27
CA GLY D 157 41.79 -26.95 4.66
C GLY D 157 40.86 -25.81 5.05
N ASN D 158 41.32 -24.57 4.97
CA ASN D 158 40.46 -23.44 5.30
C ASN D 158 39.37 -23.27 4.24
N VAL D 159 38.19 -22.86 4.69
CA VAL D 159 37.02 -22.69 3.83
C VAL D 159 36.56 -21.25 3.91
N LEU D 160 36.33 -20.63 2.75
CA LEU D 160 35.76 -19.31 2.65
C LEU D 160 34.41 -19.40 1.96
N TYR D 161 33.37 -18.85 2.58
CA TYR D 161 32.00 -19.02 2.12
C TYR D 161 31.32 -17.65 2.12
N SER D 162 31.19 -17.03 0.95
CA SER D 162 30.60 -15.71 0.81
C SER D 162 29.28 -15.81 0.05
N ILE D 163 28.23 -15.23 0.62
CA ILE D 163 26.88 -15.28 0.05
C ILE D 163 26.24 -13.91 0.18
N ARG D 164 25.23 -13.66 -0.66
CA ARG D 164 24.51 -12.39 -0.71
C ARG D 164 23.03 -12.64 -0.45
N LEU D 165 22.43 -11.80 0.39
CA LEU D 165 21.05 -12.01 0.79
C LEU D 165 20.44 -10.71 1.26
N THR D 166 19.10 -10.68 1.30
CA THR D 166 18.32 -9.53 1.73
C THR D 166 17.55 -9.88 2.99
N LEU D 167 17.55 -8.97 3.97
CA LEU D 167 16.92 -9.20 5.25
C LEU D 167 15.85 -8.16 5.55
N THR D 168 14.91 -8.55 6.41
CA THR D 168 13.95 -7.63 7.01
C THR D 168 14.04 -7.84 8.52
N LEU D 169 14.80 -6.99 9.19
CA LEU D 169 15.07 -7.13 10.61
C LEU D 169 14.19 -6.18 11.42
N SER D 170 13.71 -6.67 12.56
CA SER D 170 12.80 -5.91 13.41
C SER D 170 13.58 -5.10 14.44
N CYS D 171 13.12 -3.87 14.68
CA CYS D 171 13.71 -3.01 15.70
C CYS D 171 12.63 -2.22 16.42
N PRO D 172 12.47 -2.42 17.73
CA PRO D 172 11.53 -1.59 18.49
C PRO D 172 11.97 -0.13 18.52
N MET D 173 10.99 0.76 18.48
CA MET D 173 11.23 2.20 18.53
C MET D 173 10.38 2.82 19.62
N ASP D 174 10.89 3.92 20.18
CA ASP D 174 10.22 4.59 21.30
C ASP D 174 9.35 5.74 20.82
N LEU D 175 9.94 6.70 20.09
CA LEU D 175 9.26 7.88 19.55
C LEU D 175 8.65 8.75 20.64
N LYS D 176 9.15 8.65 21.88
CA LYS D 176 8.62 9.47 22.96
C LYS D 176 9.06 10.93 22.85
N ASN D 177 10.16 11.19 22.15
CA ASN D 177 10.67 12.53 21.92
C ASN D 177 10.79 12.77 20.42
N PHE D 178 9.72 12.46 19.68
CA PHE D 178 9.80 12.13 18.25
C PHE D 178 10.60 13.11 17.40
N PRO D 179 10.43 14.45 17.51
CA PRO D 179 11.27 15.33 16.68
C PRO D 179 12.75 15.20 17.01
N MET D 180 13.10 14.95 18.27
CA MET D 180 14.50 14.83 18.71
C MET D 180 14.67 13.47 19.35
N ASP D 181 14.93 12.46 18.54
CA ASP D 181 15.03 11.10 19.02
C ASP D 181 16.19 10.38 18.35
N VAL D 182 16.77 9.43 19.06
CA VAL D 182 17.85 8.59 18.56
C VAL D 182 17.42 7.14 18.70
N GLN D 183 17.53 6.36 17.63
CA GLN D 183 17.12 4.97 17.63
C GLN D 183 18.34 4.08 17.38
N THR D 184 18.28 2.87 17.94
CA THR D 184 19.34 1.89 17.81
C THR D 184 18.80 0.64 17.14
N CYS D 185 19.46 0.22 16.07
CA CYS D 185 19.07 -0.96 15.31
C CYS D 185 20.15 -2.03 15.47
N ILE D 186 19.75 -3.25 15.79
CA ILE D 186 20.68 -4.33 16.06
C ILE D 186 20.57 -5.40 14.98
N MET D 187 21.51 -6.33 14.99
CA MET D 187 21.54 -7.44 14.05
C MET D 187 22.25 -8.60 14.73
N GLN D 188 21.51 -9.67 15.02
CA GLN D 188 22.01 -10.78 15.81
C GLN D 188 22.26 -11.99 14.91
N LEU D 189 23.44 -12.59 15.05
CA LEU D 189 23.82 -13.78 14.32
C LEU D 189 23.93 -14.92 15.33
N GLU D 190 23.16 -15.99 15.11
CA GLU D 190 23.04 -17.06 16.09
C GLU D 190 23.10 -18.42 15.41
N SER D 191 23.44 -19.43 16.20
CA SER D 191 23.41 -20.82 15.76
C SER D 191 22.09 -21.46 16.19
N PHE D 192 21.59 -22.36 15.35
CA PHE D 192 20.26 -22.92 15.59
C PHE D 192 20.31 -24.11 16.54
N GLY D 193 21.23 -25.05 16.31
CA GLY D 193 21.24 -26.27 17.09
C GLY D 193 22.60 -26.75 17.54
N TYR D 194 23.54 -25.84 17.77
CA TYR D 194 24.87 -26.19 18.23
C TYR D 194 25.20 -25.37 19.48
N THR D 195 25.69 -26.05 20.52
CA THR D 195 26.04 -25.39 21.77
C THR D 195 27.46 -24.84 21.69
N MET D 196 27.88 -24.15 22.75
CA MET D 196 29.19 -23.49 22.77
C MET D 196 30.34 -24.47 22.74
N ASN D 197 30.12 -25.73 23.11
CA ASN D 197 31.19 -26.72 23.04
C ASN D 197 31.31 -27.34 21.65
N ASP D 198 30.50 -26.93 20.69
CA ASP D 198 30.57 -27.40 19.32
C ASP D 198 30.80 -26.29 18.30
N LEU D 199 30.20 -25.12 18.50
CA LEU D 199 30.29 -24.04 17.53
C LEU D 199 30.47 -22.71 18.26
N ILE D 200 31.39 -21.89 17.78
CA ILE D 200 31.68 -20.57 18.34
C ILE D 200 31.75 -19.56 17.20
N PHE D 201 31.08 -18.43 17.35
CA PHE D 201 31.12 -17.35 16.37
C PHE D 201 31.96 -16.20 16.90
N GLU D 202 32.83 -15.66 16.03
CA GLU D 202 33.67 -14.53 16.39
C GLU D 202 33.66 -13.51 15.27
N TRP D 203 33.85 -12.25 15.64
CA TRP D 203 34.01 -11.18 14.67
C TRP D 203 35.45 -11.12 14.18
N GLN D 204 35.63 -10.52 13.01
CA GLN D 204 36.98 -10.29 12.51
C GLN D 204 37.70 -9.25 13.35
N ASP D 205 39.03 -9.25 13.27
CA ASP D 205 39.81 -8.25 13.98
C ASP D 205 39.92 -6.95 13.19
N GLU D 206 40.02 -7.05 11.86
CA GLU D 206 40.33 -5.88 11.05
C GLU D 206 39.08 -5.03 10.81
N ALA D 207 38.08 -5.59 10.13
CA ALA D 207 36.86 -4.85 9.80
C ALA D 207 35.68 -5.80 9.68
N PRO D 208 35.01 -6.11 10.79
CA PRO D 208 33.79 -6.91 10.73
C PRO D 208 32.73 -6.34 9.82
N VAL D 209 32.35 -5.08 10.06
CA VAL D 209 31.20 -4.46 9.42
C VAL D 209 31.68 -3.25 8.64
N GLN D 210 31.29 -3.18 7.37
CA GLN D 210 31.59 -2.06 6.50
C GLN D 210 30.31 -1.64 5.79
N VAL D 211 30.23 -0.36 5.46
CA VAL D 211 29.07 0.22 4.79
C VAL D 211 29.54 0.91 3.51
N ALA D 212 28.85 0.63 2.40
CA ALA D 212 29.18 1.27 1.13
C ALA D 212 28.96 2.77 1.21
N GLU D 213 29.83 3.52 0.52
CA GLU D 213 29.75 4.97 0.55
C GLU D 213 28.60 5.46 -0.33
N GLY D 214 28.07 6.63 0.03
CA GLY D 214 27.02 7.26 -0.74
C GLY D 214 25.60 6.92 -0.34
N LEU D 215 25.42 6.08 0.69
CA LEU D 215 24.08 5.73 1.12
C LEU D 215 23.41 6.92 1.81
N THR D 216 22.15 7.15 1.48
CA THR D 216 21.38 8.25 2.05
C THR D 216 20.07 7.70 2.60
N LEU D 217 19.50 8.41 3.57
CA LEU D 217 18.22 8.05 4.16
C LEU D 217 17.30 9.26 4.14
N PRO D 218 16.03 9.06 3.76
CA PRO D 218 15.10 10.21 3.68
C PRO D 218 14.80 10.86 5.02
N GLN D 219 14.94 10.12 6.13
CA GLN D 219 14.51 10.62 7.42
C GLN D 219 15.59 10.58 8.50
N PHE D 220 16.58 9.71 8.39
CA PHE D 220 17.55 9.50 9.46
C PHE D 220 18.96 9.75 8.96
N LEU D 221 19.90 9.76 9.90
CA LEU D 221 21.32 9.83 9.61
C LEU D 221 22.03 8.68 10.32
N LEU D 222 22.80 7.91 9.57
CA LEU D 222 23.49 6.75 10.12
C LEU D 222 24.88 7.16 10.58
N LYS D 223 25.13 7.03 11.88
CA LYS D 223 26.44 7.39 12.44
C LYS D 223 27.49 6.38 12.03
N GLU D 224 28.75 6.83 11.98
CA GLU D 224 29.84 6.00 11.52
C GLU D 224 30.35 5.02 12.56
N GLU D 225 29.96 5.18 13.83
CA GLU D 225 30.42 4.32 14.90
C GLU D 225 29.50 3.13 15.05
N LYS D 226 30.08 1.93 15.20
CA LYS D 226 29.34 0.70 15.39
C LYS D 226 29.92 -0.07 16.57
N ASP D 227 29.06 -0.88 17.19
CA ASP D 227 29.42 -1.65 18.38
C ASP D 227 29.39 -3.13 18.06
N LEU D 228 30.34 -3.88 18.62
CA LEU D 228 30.38 -5.33 18.51
C LEU D 228 30.22 -5.93 19.90
N ARG D 229 29.24 -6.81 20.08
CA ARG D 229 28.86 -7.33 21.38
C ARG D 229 28.92 -8.85 21.38
N TYR D 230 28.69 -9.43 22.56
CA TYR D 230 28.63 -10.88 22.76
C TYR D 230 27.34 -11.16 23.52
N CYS D 231 26.25 -11.37 22.79
CA CYS D 231 24.94 -11.61 23.42
C CYS D 231 24.67 -13.11 23.48
N THR D 232 25.51 -13.80 24.26
CA THR D 232 25.38 -15.25 24.40
C THR D 232 24.07 -15.61 25.09
N LYS D 233 23.38 -16.61 24.55
CA LYS D 233 22.11 -17.06 25.07
C LYS D 233 22.31 -18.23 26.03
N HIS D 234 21.57 -18.21 27.13
CA HIS D 234 21.59 -19.28 28.13
C HIS D 234 20.21 -19.91 28.19
N TYR D 235 20.12 -21.18 27.80
CA TYR D 235 18.87 -21.92 27.82
C TYR D 235 19.04 -23.15 28.70
N ASN D 236 17.98 -23.96 28.77
CA ASN D 236 18.04 -25.22 29.51
C ASN D 236 19.02 -26.19 28.85
N THR D 237 19.05 -26.23 27.53
CA THR D 237 19.96 -27.13 26.81
C THR D 237 21.42 -26.75 27.06
N GLY D 238 21.72 -25.45 27.01
CA GLY D 238 23.08 -25.00 27.22
C GLY D 238 23.27 -23.62 26.62
N LYS D 239 24.54 -23.23 26.53
CA LYS D 239 24.92 -21.93 25.99
C LYS D 239 25.00 -22.00 24.47
N PHE D 240 24.47 -20.99 23.81
CA PHE D 240 24.48 -20.89 22.36
C PHE D 240 25.20 -19.62 21.93
N THR D 241 26.08 -19.75 20.95
CA THR D 241 26.88 -18.61 20.50
C THR D 241 26.00 -17.58 19.79
N CYS D 242 26.33 -16.31 19.98
CA CYS D 242 25.61 -15.21 19.35
C CYS D 242 26.44 -13.94 19.38
N ILE D 243 26.55 -13.27 18.23
CA ILE D 243 27.26 -12.00 18.13
C ILE D 243 26.27 -10.95 17.63
N GLU D 244 26.58 -9.69 17.94
CA GLU D 244 25.64 -8.60 17.72
C GLU D 244 26.38 -7.39 17.20
N VAL D 245 25.67 -6.57 16.42
CA VAL D 245 26.14 -5.26 15.99
C VAL D 245 25.03 -4.26 16.24
N ARG D 246 25.43 -3.01 16.46
CA ARG D 246 24.49 -1.93 16.78
C ARG D 246 24.74 -0.76 15.85
N PHE D 247 23.66 -0.18 15.35
CA PHE D 247 23.71 1.01 14.50
C PHE D 247 22.94 2.13 15.16
N HIS D 248 23.51 3.33 15.17
CA HIS D 248 22.89 4.50 15.77
C HIS D 248 22.36 5.41 14.69
N LEU D 249 21.09 5.80 14.81
CA LEU D 249 20.42 6.63 13.82
C LEU D 249 19.92 7.90 14.48
N GLU D 250 20.20 9.04 13.87
CA GLU D 250 19.75 10.33 14.34
C GLU D 250 18.81 10.96 13.32
N ARG D 251 17.71 11.54 13.80
CA ARG D 251 16.73 12.16 12.93
C ARG D 251 17.05 13.63 12.73
N GLN D 252 16.92 14.09 11.49
CA GLN D 252 17.14 15.49 11.18
C GLN D 252 15.91 16.32 11.58
N MET D 253 16.13 17.62 11.77
CA MET D 253 15.12 18.49 12.34
C MET D 253 14.77 19.70 11.48
N GLY D 254 15.40 19.87 10.32
CA GLY D 254 15.21 21.09 9.56
C GLY D 254 13.78 21.27 9.07
N TYR D 255 13.19 20.21 8.51
CA TYR D 255 11.82 20.31 8.00
C TYR D 255 10.84 20.60 9.12
N TYR D 256 10.96 19.90 10.25
CA TYR D 256 10.07 20.13 11.36
C TYR D 256 10.22 21.54 11.92
N LEU D 257 11.46 22.01 12.06
CA LEU D 257 11.69 23.37 12.56
C LEU D 257 11.07 24.41 11.63
N ILE D 258 11.24 24.24 10.32
CA ILE D 258 10.77 25.28 9.41
C ILE D 258 9.28 25.17 9.11
N GLN D 259 8.64 24.03 9.38
CA GLN D 259 7.25 23.87 8.99
C GLN D 259 6.27 23.76 10.14
N MET D 260 6.71 23.43 11.36
CA MET D 260 5.78 23.27 12.47
C MET D 260 6.06 24.23 13.62
N TYR D 261 7.32 24.35 14.04
CA TYR D 261 7.63 25.15 15.22
C TYR D 261 7.55 26.64 14.92
N ILE D 262 8.09 27.08 13.78
CA ILE D 262 8.09 28.51 13.46
C ILE D 262 6.69 29.06 13.20
N PRO D 263 5.84 28.44 12.37
CA PRO D 263 4.49 29.00 12.18
C PRO D 263 3.66 29.06 13.46
N SER D 264 3.79 28.07 14.35
CA SER D 264 3.08 28.10 15.62
C SER D 264 3.53 29.28 16.47
N LEU D 265 4.84 29.52 16.52
CA LEU D 265 5.36 30.67 17.25
C LEU D 265 4.87 31.98 16.65
N LEU D 266 4.81 32.06 15.31
CA LEU D 266 4.30 33.26 14.66
C LEU D 266 2.83 33.50 14.99
N ILE D 267 2.02 32.43 15.03
CA ILE D 267 0.61 32.58 15.38
C ILE D 267 0.45 33.02 16.82
N VAL D 268 1.26 32.45 17.72
CA VAL D 268 1.22 32.86 19.12
C VAL D 268 1.58 34.34 19.26
N ILE D 269 2.61 34.78 18.53
CA ILE D 269 2.99 36.19 18.56
C ILE D 269 1.86 37.06 18.02
N LEU D 270 1.23 36.65 16.93
CA LEU D 270 0.12 37.40 16.36
C LEU D 270 -1.04 37.52 17.33
N SER D 271 -1.24 36.51 18.17
CA SER D 271 -2.29 36.58 19.18
C SER D 271 -2.03 37.66 20.23
N TRP D 272 -0.79 38.15 20.35
CA TRP D 272 -0.46 39.14 21.37
C TRP D 272 -0.74 40.57 20.95
N VAL D 273 -1.00 40.82 19.65
CA VAL D 273 -1.22 42.19 19.21
C VAL D 273 -2.60 42.70 19.59
N SER D 274 -3.45 41.85 20.16
CA SER D 274 -4.74 42.31 20.65
C SER D 274 -4.59 43.27 21.82
N PHE D 275 -3.55 43.07 22.65
CA PHE D 275 -3.35 43.92 23.82
C PHE D 275 -2.96 45.34 23.45
N TRP D 276 -2.53 45.57 22.21
CA TRP D 276 -2.15 46.90 21.75
C TRP D 276 -3.25 47.59 20.96
N ILE D 277 -4.44 46.99 20.86
CA ILE D 277 -5.57 47.58 20.17
C ILE D 277 -6.49 48.20 21.20
N ASN D 278 -7.17 49.28 20.80
CA ASN D 278 -8.07 50.01 21.70
C ASN D 278 -9.14 49.08 22.25
N MET D 279 -9.46 49.25 23.54
CA MET D 279 -10.41 48.32 24.21
C MET D 279 -11.83 48.47 23.72
N ASP D 280 -12.12 49.56 23.03
CA ASP D 280 -13.46 49.77 22.47
C ASP D 280 -13.56 49.31 21.03
N ALA D 281 -12.79 48.29 20.66
CA ALA D 281 -12.76 47.79 19.30
C ALA D 281 -13.15 46.31 19.28
N ALA D 282 -14.25 45.97 19.96
CA ALA D 282 -14.69 44.59 20.11
C ALA D 282 -14.83 43.81 18.79
N PRO D 283 -15.47 44.34 17.74
CA PRO D 283 -15.56 43.55 16.49
C PRO D 283 -14.21 43.25 15.86
N ALA D 284 -13.18 44.04 16.17
CA ALA D 284 -11.83 43.74 15.71
C ALA D 284 -11.13 42.75 16.63
N ARG D 285 -11.16 42.99 17.94
CA ARG D 285 -10.39 42.17 18.88
C ARG D 285 -10.95 40.75 18.98
N VAL D 286 -12.27 40.62 19.09
CA VAL D 286 -12.88 39.30 19.19
C VAL D 286 -12.62 38.50 17.92
N ALA D 287 -12.80 39.14 16.76
CA ALA D 287 -12.55 38.47 15.49
C ALA D 287 -11.11 38.03 15.36
N LEU D 288 -10.17 38.90 15.75
CA LEU D 288 -8.75 38.55 15.68
C LEU D 288 -8.43 37.35 16.57
N GLY D 289 -8.96 37.35 17.80
CA GLY D 289 -8.71 36.23 18.69
C GLY D 289 -9.27 34.91 18.17
N ILE D 290 -10.53 34.93 17.73
CA ILE D 290 -11.15 33.69 17.28
C ILE D 290 -10.50 33.21 15.98
N THR D 291 -10.07 34.13 15.11
CA THR D 291 -9.41 33.72 13.89
C THR D 291 -8.01 33.17 14.16
N THR D 292 -7.31 33.69 15.17
CA THR D 292 -6.03 33.09 15.55
C THR D 292 -6.25 31.68 16.09
N VAL D 293 -7.30 31.47 16.88
CA VAL D 293 -7.61 30.13 17.36
C VAL D 293 -7.90 29.19 16.19
N LEU D 294 -8.69 29.66 15.21
CA LEU D 294 -9.00 28.84 14.05
C LEU D 294 -7.76 28.52 13.23
N THR D 295 -6.87 29.51 13.05
CA THR D 295 -5.64 29.28 12.32
C THR D 295 -4.76 28.26 13.03
N MET D 296 -4.69 28.34 14.36
CA MET D 296 -3.93 27.37 15.13
C MET D 296 -4.49 25.96 14.94
N THR D 297 -5.82 25.83 14.97
CA THR D 297 -6.44 24.52 14.80
C THR D 297 -6.21 23.96 13.40
N THR D 298 -6.29 24.82 12.37
CA THR D 298 -6.04 24.35 11.02
C THR D 298 -4.59 23.91 10.84
N GLN D 299 -3.64 24.66 11.42
CA GLN D 299 -2.24 24.25 11.36
C GLN D 299 -2.03 22.90 12.04
N SER D 300 -2.61 22.72 13.22
CA SER D 300 -2.46 21.45 13.94
C SER D 300 -3.09 20.30 13.17
N SER D 301 -4.28 20.53 12.59
CA SER D 301 -4.94 19.47 11.83
C SER D 301 -4.15 19.10 10.59
N GLY D 302 -3.60 20.10 9.89
CA GLY D 302 -2.78 19.81 8.72
C GLY D 302 -1.50 19.08 9.05
N SER D 303 -0.90 19.38 10.20
CA SER D 303 0.36 18.74 10.57
C SER D 303 0.18 17.27 10.97
N ARG D 304 -1.04 16.84 11.29
CA ARG D 304 -1.23 15.49 11.81
C ARG D 304 -1.10 14.42 10.74
N ALA D 305 -1.38 14.76 9.48
CA ALA D 305 -1.38 13.76 8.42
C ALA D 305 0.01 13.24 8.10
N SER D 306 1.07 13.99 8.43
CA SER D 306 2.43 13.62 8.10
C SER D 306 3.26 13.25 9.33
N LEU D 307 2.64 12.62 10.33
CA LEU D 307 3.33 12.22 11.54
C LEU D 307 3.11 10.74 11.81
N PRO D 308 4.03 10.09 12.52
CA PRO D 308 3.80 8.68 12.89
C PRO D 308 2.58 8.53 13.77
N LYS D 309 1.88 7.40 13.59
CA LYS D 309 0.63 7.14 14.29
C LYS D 309 0.92 6.28 15.51
N VAL D 310 0.89 6.88 16.69
CA VAL D 310 1.05 6.18 17.95
C VAL D 310 -0.05 6.65 18.90
N SER D 311 -0.22 5.90 19.98
CA SER D 311 -1.28 6.19 20.94
C SER D 311 -0.80 6.97 22.16
N TYR D 312 0.48 7.27 22.27
CA TYR D 312 1.01 8.01 23.40
C TYR D 312 1.49 9.39 22.98
N VAL D 313 1.73 10.23 23.98
CA VAL D 313 2.02 11.65 23.75
C VAL D 313 3.47 11.82 23.31
N LYS D 314 3.69 12.80 22.44
CA LYS D 314 5.02 13.15 21.94
C LYS D 314 5.31 14.62 22.24
N ALA D 315 6.59 14.99 22.04
CA ALA D 315 7.03 16.35 22.33
C ALA D 315 6.34 17.37 21.43
N ILE D 316 6.17 17.03 20.14
CA ILE D 316 5.46 17.92 19.24
C ILE D 316 4.00 18.08 19.67
N ASP D 317 3.40 17.01 20.20
CA ASP D 317 2.04 17.12 20.73
C ASP D 317 1.98 18.06 21.93
N ILE D 318 2.96 17.96 22.83
CA ILE D 318 3.02 18.87 23.99
C ILE D 318 3.13 20.31 23.51
N TRP D 319 4.01 20.57 22.55
CA TRP D 319 4.20 21.91 22.01
C TRP D 319 2.90 22.44 21.39
N MET D 320 2.23 21.59 20.61
CA MET D 320 0.99 22.00 19.95
C MET D 320 -0.09 22.35 20.97
N ALA D 321 -0.22 21.52 22.03
CA ALA D 321 -1.22 21.76 23.06
C ALA D 321 -0.93 23.05 23.82
N VAL D 322 0.35 23.32 24.12
CA VAL D 322 0.68 24.54 24.85
C VAL D 322 0.38 25.77 23.99
N CYS D 323 0.71 25.72 22.70
CA CYS D 323 0.41 26.85 21.82
C CYS D 323 -1.10 27.10 21.73
N LEU D 324 -1.88 26.02 21.63
CA LEU D 324 -3.33 26.16 21.64
C LEU D 324 -3.83 26.76 22.94
N LEU D 325 -3.25 26.36 24.08
CA LEU D 325 -3.66 26.92 25.36
C LEU D 325 -3.36 28.42 25.43
N PHE D 326 -2.21 28.85 24.90
CA PHE D 326 -1.87 30.27 24.89
C PHE D 326 -2.87 31.07 24.05
N VAL D 327 -3.14 30.61 22.83
CA VAL D 327 -4.07 31.37 21.99
C VAL D 327 -5.48 31.29 22.53
N PHE D 328 -5.79 30.27 23.35
CA PHE D 328 -7.08 30.19 23.99
C PHE D 328 -7.20 31.18 25.14
N SER D 329 -6.14 31.34 25.93
CA SER D 329 -6.16 32.28 27.05
C SER D 329 -6.19 33.73 26.58
N ALA D 330 -5.60 34.01 25.41
CA ALA D 330 -5.57 35.37 24.90
C ALA D 330 -6.97 35.92 24.68
N LEU D 331 -7.93 35.07 24.31
CA LEU D 331 -9.29 35.54 24.09
C LEU D 331 -10.04 35.78 25.40
N LEU D 332 -9.82 34.92 26.40
CA LEU D 332 -10.44 35.14 27.70
C LEU D 332 -9.93 36.39 28.38
N GLU D 333 -8.68 36.79 28.11
CA GLU D 333 -8.20 38.07 28.61
C GLU D 333 -9.10 39.22 28.15
N TYR D 334 -9.40 39.27 26.86
CA TYR D 334 -10.26 40.35 26.37
C TYR D 334 -11.70 40.17 26.82
N ALA D 335 -12.16 38.92 27.00
CA ALA D 335 -13.50 38.73 27.53
C ALA D 335 -13.63 39.34 28.92
N ALA D 336 -12.65 39.09 29.78
CA ALA D 336 -12.65 39.69 31.12
C ALA D 336 -12.55 41.21 31.04
N VAL D 337 -11.70 41.73 30.17
CA VAL D 337 -11.54 43.19 30.05
C VAL D 337 -12.85 43.83 29.60
N ASN D 338 -13.60 43.31 28.65
CA ASN D 338 -14.84 43.99 28.14
C ASN D 338 -15.93 44.06 29.20
N PHE D 339 -16.09 43.04 30.02
CA PHE D 339 -17.11 42.99 31.08
C PHE D 339 -16.84 44.01 32.17
N VAL D 340 -15.59 44.12 32.63
CA VAL D 340 -15.26 45.03 33.76
C VAL D 340 -15.51 46.46 33.32
N SER D 341 -15.19 46.79 32.08
CA SER D 341 -15.37 48.18 31.59
C SER D 341 -16.82 48.59 31.49
N ARG D 342 -17.68 47.73 30.95
CA ARG D 342 -19.11 48.04 30.78
C ARG D 342 -19.78 48.17 32.14
N GLN D 343 -19.25 47.52 33.16
CA GLN D 343 -19.94 47.52 34.47
C GLN D 343 -20.10 48.96 34.93
N HIS D 344 -21.30 49.32 35.38
CA HIS D 344 -21.60 50.72 35.77
C HIS D 344 -22.35 50.72 37.12
N LYS D 419 -15.01 55.81 36.54
CA LYS D 419 -13.59 56.04 36.27
C LYS D 419 -12.74 54.92 36.87
N VAL D 420 -13.14 54.45 38.06
CA VAL D 420 -12.37 53.37 38.73
C VAL D 420 -12.47 52.12 37.86
N PHE D 421 -13.64 51.86 37.29
CA PHE D 421 -13.86 50.66 36.45
C PHE D 421 -13.00 50.72 35.19
N ILE D 422 -12.84 51.89 34.59
CA ILE D 422 -12.12 51.98 33.29
C ILE D 422 -10.61 51.93 33.55
N ASP D 423 -10.17 52.28 34.75
CA ASP D 423 -8.75 52.14 35.09
C ASP D 423 -8.37 50.68 35.31
N ARG D 424 -9.24 49.93 35.99
CA ARG D 424 -8.95 48.52 36.26
C ARG D 424 -8.87 47.72 34.97
N ALA D 425 -9.73 48.02 34.00
CA ALA D 425 -9.69 47.32 32.72
C ALA D 425 -8.39 47.60 31.98
N LYS D 426 -7.93 48.85 32.00
CA LYS D 426 -6.68 49.20 31.33
C LYS D 426 -5.48 48.58 32.02
N LYS D 427 -5.54 48.44 33.35
CA LYS D 427 -4.44 47.83 34.09
C LYS D 427 -4.22 46.38 33.65
N ILE D 428 -5.30 45.65 33.37
CA ILE D 428 -5.18 44.27 32.93
C ILE D 428 -4.45 44.19 31.60
N ASP D 429 -4.79 45.08 30.66
CA ASP D 429 -4.11 45.10 29.38
C ASP D 429 -2.63 45.43 29.53
N THR D 430 -2.31 46.44 30.35
CA THR D 430 -0.92 46.82 30.53
C THR D 430 -0.11 45.71 31.20
N ILE D 431 -0.73 44.97 32.13
CA ILE D 431 -0.03 43.85 32.75
C ILE D 431 0.17 42.72 31.75
N SER D 432 -0.88 42.37 30.99
CA SER D 432 -0.80 41.27 30.05
C SER D 432 0.24 41.50 28.96
N ARG D 433 0.41 42.77 28.53
CA ARG D 433 1.36 43.11 27.48
C ARG D 433 2.77 42.60 27.78
N ALA D 434 3.17 42.62 29.05
CA ALA D 434 4.45 42.09 29.46
C ALA D 434 4.38 40.70 30.06
N CYS D 435 3.22 40.30 30.58
CA CYS D 435 3.12 39.01 31.26
C CYS D 435 3.12 37.85 30.28
N PHE D 436 2.38 37.98 29.17
CA PHE D 436 2.27 36.85 28.25
C PHE D 436 3.61 36.44 27.60
N PRO D 437 4.40 37.35 27.01
CA PRO D 437 5.68 36.91 26.44
C PRO D 437 6.64 36.33 27.47
N LEU D 438 6.60 36.81 28.72
CA LEU D 438 7.51 36.28 29.74
C LEU D 438 7.20 34.82 30.04
N ALA D 439 5.92 34.49 30.24
CA ALA D 439 5.54 33.10 30.47
C ALA D 439 5.85 32.24 29.26
N PHE D 440 5.64 32.77 28.06
CA PHE D 440 5.98 32.00 26.86
C PHE D 440 7.47 31.71 26.79
N LEU D 441 8.32 32.70 27.13
CA LEU D 441 9.76 32.50 27.11
C LEU D 441 10.20 31.48 28.15
N ILE D 442 9.60 31.54 29.35
CA ILE D 442 9.93 30.56 30.38
C ILE D 442 9.57 29.16 29.93
N PHE D 443 8.38 29.00 29.33
CA PHE D 443 7.99 27.69 28.81
C PHE D 443 8.95 27.24 27.72
N ASN D 444 9.37 28.16 26.84
CA ASN D 444 10.26 27.79 25.76
C ASN D 444 11.59 27.26 26.27
N ILE D 445 12.20 27.96 27.23
CA ILE D 445 13.50 27.51 27.72
C ILE D 445 13.36 26.20 28.49
N PHE D 446 12.28 26.05 29.28
CA PHE D 446 12.05 24.79 29.98
C PHE D 446 11.86 23.63 28.99
N TYR D 447 11.10 23.87 27.92
CA TYR D 447 10.84 22.83 26.94
C TYR D 447 12.11 22.43 26.21
N TRP D 448 12.94 23.40 25.82
CA TRP D 448 14.10 23.08 25.01
C TRP D 448 15.24 22.46 25.82
N VAL D 449 15.46 22.89 27.07
CA VAL D 449 16.59 22.31 27.81
C VAL D 449 16.34 20.84 28.14
N ILE D 450 15.12 20.43 28.48
CA ILE D 450 14.86 19.05 28.87
C ILE D 450 14.82 18.10 27.69
N TYR D 451 14.72 18.61 26.46
CA TYR D 451 14.75 17.76 25.29
C TYR D 451 16.06 17.82 24.54
N LYS D 452 16.89 18.85 24.76
CA LYS D 452 18.22 18.88 24.16
C LYS D 452 19.35 18.57 25.12
N ILE D 453 19.08 18.43 26.42
CA ILE D 453 20.10 18.07 27.40
C ILE D 453 19.77 16.76 28.09
N LEU D 454 18.55 16.62 28.60
CA LEU D 454 18.13 15.37 29.24
C LEU D 454 17.70 14.35 28.20
N ARG D 455 18.62 14.01 27.29
CA ARG D 455 18.32 13.13 26.16
C ARG D 455 19.18 11.87 26.12
N HIS D 456 20.25 11.81 26.90
CA HIS D 456 21.13 10.64 26.88
C HIS D 456 20.43 9.44 27.53
N MET E 41 30.84 -45.66 15.33
CA MET E 41 29.95 -45.79 14.19
C MET E 41 29.35 -44.45 13.81
N SER E 42 29.08 -44.26 12.53
CA SER E 42 28.52 -43.00 12.06
C SER E 42 27.07 -42.86 12.53
N PRO E 43 26.71 -41.71 13.13
CA PRO E 43 25.30 -41.51 13.52
C PRO E 43 24.34 -41.58 12.35
N SER E 44 24.74 -41.09 11.17
CA SER E 44 23.89 -41.18 10.00
C SER E 44 23.68 -42.64 9.58
N ASP E 45 24.76 -43.44 9.63
CA ASP E 45 24.63 -44.86 9.31
C ASP E 45 23.75 -45.58 10.33
N PHE E 46 23.85 -45.22 11.61
CA PHE E 46 22.98 -45.81 12.62
C PHE E 46 21.52 -45.42 12.39
N LEU E 47 21.27 -44.16 12.02
CA LEU E 47 19.91 -43.72 11.72
C LEU E 47 19.37 -44.45 10.50
N ASP E 48 20.22 -44.72 9.51
CA ASP E 48 19.79 -45.50 8.36
C ASP E 48 19.35 -46.91 8.77
N LYS E 49 20.13 -47.56 9.64
CA LYS E 49 19.74 -48.87 10.13
C LYS E 49 18.45 -48.80 10.94
N LEU E 50 18.25 -47.69 11.67
CA LEU E 50 17.07 -47.58 12.52
C LEU E 50 15.80 -47.34 11.71
N MET E 51 15.90 -46.58 10.61
CA MET E 51 14.71 -46.15 9.88
C MET E 51 14.75 -46.53 8.40
N GLY E 52 15.46 -47.61 8.03
CA GLY E 52 15.48 -48.07 6.67
C GLY E 52 14.47 -49.17 6.37
N ARG E 53 14.54 -49.65 5.13
CA ARG E 53 13.64 -50.71 4.67
C ARG E 53 13.89 -52.02 5.41
N THR E 54 15.15 -52.28 5.78
CA THR E 54 15.44 -53.47 6.58
C THR E 54 14.76 -53.39 7.94
N SER E 55 14.76 -52.22 8.56
CA SER E 55 14.03 -52.03 9.81
C SER E 55 12.53 -52.13 9.59
N GLY E 56 12.03 -51.64 8.46
CA GLY E 56 10.61 -51.70 8.18
C GLY E 56 9.78 -50.58 8.77
N TYR E 57 10.42 -49.48 9.18
CA TYR E 57 9.69 -48.34 9.72
C TYR E 57 8.82 -47.72 8.64
N ASP E 58 7.56 -47.47 8.98
CA ASP E 58 6.61 -46.85 8.06
C ASP E 58 6.24 -45.47 8.58
N ALA E 59 6.53 -44.44 7.78
CA ALA E 59 6.26 -43.06 8.21
C ALA E 59 4.79 -42.69 8.13
N ARG E 60 3.96 -43.50 7.46
CA ARG E 60 2.54 -43.22 7.35
C ARG E 60 1.72 -43.91 8.42
N ILE E 61 2.35 -44.62 9.35
CA ILE E 61 1.66 -45.31 10.43
C ILE E 61 2.04 -44.63 11.74
N ARG E 62 1.04 -44.20 12.50
CA ARG E 62 1.28 -43.49 13.74
C ARG E 62 1.81 -44.45 14.80
N PRO E 63 2.54 -43.94 15.80
CA PRO E 63 2.99 -44.81 16.90
C PRO E 63 1.81 -45.37 17.68
N ASN E 64 1.97 -46.60 18.17
CA ASN E 64 0.94 -47.33 18.88
C ASN E 64 -0.34 -47.41 18.03
N PHE E 65 -0.18 -47.98 16.84
CA PHE E 65 -1.24 -48.00 15.84
C PHE E 65 -2.47 -48.78 16.30
N LYS E 66 -2.31 -49.71 17.23
CA LYS E 66 -3.42 -50.56 17.67
C LYS E 66 -4.12 -50.06 18.93
N GLY E 67 -3.39 -49.40 19.83
CA GLY E 67 -3.91 -49.12 21.15
C GLY E 67 -4.15 -47.66 21.46
N PRO E 68 -3.53 -47.18 22.54
CA PRO E 68 -3.88 -45.86 23.07
C PRO E 68 -3.43 -44.76 22.13
N PRO E 69 -4.05 -43.58 22.19
CA PRO E 69 -3.67 -42.49 21.30
C PRO E 69 -2.31 -41.90 21.65
N VAL E 70 -1.80 -41.09 20.73
CA VAL E 70 -0.51 -40.43 20.91
C VAL E 70 -0.72 -39.11 21.63
N ASN E 71 0.09 -38.84 22.64
CA ASN E 71 0.03 -37.61 23.42
C ASN E 71 1.17 -36.70 23.02
N VAL E 72 0.84 -35.49 22.60
CA VAL E 72 1.82 -34.51 22.12
C VAL E 72 1.79 -33.30 23.04
N THR E 73 2.97 -32.91 23.52
CA THR E 73 3.11 -31.75 24.39
C THR E 73 3.71 -30.60 23.59
N CYS E 74 3.13 -29.41 23.72
CA CYS E 74 3.45 -28.28 22.87
C CYS E 74 3.94 -27.09 23.68
N ASN E 75 4.94 -26.40 23.13
CA ASN E 75 5.43 -25.13 23.66
C ASN E 75 5.48 -24.11 22.54
N ILE E 76 5.25 -22.85 22.89
CA ILE E 76 5.29 -21.75 21.93
C ILE E 76 6.11 -20.62 22.52
N PHE E 77 7.11 -20.15 21.78
CA PHE E 77 7.90 -18.99 22.16
C PHE E 77 7.70 -17.92 21.09
N ILE E 78 7.24 -16.74 21.50
CA ILE E 78 6.90 -15.66 20.58
C ILE E 78 8.09 -14.72 20.48
N ASN E 79 8.57 -14.51 19.25
CA ASN E 79 9.71 -13.63 19.01
C ASN E 79 9.30 -12.21 18.66
N SER E 80 8.25 -12.06 17.83
CA SER E 80 7.76 -10.75 17.46
C SER E 80 6.24 -10.78 17.46
N PHE E 81 5.65 -9.60 17.60
CA PHE E 81 4.21 -9.44 17.71
C PHE E 81 3.85 -8.05 17.21
N GLY E 82 2.97 -7.97 16.22
CA GLY E 82 2.57 -6.67 15.72
C GLY E 82 1.77 -6.79 14.44
N SER E 83 1.77 -5.69 13.67
CA SER E 83 1.03 -5.57 12.42
C SER E 83 -0.46 -5.83 12.61
N ILE E 84 -1.01 -5.25 13.68
CA ILE E 84 -2.44 -5.39 13.97
C ILE E 84 -3.20 -4.39 13.12
N ALA E 85 -4.11 -4.88 12.29
CA ALA E 85 -4.87 -4.05 11.36
C ALA E 85 -6.35 -4.34 11.50
N GLU E 86 -7.16 -3.29 11.42
CA GLU E 86 -8.61 -3.44 11.49
C GLU E 86 -9.26 -3.55 10.12
N THR E 87 -8.56 -3.13 9.06
CA THR E 87 -9.11 -3.28 7.72
C THR E 87 -9.20 -4.74 7.30
N THR E 88 -8.21 -5.55 7.69
CA THR E 88 -8.20 -6.97 7.38
C THR E 88 -8.49 -7.85 8.58
N MET E 89 -8.55 -7.28 9.77
CA MET E 89 -8.86 -8.05 11.00
C MET E 89 -7.85 -9.18 11.18
N ASP E 90 -6.57 -8.88 11.36
CA ASP E 90 -5.55 -9.90 11.54
C ASP E 90 -4.32 -9.29 12.18
N TYR E 91 -3.40 -10.16 12.61
CA TYR E 91 -2.15 -9.74 13.21
C TYR E 91 -1.07 -10.74 12.82
N ARG E 92 0.19 -10.33 12.96
CA ARG E 92 1.34 -11.09 12.51
C ARG E 92 2.20 -11.48 13.69
N VAL E 93 2.66 -12.73 13.70
CA VAL E 93 3.53 -13.24 14.75
C VAL E 93 4.67 -14.04 14.13
N ASN E 94 5.77 -14.13 14.87
CA ASN E 94 6.91 -14.98 14.52
C ASN E 94 7.25 -15.81 15.75
N ILE E 95 7.06 -17.12 15.66
CA ILE E 95 7.07 -17.97 16.85
C ILE E 95 8.03 -19.14 16.67
N PHE E 96 8.37 -19.75 17.80
CA PHE E 96 9.05 -21.03 17.86
C PHE E 96 8.07 -22.07 18.38
N LEU E 97 7.89 -23.15 17.63
CA LEU E 97 6.96 -24.21 17.99
C LEU E 97 7.73 -25.48 18.30
N ARG E 98 7.47 -26.08 19.46
CA ARG E 98 8.14 -27.29 19.88
C ARG E 98 7.10 -28.35 20.24
N GLN E 99 7.27 -29.55 19.71
CA GLN E 99 6.38 -30.68 19.96
C GLN E 99 7.19 -31.85 20.47
N LYS E 100 6.64 -32.58 21.44
CA LYS E 100 7.30 -33.75 22.01
C LYS E 100 6.32 -34.91 22.09
N TRP E 101 6.75 -36.08 21.66
CA TRP E 101 5.95 -37.29 21.72
C TRP E 101 6.87 -38.49 21.77
N ASN E 102 6.31 -39.64 22.11
CA ASN E 102 7.08 -40.87 22.29
C ASN E 102 6.78 -41.83 21.14
N ASP E 103 7.84 -42.34 20.52
CA ASP E 103 7.74 -43.32 19.43
C ASP E 103 8.49 -44.58 19.85
N PRO E 104 7.79 -45.65 20.24
CA PRO E 104 8.49 -46.86 20.70
C PRO E 104 9.29 -47.56 19.62
N ARG E 105 8.99 -47.32 18.34
CA ARG E 105 9.74 -47.96 17.26
C ARG E 105 11.12 -47.36 17.06
N LEU E 106 11.40 -46.21 17.68
CA LEU E 106 12.69 -45.53 17.50
C LEU E 106 13.62 -45.72 18.68
N ALA E 107 13.27 -46.57 19.64
CA ALA E 107 14.13 -46.82 20.78
C ALA E 107 15.39 -47.58 20.34
N TYR E 108 16.52 -47.20 20.91
CA TYR E 108 17.80 -47.83 20.58
C TYR E 108 18.62 -47.99 21.84
N SER E 109 19.50 -48.99 21.84
CA SER E 109 20.39 -49.26 22.97
C SER E 109 21.83 -49.52 22.58
N GLU E 110 22.11 -49.83 21.31
CA GLU E 110 23.49 -50.16 20.92
C GLU E 110 24.38 -48.94 20.92
N TYR E 111 23.88 -47.82 20.41
CA TYR E 111 24.70 -46.62 20.23
C TYR E 111 25.00 -45.97 21.57
N PRO E 112 26.26 -45.67 21.88
CA PRO E 112 26.58 -45.07 23.19
C PRO E 112 25.96 -43.70 23.41
N ASP E 113 25.76 -42.92 22.35
CA ASP E 113 25.24 -41.57 22.49
C ASP E 113 23.80 -41.58 22.98
N ASP E 114 23.47 -40.63 23.86
CA ASP E 114 22.15 -40.55 24.45
C ASP E 114 21.15 -39.81 23.58
N SER E 115 21.59 -39.14 22.52
CA SER E 115 20.68 -38.43 21.64
C SER E 115 21.22 -38.49 20.22
N LEU E 116 20.31 -38.41 19.25
CA LEU E 116 20.65 -38.45 17.83
C LEU E 116 19.92 -37.32 17.13
N ASP E 117 20.60 -36.71 16.15
CA ASP E 117 20.08 -35.58 15.41
C ASP E 117 19.81 -36.00 13.97
N LEU E 118 18.66 -35.61 13.45
CA LEU E 118 18.24 -35.99 12.10
C LEU E 118 18.42 -34.81 11.15
N ASP E 119 18.83 -35.12 9.92
CA ASP E 119 19.00 -34.09 8.91
C ASP E 119 17.64 -33.52 8.51
N PRO E 120 17.50 -32.16 8.40
CA PRO E 120 16.24 -31.55 7.95
C PRO E 120 15.82 -31.97 6.54
N SER E 121 16.77 -32.43 5.71
CA SER E 121 16.40 -32.81 4.35
C SER E 121 15.69 -34.16 4.32
N MET E 122 15.83 -34.97 5.37
CA MET E 122 15.25 -36.30 5.44
C MET E 122 14.09 -36.39 6.43
N LEU E 123 13.48 -35.24 6.76
CA LEU E 123 12.39 -35.21 7.75
C LEU E 123 11.16 -35.96 7.27
N ASP E 124 11.03 -36.26 5.98
CA ASP E 124 9.88 -36.98 5.47
C ASP E 124 9.95 -38.48 5.73
N SER E 125 11.05 -38.97 6.29
CA SER E 125 11.21 -40.39 6.59
C SER E 125 10.74 -40.75 7.99
N ILE E 126 10.18 -39.79 8.73
CA ILE E 126 9.73 -40.02 10.10
C ILE E 126 8.29 -39.54 10.22
N TRP E 127 7.57 -40.11 11.18
CA TRP E 127 6.18 -39.72 11.42
C TRP E 127 6.12 -38.46 12.26
N LYS E 128 5.32 -37.49 11.82
CA LYS E 128 5.12 -36.26 12.55
C LYS E 128 3.62 -35.97 12.64
N PRO E 129 3.19 -35.30 13.72
CA PRO E 129 1.78 -34.94 13.83
C PRO E 129 1.36 -33.94 12.77
N ASP E 130 0.09 -34.01 12.39
CA ASP E 130 -0.46 -33.12 11.35
C ASP E 130 -1.14 -31.92 12.00
N LEU E 131 -0.33 -31.14 12.70
CA LEU E 131 -0.81 -29.93 13.36
C LEU E 131 -1.03 -28.83 12.34
N PHE E 132 -2.06 -28.01 12.58
CA PHE E 132 -2.29 -26.83 11.76
C PHE E 132 -3.04 -25.80 12.59
N PHE E 133 -2.95 -24.54 12.17
CA PHE E 133 -3.56 -23.43 12.88
C PHE E 133 -4.92 -23.11 12.26
N ALA E 134 -5.96 -23.15 13.10
CA ALA E 134 -7.33 -23.06 12.59
C ALA E 134 -7.66 -21.68 12.07
N ASN E 135 -7.23 -20.62 12.77
CA ASN E 135 -7.55 -19.25 12.40
C ASN E 135 -6.44 -18.58 11.62
N GLU E 136 -5.72 -19.35 10.81
CA GLU E 136 -4.56 -18.87 10.08
C GLU E 136 -4.93 -18.49 8.66
N LYS E 137 -4.43 -17.35 8.20
CA LYS E 137 -4.64 -16.89 6.83
C LYS E 137 -3.39 -16.93 5.97
N GLY E 138 -2.21 -17.16 6.55
CA GLY E 138 -0.98 -17.22 5.79
C GLY E 138 0.18 -17.64 6.66
N ALA E 139 1.03 -18.54 6.14
CA ALA E 139 2.17 -19.04 6.91
C ALA E 139 3.27 -19.46 5.98
N ASN E 140 4.49 -19.48 6.51
CA ASN E 140 5.67 -19.91 5.75
C ASN E 140 6.78 -20.30 6.72
N PHE E 141 7.73 -21.08 6.22
CA PHE E 141 8.87 -21.51 7.06
C PHE E 141 10.06 -20.59 6.74
N HIS E 142 11.19 -20.76 7.44
CA HIS E 142 12.37 -19.88 7.26
C HIS E 142 13.55 -20.69 6.72
N GLU E 143 14.19 -20.23 5.64
CA GLU E 143 15.28 -21.01 5.02
C GLU E 143 16.61 -20.24 4.96
N VAL E 144 16.73 -19.07 5.61
CA VAL E 144 17.98 -18.27 5.45
C VAL E 144 19.16 -19.07 6.00
N THR E 145 20.26 -19.13 5.24
CA THR E 145 21.37 -20.05 5.58
C THR E 145 20.76 -21.44 5.52
N THR E 146 20.81 -22.21 6.61
CA THR E 146 20.20 -23.56 6.64
C THR E 146 18.70 -23.48 6.95
N ASP E 147 17.93 -24.55 6.73
CA ASP E 147 16.50 -24.59 7.12
C ASP E 147 16.38 -24.49 8.63
N ASN E 148 15.44 -23.69 9.12
CA ASN E 148 15.29 -23.48 10.59
C ASN E 148 14.41 -24.57 11.18
N LYS E 149 14.90 -25.81 11.25
CA LYS E 149 14.13 -26.96 11.79
C LYS E 149 15.08 -27.87 12.56
N LEU E 150 14.59 -28.62 13.54
CA LEU E 150 15.47 -29.49 14.38
C LEU E 150 14.65 -30.68 14.89
N LEU E 151 15.22 -31.89 14.84
CA LEU E 151 14.57 -33.09 15.33
C LEU E 151 15.59 -33.94 16.06
N ARG E 152 15.26 -34.34 17.28
CA ARG E 152 16.16 -35.10 18.14
C ARG E 152 15.45 -36.34 18.66
N ILE E 153 16.18 -37.46 18.70
CA ILE E 153 15.64 -38.74 19.15
C ILE E 153 16.49 -39.23 20.31
N PHE E 154 15.83 -39.59 21.40
CA PHE E 154 16.51 -40.06 22.60
C PHE E 154 16.48 -41.58 22.67
N LYS E 155 17.16 -42.12 23.70
CA LYS E 155 17.30 -43.57 23.82
C LYS E 155 15.96 -44.25 24.06
N ASN E 156 15.12 -43.68 24.91
CA ASN E 156 13.82 -44.29 25.21
C ASN E 156 12.82 -44.15 24.08
N GLY E 157 13.12 -43.36 23.05
CA GLY E 157 12.23 -43.19 21.92
C GLY E 157 11.52 -41.85 21.87
N ASN E 158 11.77 -40.95 22.81
CA ASN E 158 11.14 -39.64 22.79
C ASN E 158 11.67 -38.81 21.64
N VAL E 159 10.79 -38.00 21.04
CA VAL E 159 11.12 -37.17 19.90
C VAL E 159 10.87 -35.71 20.25
N LEU E 160 11.84 -34.85 19.96
CA LEU E 160 11.71 -33.42 20.11
C LEU E 160 11.80 -32.77 18.75
N TYR E 161 10.83 -31.94 18.42
CA TYR E 161 10.71 -31.37 17.07
C TYR E 161 10.44 -29.87 17.19
N SER E 162 11.46 -29.06 16.98
CA SER E 162 11.36 -27.61 17.11
C SER E 162 11.54 -26.96 15.74
N ILE E 163 10.59 -26.09 15.37
CA ILE E 163 10.58 -25.42 14.08
C ILE E 163 10.21 -23.96 14.27
N ARG E 164 10.58 -23.13 13.30
CA ARG E 164 10.35 -21.69 13.32
C ARG E 164 9.52 -21.29 12.11
N LEU E 165 8.51 -20.45 12.33
CA LEU E 165 7.59 -20.09 11.25
C LEU E 165 6.92 -18.77 11.57
N THR E 166 6.36 -18.16 10.53
CA THR E 166 5.66 -16.88 10.61
C THR E 166 4.19 -17.09 10.26
N LEU E 167 3.31 -16.47 11.04
CA LEU E 167 1.87 -16.64 10.88
C LEU E 167 1.18 -15.31 10.64
N THR E 168 0.02 -15.38 10.00
CA THR E 168 -0.92 -14.27 9.88
C THR E 168 -2.27 -14.78 10.38
N LEU E 169 -2.58 -14.51 11.64
CA LEU E 169 -3.78 -15.02 12.28
C LEU E 169 -4.87 -13.96 12.32
N SER E 170 -6.10 -14.38 12.10
CA SER E 170 -7.24 -13.47 12.04
C SER E 170 -7.87 -13.31 13.41
N CYS E 171 -8.27 -12.08 13.73
CA CYS E 171 -8.96 -11.79 14.98
C CYS E 171 -10.06 -10.75 14.75
N PRO E 172 -11.32 -11.11 14.98
CA PRO E 172 -12.39 -10.11 14.90
C PRO E 172 -12.23 -9.04 15.97
N MET E 173 -12.59 -7.81 15.61
CA MET E 173 -12.53 -6.68 16.52
C MET E 173 -13.87 -5.95 16.53
N ASP E 174 -14.18 -5.33 17.66
CA ASP E 174 -15.47 -4.66 17.84
C ASP E 174 -15.37 -3.17 17.54
N LEU E 175 -14.45 -2.47 18.23
CA LEU E 175 -14.23 -1.03 18.07
C LEU E 175 -15.48 -0.20 18.38
N LYS E 176 -16.40 -0.74 19.17
CA LYS E 176 -17.61 0.01 19.52
C LYS E 176 -17.33 1.10 20.54
N ASN E 177 -16.25 0.97 21.31
CA ASN E 177 -15.82 1.95 22.29
C ASN E 177 -14.40 2.40 21.99
N PHE E 178 -14.15 2.74 20.71
CA PHE E 178 -12.81 2.70 20.13
C PHE E 178 -11.71 3.36 20.94
N PRO E 179 -11.88 4.58 21.49
CA PRO E 179 -10.77 5.12 22.32
C PRO E 179 -10.48 4.29 23.55
N MET E 180 -11.50 3.67 24.14
CA MET E 180 -11.36 2.86 25.36
C MET E 180 -11.88 1.47 25.05
N ASP E 181 -11.03 0.63 24.49
CA ASP E 181 -11.45 -0.70 24.07
C ASP E 181 -10.36 -1.72 24.42
N VAL E 182 -10.79 -2.95 24.67
CA VAL E 182 -9.90 -4.06 24.94
C VAL E 182 -10.22 -5.16 23.94
N GLN E 183 -9.18 -5.69 23.28
CA GLN E 183 -9.35 -6.72 22.28
C GLN E 183 -8.65 -8.00 22.72
N THR E 184 -9.19 -9.14 22.28
CA THR E 184 -8.65 -10.44 22.61
C THR E 184 -8.26 -11.16 21.33
N CYS E 185 -7.00 -11.63 21.28
CA CYS E 185 -6.47 -12.35 20.13
C CYS E 185 -6.19 -13.78 20.53
N ILE E 186 -6.65 -14.72 19.72
CA ILE E 186 -6.53 -16.14 20.04
C ILE E 186 -5.59 -16.81 19.05
N MET E 187 -5.22 -18.06 19.35
CA MET E 187 -4.36 -18.85 18.50
C MET E 187 -4.70 -20.31 18.75
N GLN E 188 -5.27 -20.97 17.73
CA GLN E 188 -5.80 -22.32 17.87
C GLN E 188 -4.87 -23.31 17.17
N LEU E 189 -4.54 -24.39 17.87
CA LEU E 189 -3.72 -25.48 17.33
C LEU E 189 -4.61 -26.71 17.22
N GLU E 190 -4.72 -27.26 16.00
CA GLU E 190 -5.67 -28.32 15.72
C GLU E 190 -5.03 -29.40 14.87
N SER E 191 -5.62 -30.59 14.92
CA SER E 191 -5.23 -31.70 14.07
C SER E 191 -6.15 -31.76 12.85
N PHE E 192 -5.59 -32.15 11.71
CA PHE E 192 -6.34 -32.09 10.47
C PHE E 192 -7.19 -33.33 10.26
N GLY E 193 -6.62 -34.52 10.46
CA GLY E 193 -7.33 -35.74 10.14
C GLY E 193 -7.21 -36.86 11.15
N TYR E 194 -7.05 -36.53 12.42
CA TYR E 194 -6.95 -37.52 13.48
C TYR E 194 -7.95 -37.19 14.58
N THR E 195 -8.72 -38.20 15.00
CA THR E 195 -9.72 -38.01 16.04
C THR E 195 -9.08 -38.16 17.42
N MET E 196 -9.88 -37.95 18.46
CA MET E 196 -9.38 -37.96 19.83
C MET E 196 -8.90 -39.34 20.27
N ASN E 197 -9.32 -40.40 19.61
CA ASN E 197 -8.84 -41.73 19.96
C ASN E 197 -7.52 -42.07 19.26
N ASP E 198 -6.96 -41.16 18.49
CA ASP E 198 -5.67 -41.34 17.83
C ASP E 198 -4.66 -40.28 18.21
N LEU E 199 -5.06 -39.02 18.36
CA LEU E 199 -4.14 -37.93 18.63
C LEU E 199 -4.72 -37.00 19.67
N ILE E 200 -3.91 -36.60 20.64
CA ILE E 200 -4.31 -35.69 21.71
C ILE E 200 -3.23 -34.63 21.87
N PHE E 201 -3.63 -33.36 21.93
CA PHE E 201 -2.72 -32.25 22.15
C PHE E 201 -2.86 -31.73 23.57
N GLU E 202 -1.73 -31.48 24.22
CA GLU E 202 -1.70 -30.94 25.58
C GLU E 202 -0.68 -29.82 25.67
N TRP E 203 -0.94 -28.87 26.57
CA TRP E 203 0.02 -27.83 26.88
C TRP E 203 1.04 -28.33 27.88
N GLN E 204 2.19 -27.67 27.92
CA GLN E 204 3.19 -27.99 28.94
C GLN E 204 2.70 -27.54 30.31
N ASP E 205 3.30 -28.13 31.35
CA ASP E 205 2.97 -27.75 32.71
C ASP E 205 3.73 -26.51 33.15
N GLU E 206 5.00 -26.39 32.73
CA GLU E 206 5.87 -25.35 33.26
C GLU E 206 5.60 -24.01 32.59
N ALA E 207 5.83 -23.91 31.28
CA ALA E 207 5.64 -22.65 30.54
C ALA E 207 5.28 -22.93 29.09
N PRO E 208 3.99 -23.11 28.80
CA PRO E 208 3.55 -23.26 27.41
C PRO E 208 3.98 -22.11 26.51
N VAL E 209 3.61 -20.89 26.92
CA VAL E 209 3.74 -19.70 26.08
C VAL E 209 4.66 -18.71 26.78
N GLN E 210 5.66 -18.24 26.05
CA GLN E 210 6.58 -17.23 26.54
C GLN E 210 6.74 -16.15 25.48
N VAL E 211 7.01 -14.93 25.92
CA VAL E 211 7.16 -13.77 25.04
C VAL E 211 8.53 -13.15 25.30
N ALA E 212 9.26 -12.86 24.23
CA ALA E 212 10.57 -12.22 24.36
C ALA E 212 10.42 -10.82 24.95
N GLU E 213 11.38 -10.43 25.76
CA GLU E 213 11.34 -9.13 26.41
C GLU E 213 11.70 -8.01 25.44
N GLY E 214 11.15 -6.82 25.70
CA GLY E 214 11.45 -5.65 24.90
C GLY E 214 10.51 -5.40 23.75
N LEU E 215 9.50 -6.24 23.54
CA LEU E 215 8.56 -6.03 22.45
C LEU E 215 7.67 -4.83 22.74
N THR E 216 7.48 -3.98 21.73
CA THR E 216 6.64 -2.80 21.85
C THR E 216 5.62 -2.79 20.71
N LEU E 217 4.50 -2.10 20.95
CA LEU E 217 3.46 -1.95 19.95
C LEU E 217 3.11 -0.48 19.79
N PRO E 218 2.96 -0.01 18.55
CA PRO E 218 2.66 1.42 18.34
C PRO E 218 1.31 1.87 18.89
N GLN E 219 0.35 0.95 19.03
CA GLN E 219 -1.00 1.32 19.37
C GLN E 219 -1.56 0.61 20.60
N PHE E 220 -1.07 -0.58 20.93
CA PHE E 220 -1.67 -1.40 21.97
C PHE E 220 -0.65 -1.72 23.05
N LEU E 221 -1.14 -2.31 24.13
CA LEU E 221 -0.31 -2.83 25.22
C LEU E 221 -0.68 -4.28 25.45
N LEU E 222 0.30 -5.16 25.44
CA LEU E 222 0.08 -6.59 25.62
C LEU E 222 0.21 -6.94 27.09
N LYS E 223 -0.88 -7.42 27.69
CA LYS E 223 -0.88 -7.80 29.10
C LYS E 223 -0.08 -9.08 29.30
N GLU E 224 0.45 -9.23 30.51
CA GLU E 224 1.32 -10.36 30.82
C GLU E 224 0.55 -11.66 31.11
N GLU E 225 -0.76 -11.57 31.31
CA GLU E 225 -1.56 -12.74 31.65
C GLU E 225 -2.08 -13.40 30.38
N LYS E 226 -1.99 -14.73 30.32
CA LYS E 226 -2.46 -15.50 29.18
C LYS E 226 -3.31 -16.67 29.67
N ASP E 227 -4.23 -17.10 28.83
CA ASP E 227 -5.17 -18.17 29.15
C ASP E 227 -4.90 -19.39 28.28
N LEU E 228 -5.04 -20.57 28.88
CA LEU E 228 -4.93 -21.83 28.16
C LEU E 228 -6.28 -22.55 28.23
N ARG E 229 -6.82 -22.92 27.08
CA ARG E 229 -8.17 -23.44 26.98
C ARG E 229 -8.15 -24.79 26.28
N TYR E 230 -9.32 -25.43 26.23
CA TYR E 230 -9.55 -26.70 25.54
C TYR E 230 -10.76 -26.52 24.63
N CYS E 231 -10.52 -26.06 23.40
CA CYS E 231 -11.62 -25.81 22.47
C CYS E 231 -11.80 -27.01 21.53
N THR E 232 -12.17 -28.14 22.14
CA THR E 232 -12.36 -29.37 21.38
C THR E 232 -13.51 -29.23 20.40
N LYS E 233 -13.29 -29.69 19.18
CA LYS E 233 -14.28 -29.61 18.11
C LYS E 233 -15.09 -30.91 18.04
N HIS E 234 -16.39 -30.77 17.84
CA HIS E 234 -17.29 -31.90 17.68
C HIS E 234 -17.91 -31.84 16.29
N TYR E 235 -17.59 -32.83 15.46
CA TYR E 235 -18.11 -32.93 14.11
C TYR E 235 -18.86 -34.25 13.95
N ASN E 236 -19.34 -34.49 12.73
CA ASN E 236 -20.00 -35.76 12.42
C ASN E 236 -19.01 -36.92 12.51
N THR E 237 -17.78 -36.71 12.05
CA THR E 237 -16.77 -37.77 12.09
C THR E 237 -16.41 -38.14 13.53
N GLY E 238 -16.24 -37.14 14.39
CA GLY E 238 -15.89 -37.39 15.77
C GLY E 238 -15.26 -36.16 16.39
N LYS E 239 -14.67 -36.37 17.56
CA LYS E 239 -14.03 -35.30 18.30
C LYS E 239 -12.60 -35.11 17.80
N PHE E 240 -12.20 -33.85 17.65
CA PHE E 240 -10.87 -33.50 17.20
C PHE E 240 -10.18 -32.64 18.25
N THR E 241 -8.93 -32.96 18.54
CA THR E 241 -8.20 -32.23 19.57
C THR E 241 -7.89 -30.81 19.12
N CYS E 242 -7.93 -29.88 20.09
CA CYS E 242 -7.64 -28.48 19.82
C CYS E 242 -7.32 -27.74 21.11
N ILE E 243 -6.22 -26.99 21.13
CA ILE E 243 -5.85 -26.18 22.27
C ILE E 243 -5.78 -24.73 21.83
N GLU E 244 -5.93 -23.83 22.80
CA GLU E 244 -6.10 -22.41 22.50
C GLU E 244 -5.33 -21.57 23.50
N VAL E 245 -4.88 -20.40 23.05
CA VAL E 245 -4.30 -19.39 23.93
C VAL E 245 -4.98 -18.07 23.62
N ARG E 246 -5.01 -17.19 24.62
CA ARG E 246 -5.67 -15.90 24.51
C ARG E 246 -4.72 -14.81 24.96
N PHE E 247 -4.68 -13.72 24.20
CA PHE E 247 -3.87 -12.54 24.52
C PHE E 247 -4.79 -11.34 24.68
N HIS E 248 -4.55 -10.55 25.72
CA HIS E 248 -5.35 -9.38 26.01
C HIS E 248 -4.57 -8.12 25.65
N LEU E 249 -5.18 -7.24 24.86
CA LEU E 249 -4.54 -6.03 24.39
C LEU E 249 -5.35 -4.81 24.84
N GLU E 250 -4.66 -3.83 25.40
CA GLU E 250 -5.28 -2.59 25.84
C GLU E 250 -4.70 -1.43 25.04
N ARG E 251 -5.58 -0.53 24.62
CA ARG E 251 -5.17 0.62 23.83
C ARG E 251 -4.86 1.81 24.73
N GLN E 252 -3.77 2.50 24.42
CA GLN E 252 -3.39 3.69 25.17
C GLN E 252 -4.24 4.88 24.73
N MET E 253 -4.33 5.88 25.60
CA MET E 253 -5.25 6.99 25.43
C MET E 253 -4.60 8.37 25.43
N GLY E 254 -3.28 8.45 25.61
CA GLY E 254 -2.65 9.75 25.78
C GLY E 254 -2.77 10.65 24.56
N TYR E 255 -2.49 10.09 23.38
CA TYR E 255 -2.57 10.89 22.15
C TYR E 255 -3.98 11.37 21.89
N TYR E 256 -4.97 10.48 22.05
CA TYR E 256 -6.35 10.88 21.83
C TYR E 256 -6.80 11.93 22.83
N LEU E 257 -6.43 11.77 24.11
CA LEU E 257 -6.79 12.75 25.13
C LEU E 257 -6.19 14.11 24.82
N ILE E 258 -4.91 14.13 24.41
CA ILE E 258 -4.26 15.43 24.23
C ILE E 258 -4.58 16.06 22.88
N GLN E 259 -5.08 15.29 21.91
CA GLN E 259 -5.28 15.86 20.58
C GLN E 259 -6.73 15.98 20.13
N MET E 260 -7.67 15.27 20.76
CA MET E 260 -9.06 15.33 20.33
C MET E 260 -10.00 15.83 21.42
N TYR E 261 -9.89 15.28 22.63
CA TYR E 261 -10.84 15.62 23.68
C TYR E 261 -10.60 17.02 24.23
N ILE E 262 -9.34 17.37 24.48
CA ILE E 262 -9.03 18.68 25.07
C ILE E 262 -9.35 19.83 24.12
N PRO E 263 -8.93 19.84 22.84
CA PRO E 263 -9.30 20.97 21.98
C PRO E 263 -10.80 21.14 21.80
N SER E 264 -11.56 20.04 21.73
CA SER E 264 -13.00 20.16 21.61
C SER E 264 -13.61 20.82 22.85
N LEU E 265 -13.13 20.44 24.04
CA LEU E 265 -13.59 21.07 25.26
C LEU E 265 -13.22 22.54 25.30
N LEU E 266 -12.03 22.89 24.82
CA LEU E 266 -11.63 24.30 24.77
C LEU E 266 -12.52 25.10 23.83
N ILE E 267 -12.87 24.52 22.67
CA ILE E 267 -13.74 25.22 21.74
C ILE E 267 -15.14 25.40 22.33
N VAL E 268 -15.65 24.36 23.02
CA VAL E 268 -16.94 24.48 23.67
C VAL E 268 -16.92 25.57 24.73
N ILE E 269 -15.84 25.64 25.51
CA ILE E 269 -15.71 26.71 26.51
C ILE E 269 -15.66 28.07 25.85
N LEU E 270 -14.91 28.19 24.76
CA LEU E 270 -14.82 29.47 24.04
C LEU E 270 -16.18 29.90 23.50
N SER E 271 -17.04 28.95 23.15
CA SER E 271 -18.38 29.29 22.70
C SER E 271 -19.24 29.91 23.80
N TRP E 272 -18.86 29.76 25.07
CA TRP E 272 -19.66 30.28 26.17
C TRP E 272 -19.37 31.74 26.49
N VAL E 273 -18.29 32.32 25.97
CA VAL E 273 -17.96 33.70 26.29
C VAL E 273 -18.85 34.70 25.58
N SER E 274 -19.72 34.22 24.67
CA SER E 274 -20.69 35.11 24.04
C SER E 274 -21.69 35.65 25.05
N PHE E 275 -22.05 34.86 26.06
CA PHE E 275 -23.03 35.29 27.04
C PHE E 275 -22.53 36.42 27.93
N TRP E 276 -21.22 36.67 27.94
CA TRP E 276 -20.64 37.74 28.74
C TRP E 276 -20.35 38.99 27.92
N ILE E 277 -20.73 39.01 26.65
CA ILE E 277 -20.55 40.17 25.78
C ILE E 277 -21.86 40.93 25.72
N ASN E 278 -21.76 42.26 25.55
CA ASN E 278 -22.93 43.12 25.50
C ASN E 278 -23.87 42.69 24.38
N MET E 279 -25.17 42.74 24.66
CA MET E 279 -26.18 42.22 23.69
C MET E 279 -26.29 43.09 22.44
N ASP E 280 -25.77 44.30 22.50
CA ASP E 280 -25.80 45.19 21.34
C ASP E 280 -24.51 45.11 20.52
N ALA E 281 -23.87 43.95 20.53
CA ALA E 281 -22.61 43.74 19.82
C ALA E 281 -22.75 42.64 18.78
N ALA E 282 -23.81 42.71 17.98
CA ALA E 282 -24.12 41.66 17.00
C ALA E 282 -22.99 41.31 16.06
N PRO E 283 -22.27 42.25 15.43
CA PRO E 283 -21.17 41.83 14.54
C PRO E 283 -20.05 41.10 15.26
N ALA E 284 -19.92 41.27 16.58
CA ALA E 284 -18.97 40.48 17.34
C ALA E 284 -19.53 39.12 17.74
N ARG E 285 -20.74 39.10 18.29
CA ARG E 285 -21.29 37.86 18.83
C ARG E 285 -21.62 36.86 17.73
N VAL E 286 -22.25 37.31 16.65
CA VAL E 286 -22.59 36.41 15.55
C VAL E 286 -21.33 35.84 14.92
N ALA E 287 -20.32 36.70 14.70
CA ALA E 287 -19.06 36.24 14.11
C ALA E 287 -18.37 35.24 15.02
N LEU E 288 -18.36 35.50 16.34
CA LEU E 288 -17.72 34.57 17.26
C LEU E 288 -18.42 33.22 17.25
N GLY E 289 -19.75 33.21 17.25
CA GLY E 289 -20.47 31.95 17.22
C GLY E 289 -20.23 31.17 15.95
N ILE E 290 -20.34 31.83 14.79
CA ILE E 290 -20.17 31.10 13.53
C ILE E 290 -18.72 30.64 13.36
N THR E 291 -17.75 31.42 13.85
CA THR E 291 -16.36 30.99 13.76
C THR E 291 -16.05 29.84 14.70
N THR E 292 -16.70 29.79 15.87
CA THR E 292 -16.55 28.62 16.73
C THR E 292 -17.13 27.38 16.06
N VAL E 293 -18.27 27.53 15.40
CA VAL E 293 -18.85 26.40 14.66
C VAL E 293 -17.89 25.93 13.56
N LEU E 294 -17.31 26.88 12.82
CA LEU E 294 -16.37 26.53 11.76
C LEU E 294 -15.13 25.85 12.32
N THR E 295 -14.61 26.35 13.43
CA THR E 295 -13.44 25.72 14.07
C THR E 295 -13.74 24.30 14.52
N MET E 296 -14.93 24.09 15.08
CA MET E 296 -15.34 22.75 15.48
C MET E 296 -15.39 21.82 14.28
N THR E 297 -15.96 22.30 13.16
CA THR E 297 -16.06 21.47 11.97
C THR E 297 -14.68 21.14 11.40
N THR E 298 -13.76 22.12 11.38
CA THR E 298 -12.42 21.85 10.88
C THR E 298 -11.69 20.86 11.77
N GLN E 299 -11.84 20.97 13.09
CA GLN E 299 -11.23 19.99 13.99
C GLN E 299 -11.77 18.59 13.74
N SER E 300 -13.09 18.47 13.60
CA SER E 300 -13.69 17.16 13.35
C SER E 300 -13.24 16.59 12.02
N SER E 301 -13.18 17.42 10.98
CA SER E 301 -12.76 16.95 9.66
C SER E 301 -11.29 16.50 9.68
N GLY E 302 -10.44 17.26 10.37
CA GLY E 302 -9.04 16.87 10.47
C GLY E 302 -8.84 15.58 11.26
N SER E 303 -9.65 15.37 12.29
CA SER E 303 -9.49 14.16 13.11
C SER E 303 -9.93 12.89 12.40
N ARG E 304 -10.71 13.00 11.32
CA ARG E 304 -11.28 11.81 10.69
C ARG E 304 -10.24 11.03 9.90
N ALA E 305 -9.19 11.68 9.40
CA ALA E 305 -8.23 11.01 8.54
C ALA E 305 -7.38 9.99 9.29
N SER E 306 -7.27 10.12 10.61
CA SER E 306 -6.42 9.24 11.42
C SER E 306 -7.22 8.31 12.32
N LEU E 307 -8.38 7.85 11.87
CA LEU E 307 -9.22 6.96 12.65
C LEU E 307 -9.56 5.71 11.84
N PRO E 308 -9.85 4.59 12.50
CA PRO E 308 -10.29 3.40 11.77
C PRO E 308 -11.59 3.64 11.02
N LYS E 309 -11.70 3.02 9.85
CA LYS E 309 -12.84 3.21 8.96
C LYS E 309 -13.84 2.09 9.20
N VAL E 310 -14.94 2.42 9.89
CA VAL E 310 -16.04 1.49 10.12
C VAL E 310 -17.33 2.21 9.79
N SER E 311 -18.40 1.43 9.67
CA SER E 311 -19.71 1.96 9.29
C SER E 311 -20.63 2.20 10.48
N TYR E 312 -20.22 1.87 11.70
CA TYR E 312 -21.05 2.06 12.87
C TYR E 312 -20.46 3.14 13.78
N VAL E 313 -21.28 3.57 14.74
CA VAL E 313 -20.95 4.72 15.59
C VAL E 313 -19.96 4.30 16.67
N LYS E 314 -19.07 5.23 17.02
CA LYS E 314 -18.10 5.03 18.08
C LYS E 314 -18.24 6.13 19.14
N ALA E 315 -17.55 5.91 20.26
CA ALA E 315 -17.64 6.85 21.39
C ALA E 315 -17.08 8.21 21.02
N ILE E 316 -15.98 8.24 20.27
CA ILE E 316 -15.42 9.51 19.82
C ILE E 316 -16.39 10.22 18.88
N ASP E 317 -17.13 9.46 18.07
CA ASP E 317 -18.15 10.06 17.21
C ASP E 317 -19.27 10.68 18.04
N ILE E 318 -19.70 9.99 19.09
CA ILE E 318 -20.74 10.52 19.98
C ILE E 318 -20.26 11.83 20.61
N TRP E 319 -19.02 11.83 21.10
CA TRP E 319 -18.45 13.03 21.72
C TRP E 319 -18.40 14.19 20.72
N MET E 320 -17.95 13.91 19.50
CA MET E 320 -17.84 14.94 18.47
C MET E 320 -19.20 15.53 18.14
N ALA E 321 -20.21 14.67 18.00
CA ALA E 321 -21.56 15.14 17.68
C ALA E 321 -22.15 15.98 18.81
N VAL E 322 -21.91 15.59 20.06
CA VAL E 322 -22.44 16.37 21.18
C VAL E 322 -21.77 17.74 21.24
N CYS E 323 -20.45 17.80 21.02
CA CYS E 323 -19.77 19.09 21.03
C CYS E 323 -20.28 19.99 19.91
N LEU E 324 -20.50 19.42 18.73
CA LEU E 324 -21.08 20.20 17.64
C LEU E 324 -22.49 20.69 17.98
N LEU E 325 -23.30 19.87 18.65
CA LEU E 325 -24.63 20.30 19.05
C LEU E 325 -24.57 21.45 20.04
N PHE E 326 -23.62 21.41 20.98
CA PHE E 326 -23.47 22.51 21.94
C PHE E 326 -23.10 23.81 21.25
N VAL E 327 -22.09 23.76 20.38
CA VAL E 327 -21.67 25.00 19.71
C VAL E 327 -22.75 25.46 18.73
N PHE E 328 -23.61 24.56 18.28
CA PHE E 328 -24.73 24.94 17.42
C PHE E 328 -25.83 25.65 18.21
N SER E 329 -26.12 25.15 19.42
CA SER E 329 -27.15 25.77 20.24
C SER E 329 -26.72 27.14 20.76
N ALA E 330 -25.41 27.33 20.97
CA ALA E 330 -24.93 28.61 21.48
C ALA E 330 -25.29 29.77 20.54
N LEU E 331 -25.34 29.52 19.24
CA LEU E 331 -25.66 30.58 18.29
C LEU E 331 -27.17 30.88 18.27
N LEU E 332 -28.01 29.83 18.38
CA LEU E 332 -29.45 30.06 18.44
C LEU E 332 -29.85 30.81 19.70
N GLU E 333 -29.11 30.63 20.79
CA GLU E 333 -29.38 31.44 21.98
C GLU E 333 -29.31 32.94 21.67
N TYR E 334 -28.24 33.37 21.00
CA TYR E 334 -28.13 34.77 20.67
C TYR E 334 -29.11 35.18 19.58
N ALA E 335 -29.46 34.27 18.67
CA ALA E 335 -30.49 34.59 17.68
C ALA E 335 -31.81 34.93 18.36
N ALA E 336 -32.21 34.11 19.33
CA ALA E 336 -33.44 34.37 20.08
C ALA E 336 -33.33 35.67 20.87
N VAL E 337 -32.18 35.90 21.51
CA VAL E 337 -32.01 37.13 22.30
C VAL E 337 -32.12 38.36 21.41
N ASN E 338 -31.53 38.44 20.22
CA ASN E 338 -31.56 39.67 19.40
C ASN E 338 -32.97 40.03 18.92
N PHE E 339 -33.79 39.04 18.58
CA PHE E 339 -35.16 39.27 18.12
C PHE E 339 -36.06 39.83 19.22
N VAL E 340 -35.97 39.28 20.42
CA VAL E 340 -36.88 39.70 21.52
C VAL E 340 -36.58 41.15 21.86
N SER E 341 -35.31 41.53 21.85
CA SER E 341 -34.92 42.91 22.21
C SER E 341 -35.41 43.94 21.21
N ARG E 342 -35.25 43.69 19.93
CA ARG E 342 -35.67 44.63 18.87
C ARG E 342 -37.19 44.77 18.87
N GLN E 343 -37.91 43.78 19.34
CA GLN E 343 -39.38 43.84 19.25
C GLN E 343 -39.86 45.07 19.98
N HIS E 344 -40.75 45.85 19.34
CA HIS E 344 -41.24 47.13 19.93
C HIS E 344 -42.76 47.21 19.80
N LYS E 419 -39.29 48.47 27.95
CA LYS E 419 -38.49 48.07 29.10
C LYS E 419 -38.71 46.61 29.45
N VAL E 420 -39.95 46.16 29.31
CA VAL E 420 -40.27 44.74 29.64
C VAL E 420 -39.51 43.86 28.64
N PHE E 421 -39.46 44.27 27.38
CA PHE E 421 -38.77 43.48 26.33
C PHE E 421 -37.28 43.39 26.60
N ILE E 422 -36.66 44.45 27.10
CA ILE E 422 -35.19 44.45 27.26
C ILE E 422 -34.81 43.68 28.54
N ASP E 423 -35.74 43.55 29.49
CA ASP E 423 -35.49 42.74 30.66
C ASP E 423 -35.55 41.25 30.34
N ARG E 424 -36.52 40.85 29.51
CA ARG E 424 -36.66 39.44 29.15
C ARG E 424 -35.45 38.95 28.37
N ALA E 425 -34.90 39.79 27.49
CA ALA E 425 -33.71 39.40 26.73
C ALA E 425 -32.50 39.21 27.65
N LYS E 426 -32.34 40.09 28.64
CA LYS E 426 -31.22 39.95 29.57
C LYS E 426 -31.38 38.74 30.48
N LYS E 427 -32.62 38.40 30.82
CA LYS E 427 -32.88 37.23 31.65
C LYS E 427 -32.39 35.95 30.98
N ILE E 428 -32.57 35.85 29.66
CA ILE E 428 -32.12 34.66 28.92
C ILE E 428 -30.61 34.53 29.01
N ASP E 429 -29.88 35.64 28.84
CA ASP E 429 -28.42 35.60 28.95
C ASP E 429 -27.98 35.19 30.35
N THR E 430 -28.60 35.77 31.38
CA THR E 430 -28.22 35.44 32.75
C THR E 430 -28.51 33.99 33.07
N ILE E 431 -29.61 33.44 32.56
CA ILE E 431 -29.91 32.03 32.77
C ILE E 431 -28.91 31.14 32.05
N SER E 432 -28.64 31.45 30.77
CA SER E 432 -27.73 30.64 29.96
C SER E 432 -26.33 30.58 30.53
N ARG E 433 -25.86 31.69 31.13
CA ARG E 433 -24.51 31.77 31.69
C ARG E 433 -24.24 30.63 32.68
N ALA E 434 -25.25 30.23 33.45
CA ALA E 434 -25.11 29.11 34.37
C ALA E 434 -25.70 27.82 33.83
N CYS E 435 -26.63 27.89 32.90
CA CYS E 435 -27.31 26.67 32.42
C CYS E 435 -26.40 25.86 31.51
N PHE E 436 -25.68 26.50 30.60
CA PHE E 436 -24.88 25.74 29.64
C PHE E 436 -23.76 24.91 30.28
N PRO E 437 -22.90 25.46 31.15
CA PRO E 437 -21.88 24.61 31.77
C PRO E 437 -22.43 23.48 32.62
N LEU E 438 -23.59 23.68 33.25
CA LEU E 438 -24.17 22.61 34.07
C LEU E 438 -24.58 21.42 33.22
N ALA E 439 -25.27 21.66 32.10
CA ALA E 439 -25.64 20.58 31.20
C ALA E 439 -24.41 19.92 30.61
N PHE E 440 -23.38 20.71 30.28
CA PHE E 440 -22.16 20.11 29.76
C PHE E 440 -21.49 19.21 30.79
N LEU E 441 -21.46 19.62 32.06
CA LEU E 441 -20.87 18.81 33.12
C LEU E 441 -21.67 17.52 33.33
N ILE E 442 -23.00 17.61 33.30
CA ILE E 442 -23.83 16.41 33.45
C ILE E 442 -23.55 15.43 32.31
N PHE E 443 -23.48 15.94 31.08
CA PHE E 443 -23.15 15.07 29.95
C PHE E 443 -21.77 14.46 30.11
N ASN E 444 -20.80 15.24 30.60
CA ASN E 444 -19.45 14.72 30.74
C ASN E 444 -19.40 13.57 31.73
N ILE E 445 -20.04 13.73 32.89
CA ILE E 445 -19.97 12.65 33.88
C ILE E 445 -20.74 11.42 33.41
N PHE E 446 -21.89 11.63 32.74
CA PHE E 446 -22.62 10.50 32.18
C PHE E 446 -21.81 9.76 31.12
N TYR E 447 -21.12 10.52 30.26
CA TYR E 447 -20.33 9.91 29.20
C TYR E 447 -19.15 9.13 29.77
N TRP E 448 -18.46 9.68 30.77
CA TRP E 448 -17.26 9.03 31.27
C TRP E 448 -17.55 7.83 32.15
N VAL E 449 -18.62 7.87 32.98
CA VAL E 449 -18.85 6.72 33.84
C VAL E 449 -19.25 5.47 33.06
N ILE E 450 -20.05 5.61 32.00
CA ILE E 450 -20.52 4.43 31.26
C ILE E 450 -19.45 3.85 30.34
N TYR E 451 -18.37 4.58 30.08
CA TYR E 451 -17.27 4.05 29.28
C TYR E 451 -16.06 3.65 30.11
N LYS E 452 -15.94 4.13 31.35
CA LYS E 452 -14.87 3.68 32.21
C LYS E 452 -15.29 2.72 33.31
N ILE E 453 -16.59 2.47 33.48
CA ILE E 453 -17.08 1.51 34.45
C ILE E 453 -17.86 0.38 33.79
N LEU E 454 -18.81 0.71 32.92
CA LEU E 454 -19.57 -0.31 32.20
C LEU E 454 -18.78 -0.81 31.00
N ARG E 455 -17.59 -1.34 31.24
CA ARG E 455 -16.69 -1.77 30.18
C ARG E 455 -16.30 -3.24 30.24
N HIS E 456 -16.59 -3.93 31.34
CA HIS E 456 -16.22 -5.34 31.46
C HIS E 456 -17.10 -6.20 30.55
C1 NAG F . -25.18 -39.63 -12.26
C2 NAG F . -25.34 -41.12 -12.53
C3 NAG F . -26.23 -41.33 -13.75
C4 NAG F . -27.55 -40.59 -13.60
C5 NAG F . -27.30 -39.12 -13.24
C6 NAG F . -28.56 -38.35 -12.92
C7 NAG F . -23.74 -42.95 -12.22
C8 NAG F . -22.36 -43.45 -12.51
N2 NAG F . -24.05 -41.75 -12.72
O3 NAG F . -26.48 -42.73 -13.90
O4 NAG F . -28.26 -40.64 -14.84
O5 NAG F . -26.46 -39.03 -12.08
O6 NAG F . -29.35 -39.04 -11.96
O7 NAG F . -24.55 -43.60 -11.55
C1 NAG F . -29.52 -41.33 -14.66
C2 NAG F . -30.31 -41.15 -15.96
C3 NAG F . -31.65 -41.88 -15.86
C4 NAG F . -31.42 -43.34 -15.48
C5 NAG F . -30.58 -43.44 -14.22
C6 NAG F . -30.22 -44.85 -13.85
C7 NAG F . -30.48 -39.23 -17.48
C8 NAG F . -30.72 -37.76 -17.59
N2 NAG F . -30.52 -39.74 -16.24
O3 NAG F . -32.32 -41.79 -17.11
O4 NAG F . -32.68 -43.98 -15.25
O5 NAG F . -29.34 -42.73 -14.40
O6 NAG F . -30.64 -45.17 -12.53
O7 NAG F . -30.25 -39.92 -18.46
C1 NAG G . 1.11 -20.92 -43.78
C2 NAG G . 1.29 -22.10 -44.73
C3 NAG G . 2.06 -21.65 -45.97
C4 NAG G . 1.41 -20.44 -46.61
C5 NAG G . 1.18 -19.34 -45.57
C6 NAG G . 0.39 -18.18 -46.09
C7 NAG G . 1.65 -24.48 -44.23
C8 NAG G . 2.45 -25.48 -43.47
N2 NAG G . 1.98 -23.20 -44.07
O3 NAG G . 2.10 -22.73 -46.90
O4 NAG G . 2.26 -19.93 -47.63
O5 NAG G . 0.44 -19.87 -44.45
O6 NAG G . -0.81 -18.59 -46.72
O7 NAG G . 0.72 -24.82 -44.97
C1 NAG G . 1.60 -20.00 -48.91
C2 NAG G . 2.47 -19.24 -49.91
C3 NAG G . 1.85 -19.29 -51.30
C4 NAG G . 1.59 -20.74 -51.71
C5 NAG G . 0.76 -21.45 -50.63
C6 NAG G . 0.57 -22.92 -50.92
C7 NAG G . 3.80 -17.20 -49.63
C8 NAG G . 3.81 -15.78 -49.15
N2 NAG G . 2.65 -17.86 -49.50
O3 NAG G . 2.72 -18.68 -52.24
O4 NAG G . 0.88 -20.79 -52.94
O5 NAG G . 1.43 -21.35 -49.37
O6 NAG G . -0.81 -23.26 -50.95
O7 NAG G . 4.79 -17.72 -50.14
C1 NAG H . 40.54 -10.39 -24.55
C2 NAG H . 41.48 -11.32 -25.30
C3 NAG H . 42.93 -11.04 -24.90
C4 NAG H . 43.26 -9.56 -25.05
C5 NAG H . 42.21 -8.70 -24.34
C6 NAG H . 42.39 -7.22 -24.58
C7 NAG H . 41.16 -13.65 -26.02
C8 NAG H . 40.78 -15.03 -25.59
N2 NAG H . 41.14 -12.71 -25.06
O3 NAG H . 43.80 -11.82 -25.72
O4 NAG H . 44.53 -9.31 -24.48
O5 NAG H . 40.90 -9.03 -24.80
O6 NAG H . 42.49 -6.93 -25.97
O7 NAG H . 41.46 -13.39 -27.18
C1 NAG H . 45.45 -8.82 -25.49
C2 NAG H . 46.72 -8.36 -24.77
C3 NAG H . 47.75 -7.86 -25.78
C4 NAG H . 48.02 -8.93 -26.83
C5 NAG H . 46.69 -9.38 -27.47
C6 NAG H . 46.87 -10.52 -28.44
C7 NAG H . 47.00 -7.23 -22.61
C8 NAG H . 46.56 -6.09 -21.73
N2 NAG H . 46.41 -7.31 -23.80
O3 NAG H . 48.96 -7.54 -25.10
O4 NAG H . 48.87 -8.41 -27.84
O5 NAG H . 45.80 -9.84 -26.44
O6 NAG H . 46.35 -10.19 -29.72
O7 NAG H . 47.86 -8.03 -22.24
C1 NAG I . 38.58 -22.59 18.82
C2 NAG I . 39.66 -23.69 18.86
C3 NAG I . 39.87 -24.17 20.29
C4 NAG I . 40.14 -22.99 21.22
C5 NAG I . 39.07 -21.92 21.06
C6 NAG I . 39.36 -20.66 21.83
C7 NAG I . 40.16 -25.43 17.21
C8 NAG I . 39.62 -26.56 16.38
N2 NAG I . 39.29 -24.80 17.98
O3 NAG I . 40.95 -25.08 20.32
O4 NAG I . 40.12 -23.46 22.57
O5 NAG I . 38.96 -21.53 19.68
O6 NAG I . 40.68 -20.19 21.57
O7 NAG I . 41.36 -25.12 17.18
C1 NAG I . 41.40 -23.26 23.19
C2 NAG I . 41.24 -23.56 24.69
C3 NAG I . 42.59 -23.40 25.40
C4 NAG I . 43.66 -24.25 24.71
C5 NAG I . 43.71 -23.92 23.22
C6 NAG I . 44.67 -24.81 22.46
C7 NAG I . 39.37 -23.11 26.21
C8 NAG I . 38.41 -22.09 26.72
N2 NAG I . 40.24 -22.69 25.28
O3 NAG I . 42.45 -23.79 26.76
O4 NAG I . 44.92 -23.98 25.30
O5 NAG I . 42.42 -24.11 22.64
O6 NAG I . 45.64 -24.05 21.77
O7 NAG I . 39.38 -24.27 26.62
C1 NAG J . -2.01 -40.65 26.42
C2 NAG J . -1.63 -42.08 26.76
C3 NAG J . -2.86 -42.88 27.18
C4 NAG J . -3.60 -42.15 28.30
C5 NAG J . -3.87 -40.69 27.92
C6 NAG J . -4.46 -39.88 29.04
C7 NAG J . 0.08 -43.53 25.74
C8 NAG J . 0.61 -44.10 24.47
N2 NAG J . -0.98 -42.72 25.62
O3 NAG J . -2.46 -44.17 27.63
O4 NAG J . -4.85 -42.80 28.53
O5 NAG J . -2.65 -40.05 27.54
O6 NAG J . -3.70 -40.01 30.23
O7 NAG J . 0.59 -43.78 26.83
C1 NAG J . -4.91 -43.32 29.87
C2 NAG J . -6.34 -43.80 30.13
C3 NAG J . -6.46 -44.39 31.52
C4 NAG J . -5.42 -45.49 31.73
C5 NAG J . -4.02 -44.95 31.41
C6 NAG J . -2.95 -46.02 31.47
C7 NAG J . -8.48 -42.87 29.38
C8 NAG J . -9.33 -41.64 29.28
N2 NAG J . -7.28 -42.71 29.95
O3 NAG J . -7.77 -44.93 31.69
O4 NAG J . -5.44 -45.94 33.08
O5 NAG J . -4.00 -44.42 30.07
O6 NAG J . -1.92 -45.65 32.39
O7 NAG J . -8.87 -43.95 28.96
C1A PIO K . -42.88 31.63 11.58
O1A PIO K . -43.36 32.02 10.54
C2A PIO K . -42.17 30.32 11.74
O2C PIO K . -42.95 32.36 12.71
C3A PIO K . -42.11 29.54 10.48
C4A PIO K . -41.61 28.12 10.70
C5A PIO K . -41.92 27.20 9.53
C6A PIO K . -41.78 25.74 9.84
C7A PIO K . -42.21 24.84 8.70
C8A PIO K . -41.88 23.39 8.92
C1A PIO L . -28.26 5.01 14.37
O1A PIO L . -27.89 3.88 14.20
C2A PIO L . -27.41 6.15 14.83
O2C PIO L . -29.53 5.39 14.16
C3A PIO L . -28.17 7.42 14.98
C4A PIO L . -27.26 8.63 15.13
C5A PIO L . -28.00 9.93 15.28
C6A PIO L . -29.08 9.92 16.35
C7A PIO L . -29.70 11.26 16.62
C1B PIO M . -33.65 7.97 8.04
O1B PIO M . -34.42 7.15 8.45
C2B PIO M . -33.90 9.45 8.00
C3B PIO M . -32.89 10.24 8.75
O3C PIO M . -32.45 7.67 7.55
C4B PIO M . -33.14 11.74 8.68
C5B PIO M . -32.05 12.59 9.26
O5 PX4 N . -38.88 2.65 6.13
C9 PX4 N . -37.72 3.55 6.05
O6 PX4 N . -36.61 3.11 5.72
C10 PX4 N . -37.89 5.10 6.40
C11 PX4 N . -38.70 5.82 5.22
C12 PX4 N . -39.45 7.13 5.78
C13 PX4 N . -38.39 8.16 6.38
C14 PX4 N . -39.09 9.59 6.56
C15 PX4 N . -38.01 10.66 7.05
C16 PX4 N . -38.76 11.97 7.60
C17 PX4 N . -38.01 13.28 7.04
C18 PX4 N . -37.69 14.27 8.26
C19 PX4 N . -36.93 15.57 7.70
C20 PX4 N . -36.23 16.35 8.91
O5 PX4 O . -38.97 32.53 20.12
C9 PX4 O . -38.99 33.74 19.58
O6 PX4 O . -39.89 34.52 19.76
C10 PX4 O . -37.78 33.98 18.72
C11 PX4 O . -37.63 32.99 17.64
C12 PX4 O . -36.32 33.14 16.88
C13 PX4 O . -35.86 31.89 16.19
C14 PX4 O . -34.55 32.03 15.47
C15 PX4 O . -33.98 30.74 14.95
C16 PX4 O . -34.84 30.04 13.94
C17 PX4 O . -34.12 29.01 13.12
C18 PX4 O . -34.98 28.29 12.12
C19 PX4 O . -36.10 27.50 12.73
C20 PX4 O . -36.94 26.75 11.73
O5 PX4 P . -42.17 37.48 -4.23
C9 PX4 P . -41.83 37.79 -2.99
O6 PX4 P . -42.53 38.42 -2.25
C10 PX4 P . -40.47 37.26 -2.65
C11 PX4 P . -40.39 35.77 -2.75
C12 PX4 P . -39.03 35.24 -2.34
C13 PX4 P . -38.95 33.75 -2.30
C14 PX4 P . -37.66 33.23 -1.75
C15 PX4 P . -37.59 31.73 -1.64
C16 PX4 P . -37.82 31.02 -2.95
C17 PX4 P . -37.57 29.54 -2.88
C18 PX4 P . -36.14 29.17 -2.66
C19 PX4 P . -35.94 27.78 -2.15
C20 PX4 P . -34.53 27.27 -2.19
C21 PX4 P . -34.01 26.99 -3.57
C22 PX4 P . -32.85 26.03 -3.60
O5 PX4 Q . -39.75 41.33 -6.13
C9 PX4 Q . -38.67 41.09 -6.86
O6 PX4 Q . -38.24 41.87 -7.66
C10 PX4 Q . -38.06 39.76 -6.55
C11 PX4 Q . -37.67 39.60 -5.12
C12 PX4 Q . -37.08 38.23 -4.83
C13 PX4 Q . -35.83 37.93 -5.60
C14 PX4 Q . -35.33 36.52 -5.43
C15 PX4 Q . -34.97 36.15 -4.02
C16 PX4 Q . -34.61 34.71 -3.84
C17 PX4 Q . -33.55 34.21 -4.78
C18 PX4 Q . -33.34 32.73 -4.77
C19 PX4 Q . -32.39 32.23 -5.84
C20 PX4 Q . -32.28 30.74 -5.93
C21 PX4 Q . -31.31 30.28 -6.98
C22 PX4 Q . -31.25 28.78 -7.14
C1A PIO R . -32.64 11.59 -7.76
O1A PIO R . -32.37 10.51 -8.21
C2A PIO R . -32.68 11.94 -6.30
O2C PIO R . -32.93 12.63 -8.55
C3A PIO R . -34.00 12.47 -5.84
C4A PIO R . -34.04 13.99 -5.84
C5A PIO R . -35.43 14.56 -5.68
C6A PIO R . -35.50 16.06 -5.77
C7A PIO R . -36.90 16.60 -5.62
C8A PIO R . -36.98 18.10 -5.42
C1 CLR S . -30.27 13.45 -12.35
C2 CLR S . -29.64 12.15 -12.86
C3 CLR S . -28.14 12.28 -13.03
C4 CLR S . -27.50 12.72 -11.73
C5 CLR S . -28.13 14.00 -11.21
C6 CLR S . -27.40 15.07 -10.96
C7 CLR S . -27.87 16.29 -10.22
C8 CLR S . -29.30 16.14 -9.69
C9 CLR S . -30.18 15.40 -10.73
C10 CLR S . -29.66 13.97 -11.03
C11 CLR S . -31.66 15.40 -10.31
C12 CLR S . -32.20 16.80 -9.99
C13 CLR S . -31.35 17.50 -8.91
C14 CLR S . -29.90 17.51 -9.43
C15 CLR S . -29.17 18.46 -8.48
C16 CLR S . -30.23 19.54 -8.18
C17 CLR S . -31.58 19.02 -8.73
C18 CLR S . -31.50 16.78 -7.56
C19 CLR S . -29.97 12.99 -9.88
C20 CLR S . -32.79 19.53 -7.91
O1 CLR S . -27.58 11.03 -13.45
O5 PX4 T . -21.06 18.59 -27.69
C9 PX4 T . -20.53 18.87 -26.36
O6 PX4 T . -19.78 18.04 -25.80
C10 PX4 T . -20.91 20.24 -25.61
C11 PX4 T . -20.15 21.46 -26.32
C12 PX4 T . -20.96 22.82 -26.09
C13 PX4 T . -21.09 23.13 -24.53
C14 PX4 T . -21.52 24.66 -24.33
C15 PX4 T . -21.54 25.02 -22.76
C16 PX4 T . -22.33 26.40 -22.54
C17 PX4 T . -21.52 27.31 -21.50
C18 PX4 T . -22.51 27.79 -20.33
C19 PX4 T . -21.69 28.69 -19.28
C20 PX4 T . -22.52 28.84 -17.92
O5 PX4 U . -33.84 42.03 -8.31
C9 PX4 U . -33.34 43.21 -7.93
O6 PX4 U . -33.86 44.26 -8.20
C10 PX4 U . -32.08 43.04 -7.14
C11 PX4 U . -31.02 42.31 -7.89
C12 PX4 U . -29.82 42.00 -7.02
C13 PX4 U . -29.00 40.83 -7.51
C14 PX4 U . -27.82 40.51 -6.64
C15 PX4 U . -27.12 39.23 -6.99
C16 PX4 U . -26.54 39.19 -8.38
C17 PX4 U . -25.49 38.13 -8.58
C18 PX4 U . -24.92 38.08 -9.97
C19 PX4 U . -25.93 37.78 -11.05
C20 PX4 U . -25.36 37.68 -12.43
C1A PIO V . -27.56 44.65 -14.86
O1A PIO V . -26.80 45.39 -15.41
C2A PIO V . -27.44 43.15 -14.87
O2C PIO V . -28.61 45.10 -14.17
C3A PIO V . -26.26 42.68 -15.64
C4A PIO V . -26.25 41.18 -15.86
C5A PIO V . -25.32 40.74 -16.96
C6A PIO V . -25.55 39.33 -17.46
C7A PIO V . -24.68 38.96 -18.63
C8A PIO V . -24.75 37.51 -19.01
C1A PIO W . -24.40 14.31 -15.18
O1A PIO W . -24.10 13.19 -15.49
C2A PIO W . -24.48 14.83 -13.77
O2C PIO W . -24.71 15.25 -16.08
C3A PIO W . -24.92 16.25 -13.71
C4A PIO W . -24.68 16.88 -12.35
C5A PIO W . -25.12 18.31 -12.26
C6A PIO W . -26.52 18.57 -12.75
C7A PIO W . -27.01 19.97 -12.50
C1B PIO X . -20.72 20.53 -20.25
O1B PIO X . -21.41 20.08 -21.12
C2B PIO X . -20.78 21.93 -19.74
C3B PIO X . -21.07 22.03 -18.28
O3C PIO X . -19.81 19.81 -19.61
C4B PIO X . -21.09 23.47 -17.79
C5B PIO X . -21.19 23.61 -16.29
O5 PX4 Y . -12.72 52.48 -16.91
C9 PX4 Y . -13.73 52.37 -16.05
O6 PX4 Y . -14.69 53.08 -16.04
C10 PX4 Y . -13.51 51.22 -15.10
C11 PX4 Y . -13.39 49.91 -15.80
C12 PX4 Y . -13.23 48.76 -14.83
C13 PX4 Y . -13.24 47.41 -15.48
C14 PX4 Y . -13.24 46.27 -14.51
C15 PX4 Y . -13.30 44.91 -15.15
C16 PX4 Y . -12.20 44.65 -16.14
C17 PX4 Y . -12.17 43.23 -16.63
C18 PX4 Y . -11.81 42.21 -15.59
C19 PX4 Y . -12.20 40.81 -15.94
C20 PX4 Y . -11.60 39.75 -15.06
C21 PX4 Y . -10.13 39.53 -15.26
C22 PX4 Y . -9.66 38.17 -14.82
O5 PX4 Z . -10.02 55.10 -13.74
C9 PX4 Z . -8.92 54.56 -13.24
O6 PX4 Z . -8.00 55.21 -12.81
C10 PX4 Z . -8.96 53.06 -13.31
C11 PX4 Z . -10.12 52.47 -12.58
C12 PX4 Z . -10.16 50.96 -12.68
C13 PX4 Z . -8.96 50.28 -12.08
C14 PX4 Z . -8.92 48.80 -12.31
C15 PX4 Z . -10.07 48.04 -11.71
C16 PX4 Z . -10.10 46.59 -12.07
C17 PX4 Z . -8.81 45.86 -11.79
C18 PX4 Z . -8.75 44.46 -12.35
C19 PX4 Z . -7.41 43.81 -12.20
C20 PX4 Z . -7.28 42.48 -12.87
C21 PX4 Z . -5.92 41.84 -12.69
C22 PX4 Z . -5.76 40.53 -13.42
C1A PIO AA . -5.80 26.28 -23.15
O1A PIO AA . -5.28 25.30 -23.63
C2A PIO AA . -7.15 26.32 -22.51
O2C PIO AA . -5.18 27.47 -23.15
C3A PIO AA . -8.09 27.29 -23.14
C4A PIO AA . -8.11 28.64 -22.43
C5A PIO AA . -8.80 29.72 -23.22
C6A PIO AA . -8.75 31.09 -22.56
C7A PIO AA . -9.43 32.16 -23.37
C8A PIO AA . -9.64 33.47 -22.63
C1 CLR BA . -0.64 27.72 -21.94
C2 CLR BA . 0.07 26.40 -22.24
C3 CLR BA . 0.83 25.87 -21.05
C4 CLR BA . -0.11 25.72 -19.87
C5 CLR BA . -0.84 27.02 -19.57
C6 CLR BA . -0.78 27.57 -18.36
C7 CLR BA . -1.64 28.71 -17.90
C8 CLR BA . -2.68 29.12 -18.93
C9 CLR BA . -2.08 29.06 -20.35
C10 CLR BA . -1.60 27.64 -20.73
C11 CLR BA . -3.05 29.65 -21.39
C12 CLR BA . -3.56 31.05 -21.03
C13 CLR BA . -4.22 31.08 -19.63
C14 CLR BA . -3.16 30.52 -18.64
C15 CLR BA . -3.74 30.85 -17.27
C16 CLR BA . -4.44 32.21 -17.48
C17 CLR BA . -4.46 32.48 -19.01
C18 CLR BA . -5.51 30.25 -19.63
C19 CLR BA . -2.79 26.71 -21.08
C20 CLR BA . -5.70 33.30 -19.44
O1 CLR BA . 1.43 24.61 -21.36
O5 PX4 CA . 17.11 30.99 -17.39
C9 PX4 CA . 16.10 30.74 -16.37
O6 PX4 CA . 15.88 29.58 -15.98
C10 PX4 CA . 15.27 31.97 -15.74
C11 PX4 CA . 16.23 32.81 -14.78
C12 PX4 CA . 15.70 34.33 -14.70
C13 PX4 CA . 14.22 34.36 -14.09
C14 PX4 CA . 13.87 35.85 -13.62
C15 PX4 CA . 12.43 35.87 -12.93
C16 PX4 CA . 11.91 37.38 -12.81
C17 PX4 CA . 11.27 37.62 -11.36
C18 PX4 CA . 9.81 38.27 -11.50
C19 PX4 CA . 9.18 38.47 -10.04
C20 PX4 CA . 7.60 38.72 -10.17
O5 PX4 DA . -5.66 53.49 -9.43
C9 PX4 DA . -5.81 54.22 -8.33
O6 PX4 DA . -5.77 55.42 -8.33
C10 PX4 DA . -6.05 53.35 -7.13
C11 PX4 DA . -4.93 52.38 -6.89
C12 PX4 DA . -5.26 51.40 -5.78
C13 PX4 DA . -4.48 50.11 -5.87
C14 PX4 DA . -4.81 49.14 -4.78
C15 PX4 DA . -4.22 47.76 -4.97
C16 PX4 DA . -2.72 47.73 -5.00
C17 PX4 DA . -2.12 46.38 -4.76
C18 PX4 DA . -0.62 46.35 -4.80
C19 PX4 DA . -0.04 46.74 -6.13
C20 PX4 DA . 1.48 46.67 -6.20
C1A PIO EA . 2.84 54.20 -5.40
O1A PIO EA . 3.65 54.61 -4.63
C2A PIO EA . 2.89 52.84 -6.04
O2C PIO EA . 1.79 54.94 -5.79
C3A PIO EA . 4.08 52.04 -5.59
C4A PIO EA . 4.27 50.78 -6.41
C5A PIO EA . 5.65 50.17 -6.25
C6A PIO EA . 6.01 49.15 -7.29
C7A PIO EA . 7.44 48.66 -7.19
C8A PIO EA . 7.74 47.49 -8.09
C1A PIO FA . 4.29 26.36 -17.81
O1A PIO FA . 4.69 25.31 -18.22
C2A PIO FA . 2.98 26.58 -17.13
O2C PIO FA . 5.00 27.49 -17.91
C3A PIO FA . 2.74 28.01 -16.76
C4A PIO FA . 1.59 28.19 -15.81
C5A PIO FA . 1.33 29.62 -15.41
C6A PIO FA . 1.22 30.57 -16.57
C7A PIO FA . 0.81 31.97 -16.19
C1B PIO GA . 10.43 31.10 -13.59
O1B PIO GA . 10.94 31.19 -14.66
C2B PIO GA . 9.94 32.26 -12.77
C3B PIO GA . 8.49 32.19 -12.45
O3C PIO GA . 10.19 29.95 -12.98
C4B PIO GA . 8.03 33.36 -11.60
C5B PIO GA . 6.62 33.24 -11.08
O5 PX4 HA . 10.66 54.75 9.57
C9 PX4 HA . 9.48 54.94 9.00
O6 PX4 HA . 9.10 56.00 8.59
C10 PX4 HA . 8.70 53.66 8.94
C11 PX4 HA . 9.38 52.60 8.16
C12 PX4 HA . 8.55 51.34 8.06
C13 PX4 HA . 9.14 50.29 7.17
C14 PX4 HA . 8.24 49.10 6.96
C15 PX4 HA . 8.80 48.08 6.01
C16 PX4 HA . 10.14 47.54 6.42
C17 PX4 HA . 10.60 46.38 5.57
C18 PX4 HA . 9.79 45.13 5.74
C19 PX4 HA . 9.94 44.16 4.62
C20 PX4 HA . 9.38 42.79 4.89
C21 PX4 HA . 10.14 41.98 5.89
C22 PX4 HA . 9.91 40.49 5.75
O5 PX4 IA . 8.85 55.22 14.11
C9 PX4 IA . 8.83 54.15 14.90
O6 PX4 IA . 8.79 54.23 16.10
C10 PX4 IA . 8.86 52.88 14.10
C11 PX4 IA . 7.72 52.75 13.15
C12 PX4 IA . 7.79 51.47 12.35
C13 PX4 IA . 7.72 50.22 13.19
C14 PX4 IA . 7.95 48.94 12.41
C15 PX4 IA . 6.94 48.70 11.32
C16 PX4 IA . 7.25 47.51 10.46
C17 PX4 IA . 7.50 46.24 11.25
C18 PX4 IA . 8.04 45.10 10.41
C19 PX4 IA . 8.43 43.90 11.23
C20 PX4 IA . 9.09 42.80 10.44
C21 PX4 IA . 9.45 41.60 11.27
C22 PX4 IA . 10.19 40.53 10.51
C1A PIO JA . 19.05 29.96 0.14
O1A PIO JA . 19.69 28.97 -0.10
C2A PIO JA . 17.93 30.49 -0.71
O2C PIO JA . 19.31 30.73 1.21
C3A PIO JA . 18.14 31.88 -1.20
C4A PIO JA . 17.49 32.93 -0.32
C5A PIO JA . 17.93 34.34 -0.60
C6A PIO JA . 17.36 35.38 0.33
C7A PIO JA . 17.84 36.77 0.03
C8A PIO JA . 17.09 37.87 0.75
C1 CLR KA . 19.99 28.67 5.39
C2 CLR KA . 20.55 27.26 5.21
C3 CLR KA . 19.75 26.23 5.97
C4 CLR KA . 18.30 26.30 5.55
C5 CLR KA . 17.74 27.70 5.71
C6 CLR KA . 16.67 27.92 6.45
C7 CLR KA . 15.91 29.21 6.48
C8 CLR KA . 16.43 30.24 5.48
C9 CLR KA . 17.97 30.20 5.44
C10 CLR KA . 18.50 28.80 4.99
C11 CLR KA . 18.54 31.34 4.59
C12 CLR KA . 18.01 32.72 5.00
C13 CLR KA . 16.47 32.77 4.97
C14 CLR KA . 15.98 31.63 5.89
C15 CLR KA . 14.49 31.91 6.07
C16 CLR KA . 14.41 33.44 6.09
C17 CLR KA . 15.81 33.99 5.67
C18 CLR KA . 15.95 32.64 3.53
C19 CLR KA . 18.35 28.59 3.47
C20 CLR KA . 15.72 35.34 4.95
O1 CLR KA . 20.28 24.92 5.73
O5 PX4 LA . 22.88 22.68 22.77
C9 PX4 LA . 21.52 22.71 22.20
O6 PX4 LA . 21.08 21.73 21.58
C10 PX4 LA . 20.63 24.03 22.35
C11 PX4 LA . 20.13 24.17 23.86
C12 PX4 LA . 19.84 25.70 24.21
C13 PX4 LA . 18.71 26.28 23.25
C14 PX4 LA . 18.14 27.66 23.86
C15 PX4 LA . 16.93 28.19 22.96
C16 PX4 LA . 16.63 29.72 23.33
C17 PX4 LA . 15.04 29.93 23.44
C18 PX4 LA . 14.60 31.18 22.54
C19 PX4 LA . 13.00 31.37 22.64
C20 PX4 LA . 12.49 32.31 21.45
O5 PX4 MA . 6.61 51.03 18.31
C9 PX4 MA . 5.54 51.52 18.93
O6 PX4 MA . 5.56 52.55 19.55
C10 PX4 MA . 4.34 50.64 18.74
C11 PX4 MA . 4.56 49.25 19.22
C12 PX4 MA . 3.41 48.32 18.88
C13 PX4 MA . 3.79 46.87 18.84
C14 PX4 MA . 2.65 45.96 18.47
C15 PX4 MA . 3.06 44.53 18.22
C16 PX4 MA . 3.69 43.84 19.39
C17 PX4 MA . 3.70 42.34 19.29
C18 PX4 MA . 4.34 41.64 20.46
C19 PX4 MA . 5.79 41.98 20.66
C20 PX4 MA . 6.45 41.25 21.81
C1A PIO NA . 6.29 47.05 26.86
O1A PIO NA . 5.89 46.90 27.98
C2A PIO NA . 6.89 45.96 26.02
O2C PIO NA . 6.23 48.24 26.24
C3A PIO NA . 6.94 44.65 26.72
C4A PIO NA . 7.76 43.61 25.98
C5A PIO NA . 8.17 42.45 26.85
C6A PIO NA . 9.26 41.58 26.27
C7A PIO NA . 9.72 40.50 27.21
C8A PIO NA . 10.67 39.51 26.57
C1A PIO OA . 18.16 24.49 10.10
O1A PIO OA . 18.69 23.47 9.77
C2A PIO OA . 17.00 25.14 9.40
O2C PIO OA . 18.53 25.17 11.19
C3A PIO OA . 16.58 26.42 10.04
C4A PIO OA . 15.24 26.91 9.53
C5A PIO OA . 14.78 28.20 10.17
C6A PIO OA . 15.82 29.30 10.15
C7A PIO OA . 15.31 30.64 10.63
C1B PIO PA . 16.73 25.06 18.80
O1B PIO PA . 17.92 25.10 18.89
C2B PIO PA . 15.79 26.12 19.26
C3B PIO PA . 14.91 26.66 18.18
O3C PIO PA . 16.08 24.03 18.26
C4B PIO PA . 13.95 27.72 18.67
C5B PIO PA . 12.93 28.16 17.66
O5 PX4 QA . -4.35 41.17 38.58
C9 PX4 QA . -4.29 41.97 37.52
O6 PX4 QA . -4.06 43.15 37.59
C10 PX4 QA . -4.56 41.21 36.25
C11 PX4 QA . -3.57 40.13 36.01
C12 PX4 QA . -3.82 39.43 34.70
C13 PX4 QA . -2.76 38.42 34.35
C14 PX4 QA . -2.93 37.83 32.97
C15 PX4 QA . -1.85 36.86 32.58
C16 PX4 QA . -1.69 35.71 33.54
C17 PX4 QA . -0.73 34.66 33.06
C18 PX4 QA . -1.22 33.90 31.84
C19 PX4 QA . -0.12 33.19 31.10
C20 PX4 QA . -0.61 32.20 30.08
C21 PX4 QA . -1.22 30.96 30.65
C22 PX4 QA . -1.19 29.79 29.69
O5 PX4 RA . -9.23 41.53 38.93
C9 PX4 RA . -9.96 40.45 38.68
O6 PX4 RA . -11.08 40.30 39.09
C10 PX4 RA . -9.23 39.48 37.81
C11 PX4 RA . -8.80 40.06 36.49
C12 PX4 RA . -8.05 39.07 35.64
C13 PX4 RA . -8.85 37.84 35.27
C14 PX4 RA . -8.05 36.78 34.56
C15 PX4 RA . -7.46 37.23 33.26
C16 PX4 RA . -6.55 36.20 32.62
C17 PX4 RA . -7.17 34.84 32.47
C18 PX4 RA . -6.20 33.76 32.06
C19 PX4 RA . -6.79 32.39 32.07
C20 PX4 RA . -5.81 31.28 31.79
C21 PX4 RA . -6.43 29.91 31.79
C22 PX4 RA . -5.45 28.79 31.59
C1A PIO SA . 7.56 17.57 29.91
O1A PIO SA . 8.02 16.46 29.86
C2A PIO SA . 7.88 18.69 28.97
O2C PIO SA . 6.68 17.93 30.86
C3A PIO SA . 8.43 19.91 29.65
C4A PIO SA . 7.36 20.94 29.94
C5A PIO SA . 7.81 22.03 30.89
C6A PIO SA . 6.73 23.02 31.27
C7A PIO SA . 7.20 24.09 32.22
C8A PIO SA . 6.24 25.24 32.40
C1 CLR TA . 3.11 15.02 31.87
C2 CLR TA . 3.49 13.57 31.55
C3 CLR TA . 2.47 12.89 30.68
C4 CLR TA . 2.27 13.68 29.40
C5 CLR TA . 1.91 15.12 29.69
C6 CLR TA . 0.81 15.66 29.20
C7 CLR TA . 0.48 17.11 29.23
C8 CLR TA . 1.61 17.97 29.81
C9 CLR TA . 2.27 17.24 31.00
C10 CLR TA . 2.88 15.87 30.60
C11 CLR TA . 3.27 18.16 31.72
C12 CLR TA . 2.69 19.52 32.11
C13 CLR TA . 2.11 20.25 30.91
C14 CLR TA . 1.07 19.31 30.27
C15 CLR TA . 0.31 20.19 29.27
C16 CLR TA . 0.26 21.56 29.97
C17 CLR TA . 1.20 21.48 31.20
C18 CLR TA . 3.22 20.65 29.91
C19 CLR TA . 4.21 16.06 29.84
C20 CLR TA . 1.84 22.84 31.53
O1 CLR TA . 2.90 11.56 30.37
C1A PIO UA . -24.38 6.23 25.03
O1A PIO UA . -24.15 5.07 24.84
C2A PIO UA . -23.38 7.24 25.52
O2C PIO UA . -25.60 6.74 24.83
C3A PIO UA . -23.79 7.93 26.78
C4A PIO UA . -24.48 9.25 26.53
C5A PIO UA . -25.17 9.82 27.75
C6A PIO UA . -25.93 11.10 27.50
C7A PIO UA . -26.62 11.64 28.73
C8A PIO UA . -27.16 13.03 28.59
C1 CLR VA . -27.95 5.62 20.91
C2 CLR VA . -27.52 4.24 20.39
C3 CLR VA . -27.13 4.28 18.94
C4 CLR VA . -26.03 5.30 18.73
C5 CLR VA . -26.43 6.67 19.25
C6 CLR VA . -26.42 7.72 18.45
C7 CLR VA . -26.56 9.14 18.91
C8 CLR VA . -26.64 9.26 20.43
C9 CLR VA . -27.48 8.11 21.01
C10 CLR VA . -26.87 6.72 20.70
C11 CLR VA . -27.74 8.32 22.52
C12 CLR VA . -28.32 9.69 22.86
C13 CLR VA . -27.45 10.82 22.33
C14 CLR VA . -27.28 10.59 20.81
C15 CLR VA . -26.66 11.88 20.28
C16 CLR VA . -27.32 12.97 21.16
C17 CLR VA . -28.08 12.25 22.31
C18 CLR VA . -26.10 10.87 23.06
C19 CLR VA . -25.65 6.43 21.59
C20 CLR VA . -28.12 13.09 23.60
O1 CLR VA . -26.67 2.98 18.53
O5 PX4 WA . -36.98 30.51 30.05
C9 PX4 WA . -35.98 31.39 30.11
O6 PX4 WA . -35.96 32.30 30.90
C10 PX4 WA . -34.93 31.09 29.09
C11 PX4 WA . -34.31 29.75 29.27
C12 PX4 WA . -33.21 29.50 28.27
C13 PX4 WA . -32.47 28.21 28.49
C14 PX4 WA . -31.28 28.04 27.59
C15 PX4 WA . -30.50 26.78 27.86
C16 PX4 WA . -31.31 25.51 27.75
C17 PX4 WA . -30.50 24.26 27.83
C18 PX4 WA . -29.59 24.05 26.66
C19 PX4 WA . -28.47 23.08 26.93
C20 PX4 WA . -27.72 22.63 25.70
C21 PX4 WA . -28.49 21.71 24.80
C22 PX4 WA . -27.61 20.87 23.93
O5 PX4 XA . -39.24 32.95 26.43
C9 PX4 XA . -39.30 32.40 25.23
O6 PX4 XA . -40.13 32.68 24.41
C10 PX4 XA . -38.21 31.38 25.05
C11 PX4 XA . -36.84 31.95 25.21
C12 PX4 XA . -35.76 30.89 25.04
C13 PX4 XA . -35.74 30.26 23.67
C14 PX4 XA . -34.78 29.12 23.54
C15 PX4 XA . -33.34 29.49 23.77
C16 PX4 XA . -32.40 28.31 23.78
C17 PX4 XA . -32.52 27.43 22.57
C18 PX4 XA . -31.76 26.13 22.68
C19 PX4 XA . -32.01 25.19 21.54
C20 PX4 XA . -31.36 23.84 21.68
C21 PX4 XA . -31.62 22.93 20.52
C22 PX4 XA . -31.04 21.55 20.69
O5 PX4 YA . -11.72 5.17 37.31
C9 PX4 YA . -11.72 5.92 36.05
O6 PX4 YA . -11.35 5.37 35.00
C10 PX4 YA . -12.22 7.45 36.02
C11 PX4 YA . -13.81 7.49 36.23
C12 PX4 YA . -14.24 8.90 36.86
C13 PX4 YA . -13.79 10.10 35.90
C14 PX4 YA . -14.59 11.43 36.33
C15 PX4 YA . -14.24 12.62 35.31
C16 PX4 YA . -14.68 14.02 35.93
C17 PX4 YA . -15.42 14.89 34.81
C18 PX4 YA . -14.77 16.35 34.74
C19 PX4 YA . -15.50 17.22 33.60
C20 PX4 YA . -14.60 18.50 33.24
O5 PX4 ZA . -13.99 38.08 36.56
C9 PX4 ZA . -14.98 38.87 36.16
O6 PX4 ZA . -15.54 39.64 36.90
C10 PX4 ZA . -15.28 38.67 34.71
C11 PX4 ZA . -15.65 37.27 34.38
C12 PX4 ZA . -15.79 37.04 32.88
C13 PX4 ZA . -15.61 35.61 32.46
C14 PX4 ZA . -15.74 35.38 30.99
C15 PX4 ZA . -15.34 34.01 30.53
C16 PX4 ZA . -16.18 32.90 31.10
C17 PX4 ZA . -16.08 31.61 30.33
C18 PX4 ZA . -16.90 30.49 30.92
C19 PX4 ZA . -16.50 30.09 32.32
C20 PX4 ZA . -17.30 28.94 32.88
C1A PIO AB . -21.97 33.11 37.35
O1A PIO AB . -23.16 32.94 37.35
C2A PIO AB . -20.97 32.05 37.00
O2C PIO AB . -21.43 34.29 37.66
C3A PIO AB . -21.60 30.75 36.65
C4A PIO AB . -20.60 29.61 36.54
C5A PIO AB . -21.24 28.25 36.60
C6A PIO AB . -20.28 27.11 36.86
C7A PIO AB . -20.95 25.78 37.03
C8A PIO AB . -20.00 24.62 37.08
C1A PIO BB . -1.97 11.29 30.00
O1A PIO BB . -1.45 10.22 29.81
C2A PIO BB . -1.77 12.51 29.14
O2C PIO BB . -2.81 11.51 31.01
C3A PIO BB . -2.53 13.70 29.66
C4A PIO BB . -2.59 14.82 28.65
C5A PIO BB . -3.35 16.02 29.13
C6A PIO BB . -2.92 16.54 30.48
C7A PIO BB . -3.55 17.83 30.91
C1B PIO CB . -10.51 10.77 32.16
O1B PIO CB . -10.11 10.25 33.17
C2B PIO CB . -11.31 12.03 32.09
C3B PIO CB . -10.66 13.10 31.28
O3C PIO CB . -10.28 10.27 30.96
C4B PIO CB . -11.49 14.36 31.21
C5B PIO CB . -10.97 15.40 30.23
#